data_5QXI
# 
_entry.id   5QXI 
# 
_audit_conform.dict_name       mmcif_pdbx.dic 
_audit_conform.dict_version    5.387 
_audit_conform.dict_location   http://mmcif.pdb.org/dictionaries/ascii/mmcif_pdbx.dic 
# 
loop_
_database_2.database_id 
_database_2.database_code 
_database_2.pdbx_database_accession 
_database_2.pdbx_DOI 
PDB   5QXI         pdb_00005qxi 10.2210/pdb5qxi/pdb 
WWPDB D_1001402439 ?            ?                   
# 
loop_
_pdbx_audit_revision_history.ordinal 
_pdbx_audit_revision_history.data_content_type 
_pdbx_audit_revision_history.major_revision 
_pdbx_audit_revision_history.minor_revision 
_pdbx_audit_revision_history.revision_date 
1 'Structure model' 1 0 2020-04-08 
2 'Structure model' 1 1 2024-03-06 
# 
_pdbx_audit_revision_details.ordinal             1 
_pdbx_audit_revision_details.revision_ordinal    1 
_pdbx_audit_revision_details.data_content_type   'Structure model' 
_pdbx_audit_revision_details.provider            repository 
_pdbx_audit_revision_details.type                'Initial release' 
_pdbx_audit_revision_details.description         ? 
_pdbx_audit_revision_details.details             ? 
# 
loop_
_pdbx_audit_revision_group.ordinal 
_pdbx_audit_revision_group.revision_ordinal 
_pdbx_audit_revision_group.data_content_type 
_pdbx_audit_revision_group.group 
1 2 'Structure model' 'Data collection'     
2 2 'Structure model' 'Database references' 
# 
loop_
_pdbx_audit_revision_category.ordinal 
_pdbx_audit_revision_category.revision_ordinal 
_pdbx_audit_revision_category.data_content_type 
_pdbx_audit_revision_category.category 
1 2 'Structure model' chem_comp_atom 
2 2 'Structure model' chem_comp_bond 
3 2 'Structure model' database_2     
# 
loop_
_pdbx_audit_revision_item.ordinal 
_pdbx_audit_revision_item.revision_ordinal 
_pdbx_audit_revision_item.data_content_type 
_pdbx_audit_revision_item.item 
1 2 'Structure model' '_database_2.pdbx_DOI'                
2 2 'Structure model' '_database_2.pdbx_database_accession' 
# 
_pdbx_database_status.entry_id                        5QXI 
_pdbx_database_status.status_code                     REL 
_pdbx_database_status.status_code_sf                  REL 
_pdbx_database_status.status_code_mr                  ? 
_pdbx_database_status.status_code_cs                  ? 
_pdbx_database_status.recvd_initial_deposition_date   2020-02-11 
_pdbx_database_status.deposit_site                    RCSB 
_pdbx_database_status.process_site                    RCSB 
_pdbx_database_status.SG_entry                        ? 
_pdbx_database_status.pdb_format_compatible           Y 
_pdbx_database_status.methods_development_category    ? 
_pdbx_database_status.status_code_nmr_data            ? 
# 
loop_
_audit_author.name 
_audit_author.pdbx_ordinal 
'Snee, M.'         1 
'Talon, R.'        2 
'Fowley, D.'       3 
'Collins, P.'      4 
'Nelson, A.'       5 
'Arrowsmith, C.H.' 6 
'Bountra, C.'      7 
'Edwards, A.'      8 
'Von-Delft, F.'    9 
# 
_citation.id                        primary 
_citation.title                     'PanDDA analysis group deposition - Bromodomain of human ATAD2 fragment screening' 
_citation.journal_abbrev            'To Be Published' 
_citation.journal_volume            ? 
_citation.page_first                ? 
_citation.page_last                 ? 
_citation.year                      ? 
_citation.journal_id_ASTM           ? 
_citation.country                   ? 
_citation.journal_id_ISSN           ? 
_citation.journal_id_CSD            0353 
_citation.book_publisher            ? 
_citation.pdbx_database_id_PubMed   ? 
_citation.pdbx_database_id_DOI      ? 
# 
loop_
_citation_author.citation_id 
_citation_author.name 
_citation_author.identifier_ORCID 
_citation_author.ordinal 
primary 'Snee, M.'         ? 1 
primary 'Talon, R.'        ? 2 
primary 'Fowley, D.'       ? 3 
primary 'Collins, P.'      ? 4 
primary 'Nelson, A.'       ? 5 
primary 'Arrowsmith, C.H.' ? 6 
primary 'Bountra, C.'      ? 7 
primary 'Edwards, A.'      ? 8 
primary 'Von-Delft, F.'    ? 9 
# 
loop_
_entity.id 
_entity.type 
_entity.src_method 
_entity.pdbx_description 
_entity.formula_weight 
_entity.pdbx_number_of_molecules 
_entity.pdbx_ec 
_entity.pdbx_mutation 
_entity.pdbx_fragment 
_entity.details 
1 polymer     man 'ATPase family AAA domain-containing protein 2' 15512.562 1   3.6.1.3 ? ? ? 
2 non-polymer syn 
"(4R,4aS,7aS,9S)-3,10-dimethyl-5,6,7,7a,8,9-hexahydro-4H-4a,9-epiminopyrrolo[3',4':5,6]cyclohepta[1,2-d][1,2]oxazol-4-ol" 235.282 
1   ?       ? ? ? 
3 non-polymer syn 
"(4R,4aR,7aS,9R)-3,10-dimethyl-5,6,7,7a,8,9-hexahydro-4H-4a,9-epiminopyrrolo[3',4':5,6]cyclohepta[1,2-d][1,2]oxazol-4-ol" 235.282 
1   ?       ? ? ? 
4 non-polymer syn 'SULFATE ION' 96.063    2   ?       ? ? ? 
5 non-polymer syn 1,2-ETHANEDIOL 62.068    2   ?       ? ? ? 
6 water       nat water 18.015    222 ?       ? ? ? 
# 
_entity_name_com.entity_id   1 
_entity_name_com.name        'AAA nuclear coregulator cancer-associated protein,ANCCA' 
# 
_entity_poly.entity_id                      1 
_entity_poly.type                           'polypeptide(L)' 
_entity_poly.nstd_linkage                   no 
_entity_poly.nstd_monomer                   no 
_entity_poly.pdbx_seq_one_letter_code       
;SMQEEDTFRELRIFLRNVTHRLAIDKRFRVFTKPVDPDEVPDYRTVIKEPMDLSSVISKIDLHKYLTVKDYLRDIDLICS
NALEYNPDRDPGDRLIRHRACALRDTAYAIIKEELDEDFEQLCEEIQESR
;
_entity_poly.pdbx_seq_one_letter_code_can   
;SMQEEDTFRELRIFLRNVTHRLAIDKRFRVFTKPVDPDEVPDYRTVIKEPMDLSSVISKIDLHKYLTVKDYLRDIDLICS
NALEYNPDRDPGDRLIRHRACALRDTAYAIIKEELDEDFEQLCEEIQESR
;
_entity_poly.pdbx_strand_id                 A 
_entity_poly.pdbx_target_identifier         ? 
# 
loop_
_pdbx_entity_nonpoly.entity_id 
_pdbx_entity_nonpoly.name 
_pdbx_entity_nonpoly.comp_id 
2 "(4R,4aS,7aS,9S)-3,10-dimethyl-5,6,7,7a,8,9-hexahydro-4H-4a,9-epiminopyrrolo[3',4':5,6]cyclohepta[1,2-d][1,2]oxazol-4-ol" RGY 
3 "(4R,4aR,7aS,9R)-3,10-dimethyl-5,6,7,7a,8,9-hexahydro-4H-4a,9-epiminopyrrolo[3',4':5,6]cyclohepta[1,2-d][1,2]oxazol-4-ol" TQS 
4 'SULFATE ION'                                                                                                             SO4 
5 1,2-ETHANEDIOL                                                                                                            EDO 
6 water                                                                                                                     HOH 
# 
loop_
_entity_poly_seq.entity_id 
_entity_poly_seq.num 
_entity_poly_seq.mon_id 
_entity_poly_seq.hetero 
1 1   SER n 
1 2   MET n 
1 3   GLN n 
1 4   GLU n 
1 5   GLU n 
1 6   ASP n 
1 7   THR n 
1 8   PHE n 
1 9   ARG n 
1 10  GLU n 
1 11  LEU n 
1 12  ARG n 
1 13  ILE n 
1 14  PHE n 
1 15  LEU n 
1 16  ARG n 
1 17  ASN n 
1 18  VAL n 
1 19  THR n 
1 20  HIS n 
1 21  ARG n 
1 22  LEU n 
1 23  ALA n 
1 24  ILE n 
1 25  ASP n 
1 26  LYS n 
1 27  ARG n 
1 28  PHE n 
1 29  ARG n 
1 30  VAL n 
1 31  PHE n 
1 32  THR n 
1 33  LYS n 
1 34  PRO n 
1 35  VAL n 
1 36  ASP n 
1 37  PRO n 
1 38  ASP n 
1 39  GLU n 
1 40  VAL n 
1 41  PRO n 
1 42  ASP n 
1 43  TYR n 
1 44  ARG n 
1 45  THR n 
1 46  VAL n 
1 47  ILE n 
1 48  LYS n 
1 49  GLU n 
1 50  PRO n 
1 51  MET n 
1 52  ASP n 
1 53  LEU n 
1 54  SER n 
1 55  SER n 
1 56  VAL n 
1 57  ILE n 
1 58  SER n 
1 59  LYS n 
1 60  ILE n 
1 61  ASP n 
1 62  LEU n 
1 63  HIS n 
1 64  LYS n 
1 65  TYR n 
1 66  LEU n 
1 67  THR n 
1 68  VAL n 
1 69  LYS n 
1 70  ASP n 
1 71  TYR n 
1 72  LEU n 
1 73  ARG n 
1 74  ASP n 
1 75  ILE n 
1 76  ASP n 
1 77  LEU n 
1 78  ILE n 
1 79  CYS n 
1 80  SER n 
1 81  ASN n 
1 82  ALA n 
1 83  LEU n 
1 84  GLU n 
1 85  TYR n 
1 86  ASN n 
1 87  PRO n 
1 88  ASP n 
1 89  ARG n 
1 90  ASP n 
1 91  PRO n 
1 92  GLY n 
1 93  ASP n 
1 94  ARG n 
1 95  LEU n 
1 96  ILE n 
1 97  ARG n 
1 98  HIS n 
1 99  ARG n 
1 100 ALA n 
1 101 CYS n 
1 102 ALA n 
1 103 LEU n 
1 104 ARG n 
1 105 ASP n 
1 106 THR n 
1 107 ALA n 
1 108 TYR n 
1 109 ALA n 
1 110 ILE n 
1 111 ILE n 
1 112 LYS n 
1 113 GLU n 
1 114 GLU n 
1 115 LEU n 
1 116 ASP n 
1 117 GLU n 
1 118 ASP n 
1 119 PHE n 
1 120 GLU n 
1 121 GLN n 
1 122 LEU n 
1 123 CYS n 
1 124 GLU n 
1 125 GLU n 
1 126 ILE n 
1 127 GLN n 
1 128 GLU n 
1 129 SER n 
1 130 ARG n 
# 
_entity_src_gen.entity_id                          1 
_entity_src_gen.pdbx_src_id                        1 
_entity_src_gen.pdbx_alt_source_flag               sample 
_entity_src_gen.pdbx_seq_type                      'Biological sequence' 
_entity_src_gen.pdbx_beg_seq_num                   1 
_entity_src_gen.pdbx_end_seq_num                   130 
_entity_src_gen.gene_src_common_name               Human 
_entity_src_gen.gene_src_genus                     ? 
_entity_src_gen.pdbx_gene_src_gene                 'ATAD2, L16, PRO2000' 
_entity_src_gen.gene_src_species                   ? 
_entity_src_gen.gene_src_strain                    ? 
_entity_src_gen.gene_src_tissue                    ? 
_entity_src_gen.gene_src_tissue_fraction           ? 
_entity_src_gen.gene_src_details                   ? 
_entity_src_gen.pdbx_gene_src_fragment             ? 
_entity_src_gen.pdbx_gene_src_scientific_name      'Homo sapiens' 
_entity_src_gen.pdbx_gene_src_ncbi_taxonomy_id     9606 
_entity_src_gen.pdbx_gene_src_variant              ? 
_entity_src_gen.pdbx_gene_src_cell_line            ? 
_entity_src_gen.pdbx_gene_src_atcc                 ? 
_entity_src_gen.pdbx_gene_src_organ                ? 
_entity_src_gen.pdbx_gene_src_organelle            ? 
_entity_src_gen.pdbx_gene_src_cell                 ? 
_entity_src_gen.pdbx_gene_src_cellular_location    ? 
_entity_src_gen.host_org_common_name               ? 
_entity_src_gen.pdbx_host_org_scientific_name      'Escherichia coli' 
_entity_src_gen.pdbx_host_org_ncbi_taxonomy_id     562 
_entity_src_gen.host_org_genus                     ? 
_entity_src_gen.pdbx_host_org_gene                 ? 
_entity_src_gen.pdbx_host_org_organ                ? 
_entity_src_gen.host_org_species                   ? 
_entity_src_gen.pdbx_host_org_tissue               ? 
_entity_src_gen.pdbx_host_org_tissue_fraction      ? 
_entity_src_gen.pdbx_host_org_strain               ? 
_entity_src_gen.pdbx_host_org_variant              ? 
_entity_src_gen.pdbx_host_org_cell_line            ? 
_entity_src_gen.pdbx_host_org_atcc                 ? 
_entity_src_gen.pdbx_host_org_culture_collection   ? 
_entity_src_gen.pdbx_host_org_cell                 ? 
_entity_src_gen.pdbx_host_org_organelle            ? 
_entity_src_gen.pdbx_host_org_cellular_location    ? 
_entity_src_gen.pdbx_host_org_vector_type          ? 
_entity_src_gen.pdbx_host_org_vector               ? 
_entity_src_gen.host_org_details                   ? 
_entity_src_gen.expression_system_id               ? 
_entity_src_gen.plasmid_name                       ? 
_entity_src_gen.plasmid_details                    ? 
_entity_src_gen.pdbx_description                   ? 
# 
loop_
_chem_comp.id 
_chem_comp.type 
_chem_comp.mon_nstd_flag 
_chem_comp.name 
_chem_comp.pdbx_synonyms 
_chem_comp.formula 
_chem_comp.formula_weight 
ALA 'L-peptide linking' y ALANINE ?                 'C3 H7 N O2'     89.093  
ARG 'L-peptide linking' y ARGININE ?                 'C6 H15 N4 O2 1' 175.209 
ASN 'L-peptide linking' y ASPARAGINE ?                 'C4 H8 N2 O3'    132.118 
ASP 'L-peptide linking' y 'ASPARTIC ACID' ?                 'C4 H7 N O4'     133.103 
CYS 'L-peptide linking' y CYSTEINE ?                 'C3 H7 N O2 S'   121.158 
EDO non-polymer         . 1,2-ETHANEDIOL 'ETHYLENE GLYCOL' 'C2 H6 O2'       62.068  
GLN 'L-peptide linking' y GLUTAMINE ?                 'C5 H10 N2 O3'   146.144 
GLU 'L-peptide linking' y 'GLUTAMIC ACID' ?                 'C5 H9 N O4'     147.129 
GLY 'peptide linking'   y GLYCINE ?                 'C2 H5 N O2'     75.067  
HIS 'L-peptide linking' y HISTIDINE ?                 'C6 H10 N3 O2 1' 156.162 
HOH non-polymer         . WATER ?                 'H2 O'           18.015  
ILE 'L-peptide linking' y ISOLEUCINE ?                 'C6 H13 N O2'    131.173 
LEU 'L-peptide linking' y LEUCINE ?                 'C6 H13 N O2'    131.173 
LYS 'L-peptide linking' y LYSINE ?                 'C6 H15 N2 O2 1' 147.195 
MET 'L-peptide linking' y METHIONINE ?                 'C5 H11 N O2 S'  149.211 
PHE 'L-peptide linking' y PHENYLALANINE ?                 'C9 H11 N O2'    165.189 
PRO 'L-peptide linking' y PROLINE ?                 'C5 H9 N O2'     115.130 
RGY non-polymer         . 
"(4R,4aS,7aS,9S)-3,10-dimethyl-5,6,7,7a,8,9-hexahydro-4H-4a,9-epiminopyrrolo[3',4':5,6]cyclohepta[1,2-d][1,2]oxazol-4-ol" ? 
'C12 H17 N3 O2'  235.282 
SER 'L-peptide linking' y SERINE ?                 'C3 H7 N O3'     105.093 
SO4 non-polymer         . 'SULFATE ION' ?                 'O4 S -2'        96.063  
THR 'L-peptide linking' y THREONINE ?                 'C4 H9 N O3'     119.119 
TQS non-polymer         . 
"(4R,4aR,7aS,9R)-3,10-dimethyl-5,6,7,7a,8,9-hexahydro-4H-4a,9-epiminopyrrolo[3',4':5,6]cyclohepta[1,2-d][1,2]oxazol-4-ol" ? 
'C12 H17 N3 O2'  235.282 
TYR 'L-peptide linking' y TYROSINE ?                 'C9 H11 N O3'    181.189 
VAL 'L-peptide linking' y VALINE ?                 'C5 H11 N O2'    117.146 
# 
loop_
_pdbx_poly_seq_scheme.asym_id 
_pdbx_poly_seq_scheme.entity_id 
_pdbx_poly_seq_scheme.seq_id 
_pdbx_poly_seq_scheme.mon_id 
_pdbx_poly_seq_scheme.ndb_seq_num 
_pdbx_poly_seq_scheme.pdb_seq_num 
_pdbx_poly_seq_scheme.auth_seq_num 
_pdbx_poly_seq_scheme.pdb_mon_id 
_pdbx_poly_seq_scheme.auth_mon_id 
_pdbx_poly_seq_scheme.pdb_strand_id 
_pdbx_poly_seq_scheme.pdb_ins_code 
_pdbx_poly_seq_scheme.hetero 
A 1 1   SER 1   979  979  SER SER A . n 
A 1 2   MET 2   980  980  MET MET A . n 
A 1 3   GLN 3   981  981  GLN GLN A . n 
A 1 4   GLU 4   982  982  GLU GLU A . n 
A 1 5   GLU 5   983  983  GLU GLU A . n 
A 1 6   ASP 6   984  984  ASP ASP A . n 
A 1 7   THR 7   985  985  THR THR A . n 
A 1 8   PHE 8   986  986  PHE PHE A . n 
A 1 9   ARG 9   987  987  ARG ARG A . n 
A 1 10  GLU 10  988  988  GLU GLU A . n 
A 1 11  LEU 11  989  989  LEU LEU A . n 
A 1 12  ARG 12  990  990  ARG ARG A . n 
A 1 13  ILE 13  991  991  ILE ILE A . n 
A 1 14  PHE 14  992  992  PHE PHE A . n 
A 1 15  LEU 15  993  993  LEU LEU A . n 
A 1 16  ARG 16  994  994  ARG ARG A . n 
A 1 17  ASN 17  995  995  ASN ASN A . n 
A 1 18  VAL 18  996  996  VAL VAL A . n 
A 1 19  THR 19  997  997  THR THR A . n 
A 1 20  HIS 20  998  998  HIS HIS A . n 
A 1 21  ARG 21  999  999  ARG ARG A . n 
A 1 22  LEU 22  1000 1000 LEU LEU A . n 
A 1 23  ALA 23  1001 1001 ALA ALA A . n 
A 1 24  ILE 24  1002 1002 ILE ILE A . n 
A 1 25  ASP 25  1003 1003 ASP ASP A . n 
A 1 26  LYS 26  1004 1004 LYS LYS A . n 
A 1 27  ARG 27  1005 1005 ARG ARG A . n 
A 1 28  PHE 28  1006 1006 PHE PHE A . n 
A 1 29  ARG 29  1007 1007 ARG ARG A . n 
A 1 30  VAL 30  1008 1008 VAL VAL A . n 
A 1 31  PHE 31  1009 1009 PHE PHE A . n 
A 1 32  THR 32  1010 1010 THR THR A . n 
A 1 33  LYS 33  1011 1011 LYS LYS A . n 
A 1 34  PRO 34  1012 1012 PRO PRO A . n 
A 1 35  VAL 35  1013 1013 VAL VAL A . n 
A 1 36  ASP 36  1014 1014 ASP ASP A . n 
A 1 37  PRO 37  1015 1015 PRO PRO A . n 
A 1 38  ASP 38  1016 1016 ASP ASP A . n 
A 1 39  GLU 39  1017 1017 GLU GLU A . n 
A 1 40  VAL 40  1018 1018 VAL VAL A . n 
A 1 41  PRO 41  1019 1019 PRO PRO A . n 
A 1 42  ASP 42  1020 1020 ASP ASP A . n 
A 1 43  TYR 43  1021 1021 TYR TYR A . n 
A 1 44  ARG 44  1022 1022 ARG ARG A . n 
A 1 45  THR 45  1023 1023 THR THR A . n 
A 1 46  VAL 46  1024 1024 VAL VAL A . n 
A 1 47  ILE 47  1025 1025 ILE ILE A . n 
A 1 48  LYS 48  1026 1026 LYS LYS A . n 
A 1 49  GLU 49  1027 1027 GLU GLU A . n 
A 1 50  PRO 50  1028 1028 PRO PRO A . n 
A 1 51  MET 51  1029 1029 MET MET A . n 
A 1 52  ASP 52  1030 1030 ASP ASP A . n 
A 1 53  LEU 53  1031 1031 LEU LEU A . n 
A 1 54  SER 54  1032 1032 SER SER A . n 
A 1 55  SER 55  1033 1033 SER SER A . n 
A 1 56  VAL 56  1034 1034 VAL VAL A . n 
A 1 57  ILE 57  1035 1035 ILE ILE A . n 
A 1 58  SER 58  1036 1036 SER SER A . n 
A 1 59  LYS 59  1037 1037 LYS LYS A . n 
A 1 60  ILE 60  1038 1038 ILE ILE A . n 
A 1 61  ASP 61  1039 1039 ASP ASP A . n 
A 1 62  LEU 62  1040 1040 LEU LEU A . n 
A 1 63  HIS 63  1041 1041 HIS HIS A . n 
A 1 64  LYS 64  1042 1042 LYS LYS A . n 
A 1 65  TYR 65  1043 1043 TYR TYR A . n 
A 1 66  LEU 66  1044 1044 LEU LEU A . n 
A 1 67  THR 67  1045 1045 THR THR A . n 
A 1 68  VAL 68  1046 1046 VAL VAL A . n 
A 1 69  LYS 69  1047 1047 LYS LYS A . n 
A 1 70  ASP 70  1048 1048 ASP ASP A . n 
A 1 71  TYR 71  1049 1049 TYR TYR A . n 
A 1 72  LEU 72  1050 1050 LEU LEU A . n 
A 1 73  ARG 73  1051 1051 ARG ARG A . n 
A 1 74  ASP 74  1052 1052 ASP ASP A . n 
A 1 75  ILE 75  1053 1053 ILE ILE A . n 
A 1 76  ASP 76  1054 1054 ASP ASP A . n 
A 1 77  LEU 77  1055 1055 LEU LEU A . n 
A 1 78  ILE 78  1056 1056 ILE ILE A . n 
A 1 79  CYS 79  1057 1057 CYS CYS A . n 
A 1 80  SER 80  1058 1058 SER SER A . n 
A 1 81  ASN 81  1059 1059 ASN ASN A . n 
A 1 82  ALA 82  1060 1060 ALA ALA A . n 
A 1 83  LEU 83  1061 1061 LEU LEU A . n 
A 1 84  GLU 84  1062 1062 GLU GLU A . n 
A 1 85  TYR 85  1063 1063 TYR TYR A . n 
A 1 86  ASN 86  1064 1064 ASN ASN A . n 
A 1 87  PRO 87  1065 1065 PRO PRO A . n 
A 1 88  ASP 88  1066 1066 ASP ASP A . n 
A 1 89  ARG 89  1067 1067 ARG ARG A . n 
A 1 90  ASP 90  1068 1068 ASP ASP A . n 
A 1 91  PRO 91  1069 1069 PRO PRO A . n 
A 1 92  GLY 92  1070 1070 GLY GLY A . n 
A 1 93  ASP 93  1071 1071 ASP ASP A . n 
A 1 94  ARG 94  1072 1072 ARG ARG A . n 
A 1 95  LEU 95  1073 1073 LEU LEU A . n 
A 1 96  ILE 96  1074 1074 ILE ILE A . n 
A 1 97  ARG 97  1075 1075 ARG ARG A . n 
A 1 98  HIS 98  1076 1076 HIS HIS A . n 
A 1 99  ARG 99  1077 1077 ARG ARG A . n 
A 1 100 ALA 100 1078 1078 ALA ALA A . n 
A 1 101 CYS 101 1079 1079 CYS CYS A . n 
A 1 102 ALA 102 1080 1080 ALA ALA A . n 
A 1 103 LEU 103 1081 1081 LEU LEU A . n 
A 1 104 ARG 104 1082 1082 ARG ARG A . n 
A 1 105 ASP 105 1083 1083 ASP ASP A . n 
A 1 106 THR 106 1084 1084 THR THR A . n 
A 1 107 ALA 107 1085 1085 ALA ALA A . n 
A 1 108 TYR 108 1086 1086 TYR TYR A . n 
A 1 109 ALA 109 1087 1087 ALA ALA A . n 
A 1 110 ILE 110 1088 1088 ILE ILE A . n 
A 1 111 ILE 111 1089 1089 ILE ILE A . n 
A 1 112 LYS 112 1090 1090 LYS LYS A . n 
A 1 113 GLU 113 1091 1091 GLU GLU A . n 
A 1 114 GLU 114 1092 1092 GLU GLU A . n 
A 1 115 LEU 115 1093 1093 LEU LEU A . n 
A 1 116 ASP 116 1094 1094 ASP ASP A . n 
A 1 117 GLU 117 1095 1095 GLU GLU A . n 
A 1 118 ASP 118 1096 1096 ASP ASP A . n 
A 1 119 PHE 119 1097 1097 PHE PHE A . n 
A 1 120 GLU 120 1098 1098 GLU GLU A . n 
A 1 121 GLN 121 1099 1099 GLN GLN A . n 
A 1 122 LEU 122 1100 1100 LEU LEU A . n 
A 1 123 CYS 123 1101 1101 CYS CYS A . n 
A 1 124 GLU 124 1102 1102 GLU GLU A . n 
A 1 125 GLU 125 1103 1103 GLU GLU A . n 
A 1 126 ILE 126 1104 1104 ILE ILE A . n 
A 1 127 GLN 127 1105 1105 GLN GLN A . n 
A 1 128 GLU 128 1106 1106 GLU GLU A . n 
A 1 129 SER 129 1107 1107 SER SER A . n 
A 1 130 ARG 130 1108 1108 ARG ARG A . n 
# 
loop_
_pdbx_nonpoly_scheme.asym_id 
_pdbx_nonpoly_scheme.entity_id 
_pdbx_nonpoly_scheme.mon_id 
_pdbx_nonpoly_scheme.ndb_seq_num 
_pdbx_nonpoly_scheme.pdb_seq_num 
_pdbx_nonpoly_scheme.auth_seq_num 
_pdbx_nonpoly_scheme.pdb_mon_id 
_pdbx_nonpoly_scheme.auth_mon_id 
_pdbx_nonpoly_scheme.pdb_strand_id 
_pdbx_nonpoly_scheme.pdb_ins_code 
B 2 RGY 1   1201 1201 RGY LIG A . 
C 3 TQS 1   1202 1301 TQS LIG A . 
D 4 SO4 1   1203 1    SO4 SO4 A . 
E 4 SO4 1   1204 2    SO4 SO4 A . 
F 5 EDO 1   1205 3    EDO EDO A . 
G 5 EDO 1   1206 6    EDO EDO A . 
H 6 HOH 1   1301 256  HOH HOH A . 
H 6 HOH 2   1302 158  HOH HOH A . 
H 6 HOH 3   1303 191  HOH HOH A . 
H 6 HOH 4   1304 134  HOH HOH A . 
H 6 HOH 5   1305 184  HOH HOH A . 
H 6 HOH 6   1306 144  HOH HOH A . 
H 6 HOH 7   1307 32   HOH HOH A . 
H 6 HOH 8   1308 128  HOH HOH A . 
H 6 HOH 9   1309 68   HOH HOH A . 
H 6 HOH 10  1310 262  HOH HOH A . 
H 6 HOH 11  1311 200  HOH HOH A . 
H 6 HOH 12  1312 140  HOH HOH A . 
H 6 HOH 13  1313 62   HOH HOH A . 
H 6 HOH 14  1314 118  HOH HOH A . 
H 6 HOH 15  1315 79   HOH HOH A . 
H 6 HOH 16  1316 221  HOH HOH A . 
H 6 HOH 17  1317 106  HOH HOH A . 
H 6 HOH 18  1318 50   HOH HOH A . 
H 6 HOH 19  1319 201  HOH HOH A . 
H 6 HOH 20  1320 27   HOH HOH A . 
H 6 HOH 21  1321 98   HOH HOH A . 
H 6 HOH 22  1322 194  HOH HOH A . 
H 6 HOH 23  1323 5    HOH HOH A . 
H 6 HOH 24  1324 129  HOH HOH A . 
H 6 HOH 25  1325 28   HOH HOH A . 
H 6 HOH 26  1326 87   HOH HOH A . 
H 6 HOH 27  1327 261  HOH HOH A . 
H 6 HOH 28  1328 109  HOH HOH A . 
H 6 HOH 29  1329 59   HOH HOH A . 
H 6 HOH 30  1330 162  HOH HOH A . 
H 6 HOH 31  1331 16   HOH HOH A . 
H 6 HOH 32  1332 75   HOH HOH A . 
H 6 HOH 33  1333 34   HOH HOH A . 
H 6 HOH 34  1334 25   HOH HOH A . 
H 6 HOH 35  1335 23   HOH HOH A . 
H 6 HOH 36  1336 21   HOH HOH A . 
H 6 HOH 37  1337 163  HOH HOH A . 
H 6 HOH 38  1338 13   HOH HOH A . 
H 6 HOH 39  1339 165  HOH HOH A . 
H 6 HOH 40  1340 160  HOH HOH A . 
H 6 HOH 41  1341 17   HOH HOH A . 
H 6 HOH 42  1342 113  HOH HOH A . 
H 6 HOH 43  1343 9    HOH HOH A . 
H 6 HOH 44  1344 99   HOH HOH A . 
H 6 HOH 45  1345 80   HOH HOH A . 
H 6 HOH 46  1346 251  HOH HOH A . 
H 6 HOH 47  1347 31   HOH HOH A . 
H 6 HOH 48  1348 56   HOH HOH A . 
H 6 HOH 49  1349 19   HOH HOH A . 
H 6 HOH 50  1350 33   HOH HOH A . 
H 6 HOH 51  1351 100  HOH HOH A . 
H 6 HOH 52  1352 58   HOH HOH A . 
H 6 HOH 53  1353 142  HOH HOH A . 
H 6 HOH 54  1354 20   HOH HOH A . 
H 6 HOH 55  1355 203  HOH HOH A . 
H 6 HOH 56  1356 77   HOH HOH A . 
H 6 HOH 57  1357 171  HOH HOH A . 
H 6 HOH 58  1358 259  HOH HOH A . 
H 6 HOH 59  1359 52   HOH HOH A . 
H 6 HOH 60  1360 42   HOH HOH A . 
H 6 HOH 61  1361 236  HOH HOH A . 
H 6 HOH 62  1362 47   HOH HOH A . 
H 6 HOH 63  1363 29   HOH HOH A . 
H 6 HOH 64  1364 55   HOH HOH A . 
H 6 HOH 65  1365 22   HOH HOH A . 
H 6 HOH 66  1366 76   HOH HOH A . 
H 6 HOH 67  1367 177  HOH HOH A . 
H 6 HOH 68  1368 111  HOH HOH A . 
H 6 HOH 69  1369 189  HOH HOH A . 
H 6 HOH 70  1370 64   HOH HOH A . 
H 6 HOH 71  1371 104  HOH HOH A . 
H 6 HOH 72  1372 1    HOH HOH A . 
H 6 HOH 73  1373 7    HOH HOH A . 
H 6 HOH 74  1374 154  HOH HOH A . 
H 6 HOH 75  1375 24   HOH HOH A . 
H 6 HOH 76  1376 48   HOH HOH A . 
H 6 HOH 77  1377 139  HOH HOH A . 
H 6 HOH 78  1378 131  HOH HOH A . 
H 6 HOH 79  1379 141  HOH HOH A . 
H 6 HOH 80  1380 204  HOH HOH A . 
H 6 HOH 81  1381 6    HOH HOH A . 
H 6 HOH 82  1382 120  HOH HOH A . 
H 6 HOH 83  1383 43   HOH HOH A . 
H 6 HOH 84  1384 70   HOH HOH A . 
H 6 HOH 85  1385 2    HOH HOH A . 
H 6 HOH 86  1386 132  HOH HOH A . 
H 6 HOH 87  1387 14   HOH HOH A . 
H 6 HOH 88  1388 61   HOH HOH A . 
H 6 HOH 89  1389 46   HOH HOH A . 
H 6 HOH 90  1390 197  HOH HOH A . 
H 6 HOH 91  1391 102  HOH HOH A . 
H 6 HOH 92  1392 206  HOH HOH A . 
H 6 HOH 93  1393 172  HOH HOH A . 
H 6 HOH 94  1394 54   HOH HOH A . 
H 6 HOH 95  1395 40   HOH HOH A . 
H 6 HOH 96  1396 45   HOH HOH A . 
H 6 HOH 97  1397 85   HOH HOH A . 
H 6 HOH 98  1398 12   HOH HOH A . 
H 6 HOH 99  1399 176  HOH HOH A . 
H 6 HOH 100 1400 89   HOH HOH A . 
H 6 HOH 101 1401 147  HOH HOH A . 
H 6 HOH 102 1402 216  HOH HOH A . 
H 6 HOH 103 1403 94   HOH HOH A . 
H 6 HOH 104 1404 30   HOH HOH A . 
H 6 HOH 105 1405 73   HOH HOH A . 
H 6 HOH 106 1406 67   HOH HOH A . 
H 6 HOH 107 1407 49   HOH HOH A . 
H 6 HOH 108 1408 260  HOH HOH A . 
H 6 HOH 109 1409 4    HOH HOH A . 
H 6 HOH 110 1410 15   HOH HOH A . 
H 6 HOH 111 1411 88   HOH HOH A . 
H 6 HOH 112 1412 107  HOH HOH A . 
H 6 HOH 113 1413 36   HOH HOH A . 
H 6 HOH 114 1414 101  HOH HOH A . 
H 6 HOH 115 1415 95   HOH HOH A . 
H 6 HOH 116 1416 116  HOH HOH A . 
H 6 HOH 117 1417 83   HOH HOH A . 
H 6 HOH 118 1418 3    HOH HOH A . 
H 6 HOH 119 1419 145  HOH HOH A . 
H 6 HOH 120 1420 51   HOH HOH A . 
H 6 HOH 121 1421 82   HOH HOH A . 
H 6 HOH 122 1422 130  HOH HOH A . 
H 6 HOH 123 1423 190  HOH HOH A . 
H 6 HOH 124 1424 209  HOH HOH A . 
H 6 HOH 125 1425 97   HOH HOH A . 
H 6 HOH 126 1426 90   HOH HOH A . 
H 6 HOH 127 1427 240  HOH HOH A . 
H 6 HOH 128 1428 72   HOH HOH A . 
H 6 HOH 129 1429 10   HOH HOH A . 
H 6 HOH 130 1430 18   HOH HOH A . 
H 6 HOH 131 1431 11   HOH HOH A . 
H 6 HOH 132 1432 196  HOH HOH A . 
H 6 HOH 133 1433 124  HOH HOH A . 
H 6 HOH 134 1434 123  HOH HOH A . 
H 6 HOH 135 1435 105  HOH HOH A . 
H 6 HOH 136 1436 53   HOH HOH A . 
H 6 HOH 137 1437 207  HOH HOH A . 
H 6 HOH 138 1438 86   HOH HOH A . 
H 6 HOH 139 1439 258  HOH HOH A . 
H 6 HOH 140 1440 78   HOH HOH A . 
H 6 HOH 141 1441 57   HOH HOH A . 
H 6 HOH 142 1442 175  HOH HOH A . 
H 6 HOH 143 1443 179  HOH HOH A . 
H 6 HOH 144 1444 254  HOH HOH A . 
H 6 HOH 145 1445 26   HOH HOH A . 
H 6 HOH 146 1446 180  HOH HOH A . 
H 6 HOH 147 1447 41   HOH HOH A . 
H 6 HOH 148 1448 234  HOH HOH A . 
H 6 HOH 149 1449 199  HOH HOH A . 
H 6 HOH 150 1450 155  HOH HOH A . 
H 6 HOH 151 1451 39   HOH HOH A . 
H 6 HOH 152 1452 92   HOH HOH A . 
H 6 HOH 153 1453 38   HOH HOH A . 
H 6 HOH 154 1454 178  HOH HOH A . 
H 6 HOH 155 1455 230  HOH HOH A . 
H 6 HOH 156 1456 122  HOH HOH A . 
H 6 HOH 157 1457 96   HOH HOH A . 
H 6 HOH 158 1458 246  HOH HOH A . 
H 6 HOH 159 1459 215  HOH HOH A . 
H 6 HOH 160 1460 237  HOH HOH A . 
H 6 HOH 161 1461 114  HOH HOH A . 
H 6 HOH 162 1462 81   HOH HOH A . 
H 6 HOH 163 1463 93   HOH HOH A . 
H 6 HOH 164 1464 202  HOH HOH A . 
H 6 HOH 165 1465 115  HOH HOH A . 
H 6 HOH 166 1466 181  HOH HOH A . 
H 6 HOH 167 1467 188  HOH HOH A . 
H 6 HOH 168 1468 110  HOH HOH A . 
H 6 HOH 169 1469 186  HOH HOH A . 
H 6 HOH 170 1470 164  HOH HOH A . 
H 6 HOH 171 1471 167  HOH HOH A . 
H 6 HOH 172 1472 91   HOH HOH A . 
H 6 HOH 173 1473 152  HOH HOH A . 
H 6 HOH 174 1474 69   HOH HOH A . 
H 6 HOH 175 1475 60   HOH HOH A . 
H 6 HOH 176 1476 243  HOH HOH A . 
H 6 HOH 177 1477 224  HOH HOH A . 
H 6 HOH 178 1478 217  HOH HOH A . 
H 6 HOH 179 1479 66   HOH HOH A . 
H 6 HOH 180 1480 225  HOH HOH A . 
H 6 HOH 181 1481 250  HOH HOH A . 
H 6 HOH 182 1482 150  HOH HOH A . 
H 6 HOH 183 1483 37   HOH HOH A . 
H 6 HOH 184 1484 220  HOH HOH A . 
H 6 HOH 185 1485 159  HOH HOH A . 
H 6 HOH 186 1486 135  HOH HOH A . 
H 6 HOH 187 1487 103  HOH HOH A . 
H 6 HOH 188 1488 151  HOH HOH A . 
H 6 HOH 189 1489 157  HOH HOH A . 
H 6 HOH 190 1490 137  HOH HOH A . 
H 6 HOH 191 1491 8    HOH HOH A . 
H 6 HOH 192 1492 248  HOH HOH A . 
H 6 HOH 193 1493 210  HOH HOH A . 
H 6 HOH 194 1494 112  HOH HOH A . 
H 6 HOH 195 1495 146  HOH HOH A . 
H 6 HOH 196 1496 183  HOH HOH A . 
H 6 HOH 197 1497 233  HOH HOH A . 
H 6 HOH 198 1498 119  HOH HOH A . 
H 6 HOH 199 1499 174  HOH HOH A . 
H 6 HOH 200 1500 71   HOH HOH A . 
H 6 HOH 201 1501 125  HOH HOH A . 
H 6 HOH 202 1502 84   HOH HOH A . 
H 6 HOH 203 1503 44   HOH HOH A . 
H 6 HOH 204 1504 185  HOH HOH A . 
H 6 HOH 205 1505 127  HOH HOH A . 
H 6 HOH 206 1506 211  HOH HOH A . 
H 6 HOH 207 1507 205  HOH HOH A . 
H 6 HOH 208 1508 117  HOH HOH A . 
H 6 HOH 209 1509 74   HOH HOH A . 
H 6 HOH 210 1510 149  HOH HOH A . 
H 6 HOH 211 1511 244  HOH HOH A . 
H 6 HOH 212 1512 63   HOH HOH A . 
H 6 HOH 213 1513 35   HOH HOH A . 
H 6 HOH 214 1514 148  HOH HOH A . 
H 6 HOH 215 1515 249  HOH HOH A . 
H 6 HOH 216 1516 168  HOH HOH A . 
H 6 HOH 217 1517 255  HOH HOH A . 
H 6 HOH 218 1518 219  HOH HOH A . 
H 6 HOH 219 1519 213  HOH HOH A . 
H 6 HOH 220 1520 121  HOH HOH A . 
H 6 HOH 221 1521 136  HOH HOH A . 
H 6 HOH 222 1522 214  HOH HOH A . 
# 
loop_
_pdbx_unobs_or_zero_occ_atoms.id 
_pdbx_unobs_or_zero_occ_atoms.PDB_model_num 
_pdbx_unobs_or_zero_occ_atoms.polymer_flag 
_pdbx_unobs_or_zero_occ_atoms.occupancy_flag 
_pdbx_unobs_or_zero_occ_atoms.auth_asym_id 
_pdbx_unobs_or_zero_occ_atoms.auth_comp_id 
_pdbx_unobs_or_zero_occ_atoms.auth_seq_id 
_pdbx_unobs_or_zero_occ_atoms.PDB_ins_code 
_pdbx_unobs_or_zero_occ_atoms.auth_atom_id 
_pdbx_unobs_or_zero_occ_atoms.label_alt_id 
_pdbx_unobs_or_zero_occ_atoms.label_asym_id 
_pdbx_unobs_or_zero_occ_atoms.label_comp_id 
_pdbx_unobs_or_zero_occ_atoms.label_seq_id 
_pdbx_unobs_or_zero_occ_atoms.label_atom_id 
1 1 Y 1 A LYS 1004 ? CG ? A LYS 26 CG 
2 1 Y 1 A LYS 1004 ? CD ? A LYS 26 CD 
3 1 Y 1 A LYS 1004 ? CE ? A LYS 26 CE 
4 1 Y 1 A LYS 1004 ? NZ ? A LYS 26 NZ 
# 
loop_
_software.pdbx_ordinal 
_software.name 
_software.version 
_software.date 
_software.type 
_software.contact_author 
_software.contact_author_email 
_software.classification 
_software.location 
_software.language 
_software.citation_id 
1 REFMAC      5.8.0238 ?               program 'Garib N. Murshudov' garib@ysbl.york.ac.uk    refinement        
http://www.ccp4.ac.uk/dist/html/refmac5.html        Fortran_77 ? 
2 Aimless     0.5.23   02/02/16        program 'Phil Evans'         ?                        'data scaling'    
http://www.mrc-lmb.cam.ac.uk/harry/pre/aimless.html ?          ? 
3 PDB_EXTRACT 3.23     'SEP. 23, 2016' package PDB                  deposit@deposit.rcsb.org 'data extraction' 
http://sw-tools.pdb.org/apps/PDB_EXTRACT/           C++        ? 
4 XDS         .        ?               program ?                    ?                        'data reduction'  ? ?          ? 
5 REFMAC      .        ?               program ?                    ?                        phasing           ? ?          ? 
# 
_cell.entry_id           5QXI 
_cell.length_a           80.177 
_cell.length_b           80.177 
_cell.length_c           138.784 
_cell.angle_alpha        90.000 
_cell.angle_beta         90.000 
_cell.angle_gamma        120.000 
_cell.Z_PDB              12 
_cell.pdbx_unique_axis   ? 
# 
_symmetry.entry_id                         5QXI 
_symmetry.space_group_name_H-M             'P 65 2 2' 
_symmetry.pdbx_full_space_group_name_H-M   ? 
_symmetry.cell_setting                     ? 
_symmetry.Int_Tables_number                179 
# 
_exptl.crystals_number   1 
_exptl.entry_id          5QXI 
_exptl.method            'X-RAY DIFFRACTION' 
# 
_exptl_crystal.id                    1 
_exptl_crystal.pdbx_mosaicity        0.070 
_exptl_crystal.pdbx_mosaicity_esd    ? 
_exptl_crystal.density_Matthews      4.15 
_exptl_crystal.density_diffrn        ? 
_exptl_crystal.density_meas          ? 
_exptl_crystal.density_meas_temp     ? 
_exptl_crystal.density_percent_sol   70.37 
_exptl_crystal.size_max              ? 
_exptl_crystal.size_mid              ? 
_exptl_crystal.size_min              ? 
_exptl_crystal.size_rad              ? 
_exptl_crystal.description           ? 
_exptl_crystal.preparation           ? 
# 
_exptl_crystal_grow.crystal_id      1 
_exptl_crystal_grow.method          'VAPOR DIFFUSION, SITTING DROP' 
_exptl_crystal_grow.pH              5.5 
_exptl_crystal_grow.temp            277 
_exptl_crystal_grow.pdbx_details    '1.6M Ammonium Sulfate, 0.1M bis-tris pH 5.5' 
_exptl_crystal_grow.temp_details    ? 
_exptl_crystal_grow.pdbx_pH_range   ? 
# 
_diffrn.id                               1 
_diffrn.ambient_temp                     100 
_diffrn.crystal_id                       1 
_diffrn.ambient_temp_details             ? 
_diffrn.pdbx_serial_crystal_experiment   ? 
# 
_diffrn_detector.detector               PIXEL 
_diffrn_detector.type                   'DECTRIS PILATUS 6M' 
_diffrn_detector.pdbx_collection_date   2016-04-23 
_diffrn_detector.diffrn_id              1 
_diffrn_detector.details                ? 
# 
_diffrn_radiation.diffrn_id                        1 
_diffrn_radiation.wavelength_id                    1 
_diffrn_radiation.pdbx_diffrn_protocol             'SINGLE WAVELENGTH' 
_diffrn_radiation.pdbx_monochromatic_or_laue_m_l   ? 
_diffrn_radiation.monochromator                    ? 
_diffrn_radiation.pdbx_scattering_type             x-ray 
# 
_diffrn_radiation_wavelength.id           1 
_diffrn_radiation_wavelength.wavelength   0.92819 
_diffrn_radiation_wavelength.wt           1.0 
# 
_diffrn_source.diffrn_id                   1 
_diffrn_source.source                      SYNCHROTRON 
_diffrn_source.type                        'DIAMOND BEAMLINE I04-1' 
_diffrn_source.pdbx_wavelength_list        0.92819 
_diffrn_source.pdbx_synchrotron_site       Diamond 
_diffrn_source.pdbx_synchrotron_beamline   I04-1 
_diffrn_source.pdbx_wavelength             ? 
# 
_reflns.entry_id                     5QXI 
_reflns.pdbx_diffrn_id               1 
_reflns.pdbx_ordinal                 1 
_reflns.observed_criterion_sigma_I   ? 
_reflns.observed_criterion_sigma_F   ? 
_reflns.d_resolution_low             27.770 
_reflns.d_resolution_high            1.640 
_reflns.number_obs                   33192 
_reflns.number_all                   ? 
_reflns.percent_possible_obs         100.000 
_reflns.pdbx_Rmerge_I_obs            0.084 
_reflns.pdbx_Rsym_value              ? 
_reflns.pdbx_netI_over_sigmaI        26.700 
_reflns.B_iso_Wilson_estimate        ? 
_reflns.pdbx_redundancy              19.100 
_reflns.pdbx_Rrim_I_all              0.087 
_reflns.pdbx_Rpim_I_all              0.020 
_reflns.pdbx_CC_half                 1.000 
_reflns.pdbx_netI_over_av_sigmaI     ? 
_reflns.pdbx_number_measured_all     634852 
_reflns.pdbx_scaling_rejects         0 
_reflns.pdbx_chi_squared             ? 
_reflns.Rmerge_F_all                 ? 
_reflns.Rmerge_F_obs                 ? 
_reflns.observed_criterion_F_max     ? 
_reflns.observed_criterion_F_min     ? 
_reflns.observed_criterion_I_max     ? 
_reflns.observed_criterion_I_min     ? 
_reflns.pdbx_d_res_high_opt          ? 
_reflns.pdbx_d_res_low_opt           ? 
_reflns.details                      ? 
# 
loop_
_reflns_shell.pdbx_diffrn_id 
_reflns_shell.pdbx_ordinal 
_reflns_shell.d_res_high 
_reflns_shell.d_res_low 
_reflns_shell.number_measured_obs 
_reflns_shell.number_measured_all 
_reflns_shell.number_unique_obs 
_reflns_shell.pdbx_rejects 
_reflns_shell.Rmerge_I_obs 
_reflns_shell.meanI_over_sigI_obs 
_reflns_shell.pdbx_Rsym_value 
_reflns_shell.pdbx_chi_squared 
_reflns_shell.pdbx_redundancy 
_reflns_shell.percent_possible_obs 
_reflns_shell.pdbx_netI_over_sigmaI_obs 
_reflns_shell.number_possible 
_reflns_shell.number_unique_all 
_reflns_shell.Rmerge_F_all 
_reflns_shell.Rmerge_F_obs 
_reflns_shell.Rmerge_I_all 
_reflns_shell.meanI_over_sigI_all 
_reflns_shell.percent_possible_all 
_reflns_shell.pdbx_Rrim_I_all 
_reflns_shell.pdbx_Rpim_I_all 
_reflns_shell.pdbx_CC_half 
1 1 1.640 1.680  ? 44063 ? ? 0.791 ? ? ? 18.400 ? 4.300  ? 2391 ? ? ? ? 99.600 0.813 0.187 0.920 
1 2 7.330 27.770 ? 7608  ? ? 0.029 ? ? ? 16.700 ? 83.100 ? 456  ? ? ? ? 98.300 0.029 0.007 1.000 
# 
_refine.entry_id                                 5QXI 
_refine.pdbx_refine_id                           'X-RAY DIFFRACTION' 
_refine.ls_d_res_high                            1.6400 
_refine.ls_d_res_low                             27.7800 
_refine.pdbx_ls_sigma_F                          0.000 
_refine.pdbx_data_cutoff_high_absF               ? 
_refine.pdbx_data_cutoff_low_absF                ? 
_refine.ls_percent_reflns_obs                    99.9100 
_refine.ls_number_reflns_obs                     31470 
_refine.ls_number_reflns_all                     ? 
_refine.pdbx_ls_cross_valid_method               THROUGHOUT 
_refine.ls_matrix_type                           ? 
_refine.pdbx_R_Free_selection_details            RANDOM 
_refine.details                                  
'HYDROGENS HAVE BEEN ADDED IN THE RIDING POSITIONS U VALUES      : REFINED INDIVIDUALLY' 
_refine.ls_R_factor_all                          ? 
_refine.ls_R_factor_obs                          0.1577 
_refine.ls_R_factor_R_work                       0.1567 
_refine.ls_wR_factor_R_work                      ? 
_refine.ls_R_factor_R_free                       0.1773 
_refine.ls_wR_factor_R_free                      ? 
_refine.ls_percent_reflns_R_free                 5.0000 
_refine.ls_number_reflns_R_free                  1659 
_refine.ls_number_reflns_R_work                  ? 
_refine.ls_R_factor_R_free_error                 ? 
_refine.B_iso_mean                               23.6120 
_refine.solvent_model_param_bsol                 ? 
_refine.solvent_model_param_ksol                 ? 
_refine.pdbx_isotropic_thermal_model             ? 
_refine.aniso_B[1][1]                            0.3800 
_refine.aniso_B[2][2]                            0.3800 
_refine.aniso_B[3][3]                            -1.2400 
_refine.aniso_B[1][2]                            0.1900 
_refine.aniso_B[1][3]                            0.0000 
_refine.aniso_B[2][3]                            -0.0000 
_refine.correlation_coeff_Fo_to_Fc               0.9690 
_refine.correlation_coeff_Fo_to_Fc_free          0.9640 
_refine.overall_SU_R_Cruickshank_DPI             ? 
_refine.pdbx_overall_SU_R_free_Cruickshank_DPI   ? 
_refine.pdbx_overall_SU_R_Blow_DPI               ? 
_refine.pdbx_overall_SU_R_free_Blow_DPI          ? 
_refine.overall_SU_R_free                        ? 
_refine.pdbx_overall_ESU_R                       0.0830 
_refine.pdbx_overall_ESU_R_Free                  0.0790 
_refine.overall_SU_ML                            0.0530 
_refine.overall_SU_B                             1.5460 
_refine.solvent_model_details                    MASK 
_refine.pdbx_solvent_vdw_probe_radii             1.2000 
_refine.pdbx_solvent_ion_probe_radii             0.8000 
_refine.pdbx_solvent_shrinkage_radii             0.8000 
_refine.ls_number_parameters                     ? 
_refine.ls_number_restraints                     ? 
_refine.pdbx_starting_model                      3DAI 
_refine.pdbx_method_to_determine_struct          'FOURIER SYNTHESIS' 
_refine.pdbx_stereochemistry_target_values       'MAXIMUM LIKELIHOOD' 
_refine.pdbx_stereochem_target_val_spec_case     ? 
_refine.overall_FOM_work_R_set                   ? 
_refine.B_iso_max                                102.930 
_refine.B_iso_min                                10.360 
_refine.pdbx_overall_phase_error                 ? 
_refine.occupancy_max                            ? 
_refine.occupancy_min                            ? 
_refine.pdbx_diffrn_id                           1 
_refine.pdbx_TLS_residual_ADP_flag               ? 
_refine.pdbx_ls_sigma_I                          ? 
_refine.pdbx_data_cutoff_high_rms_absF           ? 
_refine.ls_R_factor_R_free_error_details         ? 
# 
_refine_hist.cycle_id                         final 
_refine_hist.pdbx_refine_id                   'X-RAY DIFFRACTION' 
_refine_hist.d_res_high                       1.6400 
_refine_hist.d_res_low                        27.7800 
_refine_hist.pdbx_number_atoms_ligand         52 
_refine_hist.number_atoms_solvent             226 
_refine_hist.number_atoms_total               1362 
_refine_hist.pdbx_number_residues_total       130 
_refine_hist.pdbx_B_iso_mean_ligand           39.39 
_refine_hist.pdbx_B_iso_mean_solvent          36.95 
_refine_hist.pdbx_number_atoms_protein        1084 
_refine_hist.pdbx_number_atoms_nucleic_acid   0 
# 
loop_
_refine_ls_restr.pdbx_refine_id 
_refine_ls_restr.type 
_refine_ls_restr.number 
_refine_ls_restr.dev_ideal 
_refine_ls_restr.dev_ideal_target 
_refine_ls_restr.weight 
_refine_ls_restr.pdbx_restraint_function 
'X-RAY DIFFRACTION' r_bond_refined_d       3091 0.013  0.016  ? ? 
'X-RAY DIFFRACTION' r_bond_other_d         1819 0.002  0.017  ? ? 
'X-RAY DIFFRACTION' r_angle_refined_deg    2879 2.511  1.747  ? ? 
'X-RAY DIFFRACTION' r_angle_other_deg      4271 1.517  1.666  ? ? 
'X-RAY DIFFRACTION' r_dihedral_angle_1_deg 274  4.586  5.000  ? ? 
'X-RAY DIFFRACTION' r_dihedral_angle_2_deg 136  27.963 21.618 ? ? 
'X-RAY DIFFRACTION' r_dihedral_angle_3_deg 351  14.119 15.000 ? ? 
'X-RAY DIFFRACTION' r_dihedral_angle_4_deg 24   16.121 15.000 ? ? 
'X-RAY DIFFRACTION' r_chiral_restr         260  0.623  0.200  ? ? 
'X-RAY DIFFRACTION' r_gen_planes_refined   2527 0.009  0.020  ? ? 
'X-RAY DIFFRACTION' r_gen_planes_other     449  0.003  0.020  ? ? 
'X-RAY DIFFRACTION' r_mcbond_it            1364 1.615  1.874  ? ? 
'X-RAY DIFFRACTION' r_mcbond_other         1271 1.661  1.800  ? ? 
'X-RAY DIFFRACTION' r_mcangle_it           1242 2.844  2.717  ? ? 
# 
_refine_ls_shell.d_res_high                       1.6380 
_refine_ls_shell.d_res_low                        1.6810 
_refine_ls_shell.pdbx_total_number_of_bins_used   20 
_refine_ls_shell.percent_reflns_obs               99.5800 
_refine_ls_shell.number_reflns_R_work             2267 
_refine_ls_shell.R_factor_all                     ? 
_refine_ls_shell.R_factor_R_work                  0.2090 
_refine_ls_shell.R_factor_R_free                  0.2210 
_refine_ls_shell.percent_reflns_R_free            ? 
_refine_ls_shell.number_reflns_R_free             123 
_refine_ls_shell.R_factor_R_free_error            ? 
_refine_ls_shell.number_reflns_all                2390 
_refine_ls_shell.number_reflns_obs                ? 
_refine_ls_shell.pdbx_refine_id                   'X-RAY DIFFRACTION' 
# 
_struct.entry_id                  5QXI 
_struct.title                     'PanDDA analysis group deposition -- Crystal Structure of ATAD2 in complex with PC587' 
_struct.pdbx_model_details        ? 
_struct.pdbx_CASP_flag            ? 
_struct.pdbx_model_type_details   ? 
# 
_struct_keywords.entry_id        5QXI 
_struct_keywords.text            
'SGC - Diamond I04-1 fragment screening, PanDDA, XChemExplorer, HYDROLASE-HYDROLASE INHIBITOR complex' 
_struct_keywords.pdbx_keywords   'HYDROLASE/HYDROLASE INHIBITOR' 
# 
loop_
_struct_asym.id 
_struct_asym.pdbx_blank_PDB_chainid_flag 
_struct_asym.pdbx_modified 
_struct_asym.entity_id 
_struct_asym.details 
A N N 1 ? 
B N N 2 ? 
C N N 3 ? 
D N N 4 ? 
E N N 4 ? 
F N N 5 ? 
G N N 5 ? 
H N N 6 ? 
# 
_struct_ref.id                         1 
_struct_ref.db_name                    UNP 
_struct_ref.db_code                    ATAD2_HUMAN 
_struct_ref.pdbx_db_accession          Q6PL18 
_struct_ref.pdbx_db_isoform            ? 
_struct_ref.entity_id                  1 
_struct_ref.pdbx_seq_one_letter_code   
;QEEDTFRELRIFLRNVTHRLAIDKRFRVFTKPVDPDEVPDYVTVIKQPMDLSSVISKIDLHKYLTVKDYLRDIDLICSNA
LEYNPDRDPGDRLIRHRACALRDTAYAIIKEELDEDFEQLCEEIQESR
;
_struct_ref.pdbx_align_begin           981 
# 
_struct_ref_seq.align_id                      1 
_struct_ref_seq.ref_id                        1 
_struct_ref_seq.pdbx_PDB_id_code              5QXI 
_struct_ref_seq.pdbx_strand_id                A 
_struct_ref_seq.seq_align_beg                 3 
_struct_ref_seq.pdbx_seq_align_beg_ins_code   ? 
_struct_ref_seq.seq_align_end                 130 
_struct_ref_seq.pdbx_seq_align_end_ins_code   ? 
_struct_ref_seq.pdbx_db_accession             Q6PL18 
_struct_ref_seq.db_align_beg                  981 
_struct_ref_seq.pdbx_db_align_beg_ins_code    ? 
_struct_ref_seq.db_align_end                  1108 
_struct_ref_seq.pdbx_db_align_end_ins_code    ? 
_struct_ref_seq.pdbx_auth_seq_align_beg       981 
_struct_ref_seq.pdbx_auth_seq_align_end       1108 
# 
loop_
_struct_ref_seq_dif.align_id 
_struct_ref_seq_dif.pdbx_pdb_id_code 
_struct_ref_seq_dif.mon_id 
_struct_ref_seq_dif.pdbx_pdb_strand_id 
_struct_ref_seq_dif.seq_num 
_struct_ref_seq_dif.pdbx_pdb_ins_code 
_struct_ref_seq_dif.pdbx_seq_db_name 
_struct_ref_seq_dif.pdbx_seq_db_accession_code 
_struct_ref_seq_dif.db_mon_id 
_struct_ref_seq_dif.pdbx_seq_db_seq_num 
_struct_ref_seq_dif.details 
_struct_ref_seq_dif.pdbx_auth_seq_num 
_struct_ref_seq_dif.pdbx_ordinal 
1 5QXI SER A 1  ? UNP Q6PL18 ?   ?    'expression tag' 979  1 
1 5QXI MET A 2  ? UNP Q6PL18 ?   ?    'expression tag' 980  2 
1 5QXI ARG A 44 ? UNP Q6PL18 VAL 1022 conflict         1022 3 
1 5QXI GLU A 49 ? UNP Q6PL18 GLN 1027 conflict         1027 4 
# 
_pdbx_struct_assembly.id                   1 
_pdbx_struct_assembly.details              author_and_software_defined_assembly 
_pdbx_struct_assembly.method_details       PISA 
_pdbx_struct_assembly.oligomeric_details   monomeric 
_pdbx_struct_assembly.oligomeric_count     1 
# 
_pdbx_struct_assembly_gen.assembly_id       1 
_pdbx_struct_assembly_gen.oper_expression   1 
_pdbx_struct_assembly_gen.asym_id_list      A,B,C,D,E,F,G,H 
# 
_pdbx_struct_oper_list.id                   1 
_pdbx_struct_oper_list.type                 'identity operation' 
_pdbx_struct_oper_list.name                 1_555 
_pdbx_struct_oper_list.symmetry_operation   x,y,z 
_pdbx_struct_oper_list.matrix[1][1]         1.0000000000 
_pdbx_struct_oper_list.matrix[1][2]         0.0000000000 
_pdbx_struct_oper_list.matrix[1][3]         0.0000000000 
_pdbx_struct_oper_list.vector[1]            0.0000000000 
_pdbx_struct_oper_list.matrix[2][1]         0.0000000000 
_pdbx_struct_oper_list.matrix[2][2]         1.0000000000 
_pdbx_struct_oper_list.matrix[2][3]         0.0000000000 
_pdbx_struct_oper_list.vector[2]            0.0000000000 
_pdbx_struct_oper_list.matrix[3][1]         0.0000000000 
_pdbx_struct_oper_list.matrix[3][2]         0.0000000000 
_pdbx_struct_oper_list.matrix[3][3]         1.0000000000 
_pdbx_struct_oper_list.vector[3]            0.0000000000 
# 
loop_
_struct_conf.conf_type_id 
_struct_conf.id 
_struct_conf.pdbx_PDB_helix_id 
_struct_conf.beg_label_comp_id 
_struct_conf.beg_label_asym_id 
_struct_conf.beg_label_seq_id 
_struct_conf.pdbx_beg_PDB_ins_code 
_struct_conf.end_label_comp_id 
_struct_conf.end_label_asym_id 
_struct_conf.end_label_seq_id 
_struct_conf.pdbx_end_PDB_ins_code 
_struct_conf.beg_auth_comp_id 
_struct_conf.beg_auth_asym_id 
_struct_conf.beg_auth_seq_id 
_struct_conf.end_auth_comp_id 
_struct_conf.end_auth_asym_id 
_struct_conf.end_auth_seq_id 
_struct_conf.pdbx_PDB_helix_class 
_struct_conf.details 
_struct_conf.pdbx_PDB_helix_length 
HELX_P HELX_P1 AA1 SER A 1   ? ILE A 24  ? SER A 979  ILE A 1002 1 ? 24 
HELX_P HELX_P2 AA2 ASP A 25  ? THR A 32  ? ASP A 1003 THR A 1010 5 ? 8  
HELX_P HELX_P3 AA3 ASP A 42  ? ILE A 47  ? ASP A 1020 ILE A 1025 1 ? 6  
HELX_P HELX_P4 AA4 ASP A 52  ? LEU A 62  ? ASP A 1030 LEU A 1040 1 ? 11 
HELX_P HELX_P5 AA5 THR A 67  ? ASN A 86  ? THR A 1045 ASN A 1064 1 ? 20 
HELX_P HELX_P6 AA6 ASP A 90  ? LEU A 115 ? ASP A 1068 LEU A 1093 1 ? 26 
HELX_P HELX_P7 AA7 ASP A 116 ? SER A 129 ? ASP A 1094 SER A 1107 1 ? 14 
# 
_struct_conf_type.id          HELX_P 
_struct_conf_type.criteria    ? 
_struct_conf_type.reference   ? 
# 
loop_
_struct_site.id 
_struct_site.pdbx_evidence_code 
_struct_site.pdbx_auth_asym_id 
_struct_site.pdbx_auth_comp_id 
_struct_site.pdbx_auth_seq_id 
_struct_site.pdbx_auth_ins_code 
_struct_site.pdbx_num_residues 
_struct_site.details 
AC1 Software A RGY 1201 ? 8 'binding site for residue RGY A 1201' 
AC2 Software A TQS 1202 ? 6 'binding site for residue TQS A 1202' 
AC3 Software A SO4 1203 ? 8 'binding site for residue SO4 A 1203' 
AC4 Software A SO4 1204 ? 8 'binding site for residue SO4 A 1204' 
AC5 Software A EDO 1205 ? 4 'binding site for residue EDO A 1205' 
AC6 Software A EDO 1206 ? 5 'binding site for residue EDO A 1206' 
# 
loop_
_struct_site_gen.id 
_struct_site_gen.site_id 
_struct_site_gen.pdbx_num_res 
_struct_site_gen.label_comp_id 
_struct_site_gen.label_asym_id 
_struct_site_gen.label_seq_id 
_struct_site_gen.pdbx_auth_ins_code 
_struct_site_gen.auth_comp_id 
_struct_site_gen.auth_asym_id 
_struct_site_gen.auth_seq_id 
_struct_site_gen.label_atom_id 
_struct_site_gen.label_alt_id 
_struct_site_gen.symmetry 
_struct_site_gen.details 
1  AC1 8 HIS A 20  ? HIS A 998  . ? 10_665 ? 
2  AC1 8 ILE A 24  ? ILE A 1002 . ? 10_665 ? 
3  AC1 8 GLU A 113 ? GLU A 1091 . ? 1_555  ? 
4  AC1 8 GLU A 114 ? GLU A 1092 . ? 1_555  ? 
5  AC1 8 LEU A 115 ? LEU A 1093 . ? 1_555  ? 
6  AC1 8 HOH H .   ? HOH A 1310 . ? 1_555  ? 
7  AC1 8 HOH H .   ? HOH A 1336 . ? 1_555  ? 
8  AC1 8 HOH H .   ? HOH A 1439 . ? 1_555  ? 
9  AC2 6 VAL A 30  ? VAL A 1008 . ? 1_555  ? 
10 AC2 6 VAL A 40  ? VAL A 1018 . ? 1_555  ? 
11 AC2 6 TYR A 85  ? TYR A 1063 . ? 1_555  ? 
12 AC2 6 ASN A 86  ? ASN A 1064 . ? 1_555  ? 
13 AC2 6 ILE A 96  ? ILE A 1074 . ? 1_555  ? 
14 AC2 6 HOH H .   ? HOH A 1323 . ? 1_555  ? 
15 AC3 8 ARG A 9   ? ARG A 987  . ? 6_654  ? 
16 AC3 8 ARG A 12  ? ARG A 990  . ? 6_654  ? 
17 AC3 8 ARG A 16  ? ARG A 994  . ? 6_654  ? 
18 AC3 8 ARG A 89  ? ARG A 1067 . ? 1_555  ? 
19 AC3 8 ARG A 94  ? ARG A 1072 . ? 1_555  ? 
20 AC3 8 HOH H .   ? HOH A 1301 . ? 1_555  ? 
21 AC3 8 HOH H .   ? HOH A 1392 . ? 1_555  ? 
22 AC3 8 HOH H .   ? HOH A 1422 . ? 1_555  ? 
23 AC4 8 LYS A 64  ? LYS A 1042 . ? 12_564 ? 
24 AC4 8 LYS A 64  ? LYS A 1042 . ? 1_555  ? 
25 AC4 8 HOH H .   ? HOH A 1333 . ? 1_555  ? 
26 AC4 8 HOH H .   ? HOH A 1333 . ? 12_564 ? 
27 AC4 8 HOH H .   ? HOH A 1353 . ? 12_564 ? 
28 AC4 8 HOH H .   ? HOH A 1353 . ? 1_555  ? 
29 AC4 8 HOH H .   ? HOH A 1386 . ? 12_564 ? 
30 AC4 8 HOH H .   ? HOH A 1386 . ? 1_555  ? 
31 AC5 4 GLU A 10  ? GLU A 988  . ? 1_555  ? 
32 AC5 4 GLU A 114 ? GLU A 1092 . ? 1_555  ? 
33 AC5 4 ASP A 116 ? ASP A 1094 . ? 1_555  ? 
34 AC5 4 HOH H .   ? HOH A 1385 . ? 1_555  ? 
35 AC6 5 PRO A 50  ? PRO A 1028 . ? 12_564 ? 
36 AC6 5 SER A 58  ? SER A 1036 . ? 1_555  ? 
37 AC6 5 HOH H .   ? HOH A 1335 . ? 1_555  ? 
38 AC6 5 HOH H .   ? HOH A 1366 . ? 1_555  ? 
39 AC6 5 HOH H .   ? HOH A 1419 . ? 1_555  ? 
# 
loop_
_pdbx_validate_close_contact.id 
_pdbx_validate_close_contact.PDB_model_num 
_pdbx_validate_close_contact.auth_atom_id_1 
_pdbx_validate_close_contact.auth_asym_id_1 
_pdbx_validate_close_contact.auth_comp_id_1 
_pdbx_validate_close_contact.auth_seq_id_1 
_pdbx_validate_close_contact.PDB_ins_code_1 
_pdbx_validate_close_contact.label_alt_id_1 
_pdbx_validate_close_contact.auth_atom_id_2 
_pdbx_validate_close_contact.auth_asym_id_2 
_pdbx_validate_close_contact.auth_comp_id_2 
_pdbx_validate_close_contact.auth_seq_id_2 
_pdbx_validate_close_contact.PDB_ins_code_2 
_pdbx_validate_close_contact.label_alt_id_2 
_pdbx_validate_close_contact.dist 
1 1 O   A HOH 1449 ? ? O A HOH 1461 ? ? 2.10 
2 1 O   A HOH 1437 ? ? O A HOH 1507 ? ? 2.17 
3 1 CD1 A ILE 1035 ? B O A HOH 1455 ? ? 2.19 
# 
loop_
_pdbx_validate_rmsd_angle.id 
_pdbx_validate_rmsd_angle.PDB_model_num 
_pdbx_validate_rmsd_angle.auth_atom_id_1 
_pdbx_validate_rmsd_angle.auth_asym_id_1 
_pdbx_validate_rmsd_angle.auth_comp_id_1 
_pdbx_validate_rmsd_angle.auth_seq_id_1 
_pdbx_validate_rmsd_angle.PDB_ins_code_1 
_pdbx_validate_rmsd_angle.label_alt_id_1 
_pdbx_validate_rmsd_angle.auth_atom_id_2 
_pdbx_validate_rmsd_angle.auth_asym_id_2 
_pdbx_validate_rmsd_angle.auth_comp_id_2 
_pdbx_validate_rmsd_angle.auth_seq_id_2 
_pdbx_validate_rmsd_angle.PDB_ins_code_2 
_pdbx_validate_rmsd_angle.label_alt_id_2 
_pdbx_validate_rmsd_angle.auth_atom_id_3 
_pdbx_validate_rmsd_angle.auth_asym_id_3 
_pdbx_validate_rmsd_angle.auth_comp_id_3 
_pdbx_validate_rmsd_angle.auth_seq_id_3 
_pdbx_validate_rmsd_angle.PDB_ins_code_3 
_pdbx_validate_rmsd_angle.label_alt_id_3 
_pdbx_validate_rmsd_angle.angle_value 
_pdbx_validate_rmsd_angle.angle_target_value 
_pdbx_validate_rmsd_angle.angle_deviation 
_pdbx_validate_rmsd_angle.angle_standard_deviation 
_pdbx_validate_rmsd_angle.linker_flag 
1 1 NE A ARG 987  ? B CZ A ARG 987  ? B NH1 A ARG 987  ? B 116.60 120.30 -3.70 0.50 N 
2 1 NE A ARG 994  ? ? CZ A ARG 994  ? ? NH1 A ARG 994  ? ? 124.42 120.30 4.12  0.50 N 
3 1 NE A ARG 1067 ? ? CZ A ARG 1067 ? ? NH2 A ARG 1067 ? ? 116.04 120.30 -4.26 0.50 N 
# 
loop_
_pdbx_struct_special_symmetry.id 
_pdbx_struct_special_symmetry.PDB_model_num 
_pdbx_struct_special_symmetry.auth_asym_id 
_pdbx_struct_special_symmetry.auth_comp_id 
_pdbx_struct_special_symmetry.auth_seq_id 
_pdbx_struct_special_symmetry.PDB_ins_code 
_pdbx_struct_special_symmetry.label_asym_id 
_pdbx_struct_special_symmetry.label_comp_id 
_pdbx_struct_special_symmetry.label_seq_id 
1 1 A SO4 1204 ? E SO4 . 
2 1 A HOH 1370 ? H HOH . 
# 
_phasing.method   MR 
# 
_pdbx_entry_details.entry_id                 5QXI 
_pdbx_entry_details.has_ligand_of_interest   Y 
_pdbx_entry_details.compound_details         ? 
_pdbx_entry_details.source_details           ? 
_pdbx_entry_details.nonpolymer_details       ? 
_pdbx_entry_details.sequence_details         ? 
# 
loop_
_chem_comp_atom.comp_id 
_chem_comp_atom.atom_id 
_chem_comp_atom.type_symbol 
_chem_comp_atom.pdbx_aromatic_flag 
_chem_comp_atom.pdbx_stereo_config 
_chem_comp_atom.pdbx_ordinal 
ALA N    N N N 1   
ALA CA   C N S 2   
ALA C    C N N 3   
ALA O    O N N 4   
ALA CB   C N N 5   
ALA OXT  O N N 6   
ALA H    H N N 7   
ALA H2   H N N 8   
ALA HA   H N N 9   
ALA HB1  H N N 10  
ALA HB2  H N N 11  
ALA HB3  H N N 12  
ALA HXT  H N N 13  
ARG N    N N N 14  
ARG CA   C N S 15  
ARG C    C N N 16  
ARG O    O N N 17  
ARG CB   C N N 18  
ARG CG   C N N 19  
ARG CD   C N N 20  
ARG NE   N N N 21  
ARG CZ   C N N 22  
ARG NH1  N N N 23  
ARG NH2  N N N 24  
ARG OXT  O N N 25  
ARG H    H N N 26  
ARG H2   H N N 27  
ARG HA   H N N 28  
ARG HB2  H N N 29  
ARG HB3  H N N 30  
ARG HG2  H N N 31  
ARG HG3  H N N 32  
ARG HD2  H N N 33  
ARG HD3  H N N 34  
ARG HE   H N N 35  
ARG HH11 H N N 36  
ARG HH12 H N N 37  
ARG HH21 H N N 38  
ARG HH22 H N N 39  
ARG HXT  H N N 40  
ASN N    N N N 41  
ASN CA   C N S 42  
ASN C    C N N 43  
ASN O    O N N 44  
ASN CB   C N N 45  
ASN CG   C N N 46  
ASN OD1  O N N 47  
ASN ND2  N N N 48  
ASN OXT  O N N 49  
ASN H    H N N 50  
ASN H2   H N N 51  
ASN HA   H N N 52  
ASN HB2  H N N 53  
ASN HB3  H N N 54  
ASN HD21 H N N 55  
ASN HD22 H N N 56  
ASN HXT  H N N 57  
ASP N    N N N 58  
ASP CA   C N S 59  
ASP C    C N N 60  
ASP O    O N N 61  
ASP CB   C N N 62  
ASP CG   C N N 63  
ASP OD1  O N N 64  
ASP OD2  O N N 65  
ASP OXT  O N N 66  
ASP H    H N N 67  
ASP H2   H N N 68  
ASP HA   H N N 69  
ASP HB2  H N N 70  
ASP HB3  H N N 71  
ASP HD2  H N N 72  
ASP HXT  H N N 73  
CYS N    N N N 74  
CYS CA   C N R 75  
CYS C    C N N 76  
CYS O    O N N 77  
CYS CB   C N N 78  
CYS SG   S N N 79  
CYS OXT  O N N 80  
CYS H    H N N 81  
CYS H2   H N N 82  
CYS HA   H N N 83  
CYS HB2  H N N 84  
CYS HB3  H N N 85  
CYS HG   H N N 86  
CYS HXT  H N N 87  
EDO C1   C N N 88  
EDO O1   O N N 89  
EDO C2   C N N 90  
EDO O2   O N N 91  
EDO H11  H N N 92  
EDO H12  H N N 93  
EDO HO1  H N N 94  
EDO H21  H N N 95  
EDO H22  H N N 96  
EDO HO2  H N N 97  
GLN N    N N N 98  
GLN CA   C N S 99  
GLN C    C N N 100 
GLN O    O N N 101 
GLN CB   C N N 102 
GLN CG   C N N 103 
GLN CD   C N N 104 
GLN OE1  O N N 105 
GLN NE2  N N N 106 
GLN OXT  O N N 107 
GLN H    H N N 108 
GLN H2   H N N 109 
GLN HA   H N N 110 
GLN HB2  H N N 111 
GLN HB3  H N N 112 
GLN HG2  H N N 113 
GLN HG3  H N N 114 
GLN HE21 H N N 115 
GLN HE22 H N N 116 
GLN HXT  H N N 117 
GLU N    N N N 118 
GLU CA   C N S 119 
GLU C    C N N 120 
GLU O    O N N 121 
GLU CB   C N N 122 
GLU CG   C N N 123 
GLU CD   C N N 124 
GLU OE1  O N N 125 
GLU OE2  O N N 126 
GLU OXT  O N N 127 
GLU H    H N N 128 
GLU H2   H N N 129 
GLU HA   H N N 130 
GLU HB2  H N N 131 
GLU HB3  H N N 132 
GLU HG2  H N N 133 
GLU HG3  H N N 134 
GLU HE2  H N N 135 
GLU HXT  H N N 136 
GLY N    N N N 137 
GLY CA   C N N 138 
GLY C    C N N 139 
GLY O    O N N 140 
GLY OXT  O N N 141 
GLY H    H N N 142 
GLY H2   H N N 143 
GLY HA2  H N N 144 
GLY HA3  H N N 145 
GLY HXT  H N N 146 
HIS N    N N N 147 
HIS CA   C N S 148 
HIS C    C N N 149 
HIS O    O N N 150 
HIS CB   C N N 151 
HIS CG   C Y N 152 
HIS ND1  N Y N 153 
HIS CD2  C Y N 154 
HIS CE1  C Y N 155 
HIS NE2  N Y N 156 
HIS OXT  O N N 157 
HIS H    H N N 158 
HIS H2   H N N 159 
HIS HA   H N N 160 
HIS HB2  H N N 161 
HIS HB3  H N N 162 
HIS HD1  H N N 163 
HIS HD2  H N N 164 
HIS HE1  H N N 165 
HIS HE2  H N N 166 
HIS HXT  H N N 167 
HOH O    O N N 168 
HOH H1   H N N 169 
HOH H2   H N N 170 
ILE N    N N N 171 
ILE CA   C N S 172 
ILE C    C N N 173 
ILE O    O N N 174 
ILE CB   C N S 175 
ILE CG1  C N N 176 
ILE CG2  C N N 177 
ILE CD1  C N N 178 
ILE OXT  O N N 179 
ILE H    H N N 180 
ILE H2   H N N 181 
ILE HA   H N N 182 
ILE HB   H N N 183 
ILE HG12 H N N 184 
ILE HG13 H N N 185 
ILE HG21 H N N 186 
ILE HG22 H N N 187 
ILE HG23 H N N 188 
ILE HD11 H N N 189 
ILE HD12 H N N 190 
ILE HD13 H N N 191 
ILE HXT  H N N 192 
LEU N    N N N 193 
LEU CA   C N S 194 
LEU C    C N N 195 
LEU O    O N N 196 
LEU CB   C N N 197 
LEU CG   C N N 198 
LEU CD1  C N N 199 
LEU CD2  C N N 200 
LEU OXT  O N N 201 
LEU H    H N N 202 
LEU H2   H N N 203 
LEU HA   H N N 204 
LEU HB2  H N N 205 
LEU HB3  H N N 206 
LEU HG   H N N 207 
LEU HD11 H N N 208 
LEU HD12 H N N 209 
LEU HD13 H N N 210 
LEU HD21 H N N 211 
LEU HD22 H N N 212 
LEU HD23 H N N 213 
LEU HXT  H N N 214 
LYS N    N N N 215 
LYS CA   C N S 216 
LYS C    C N N 217 
LYS O    O N N 218 
LYS CB   C N N 219 
LYS CG   C N N 220 
LYS CD   C N N 221 
LYS CE   C N N 222 
LYS NZ   N N N 223 
LYS OXT  O N N 224 
LYS H    H N N 225 
LYS H2   H N N 226 
LYS HA   H N N 227 
LYS HB2  H N N 228 
LYS HB3  H N N 229 
LYS HG2  H N N 230 
LYS HG3  H N N 231 
LYS HD2  H N N 232 
LYS HD3  H N N 233 
LYS HE2  H N N 234 
LYS HE3  H N N 235 
LYS HZ1  H N N 236 
LYS HZ2  H N N 237 
LYS HZ3  H N N 238 
LYS HXT  H N N 239 
MET N    N N N 240 
MET CA   C N S 241 
MET C    C N N 242 
MET O    O N N 243 
MET CB   C N N 244 
MET CG   C N N 245 
MET SD   S N N 246 
MET CE   C N N 247 
MET OXT  O N N 248 
MET H    H N N 249 
MET H2   H N N 250 
MET HA   H N N 251 
MET HB2  H N N 252 
MET HB3  H N N 253 
MET HG2  H N N 254 
MET HG3  H N N 255 
MET HE1  H N N 256 
MET HE2  H N N 257 
MET HE3  H N N 258 
MET HXT  H N N 259 
PHE N    N N N 260 
PHE CA   C N S 261 
PHE C    C N N 262 
PHE O    O N N 263 
PHE CB   C N N 264 
PHE CG   C Y N 265 
PHE CD1  C Y N 266 
PHE CD2  C Y N 267 
PHE CE1  C Y N 268 
PHE CE2  C Y N 269 
PHE CZ   C Y N 270 
PHE OXT  O N N 271 
PHE H    H N N 272 
PHE H2   H N N 273 
PHE HA   H N N 274 
PHE HB2  H N N 275 
PHE HB3  H N N 276 
PHE HD1  H N N 277 
PHE HD2  H N N 278 
PHE HE1  H N N 279 
PHE HE2  H N N 280 
PHE HZ   H N N 281 
PHE HXT  H N N 282 
PRO N    N N N 283 
PRO CA   C N S 284 
PRO C    C N N 285 
PRO O    O N N 286 
PRO CB   C N N 287 
PRO CG   C N N 288 
PRO CD   C N N 289 
PRO OXT  O N N 290 
PRO H    H N N 291 
PRO HA   H N N 292 
PRO HB2  H N N 293 
PRO HB3  H N N 294 
PRO HG2  H N N 295 
PRO HG3  H N N 296 
PRO HD2  H N N 297 
PRO HD3  H N N 298 
PRO HXT  H N N 299 
RGY N1   N N N 300 
RGY N3   N Y N 301 
RGY C4   C N S 302 
RGY C5   C N N 303 
RGY C6   C N N 304 
RGY C7   C N S 305 
RGY C8   C N R 306 
RGY C10  C Y N 307 
RGY C1   C N N 308 
RGY C11  C Y N 309 
RGY C12  C N N 310 
RGY C2   C N S 311 
RGY C3   C N N 312 
RGY C9   C Y N 313 
RGY N2   N N N 314 
RGY O1   O N N 315 
RGY O2   O Y N 316 
RGY H2   H N N 317 
RGY H3   H N N 318 
RGY H4   H N N 319 
RGY H5   H N N 320 
RGY H6   H N N 321 
RGY H7   H N N 322 
RGY H8   H N N 323 
RGY H9   H N N 324 
RGY H10  H N N 325 
RGY H11  H N N 326 
RGY H12  H N N 327 
RGY H13  H N N 328 
RGY H14  H N N 329 
RGY H15  H N N 330 
RGY H16  H N N 331 
RGY H17  H N N 332 
RGY H19  H N N 333 
SER N    N N N 334 
SER CA   C N S 335 
SER C    C N N 336 
SER O    O N N 337 
SER CB   C N N 338 
SER OG   O N N 339 
SER OXT  O N N 340 
SER H    H N N 341 
SER H2   H N N 342 
SER HA   H N N 343 
SER HB2  H N N 344 
SER HB3  H N N 345 
SER HG   H N N 346 
SER HXT  H N N 347 
SO4 S    S N N 348 
SO4 O1   O N N 349 
SO4 O2   O N N 350 
SO4 O3   O N N 351 
SO4 O4   O N N 352 
THR N    N N N 353 
THR CA   C N S 354 
THR C    C N N 355 
THR O    O N N 356 
THR CB   C N R 357 
THR OG1  O N N 358 
THR CG2  C N N 359 
THR OXT  O N N 360 
THR H    H N N 361 
THR H2   H N N 362 
THR HA   H N N 363 
THR HB   H N N 364 
THR HG1  H N N 365 
THR HG21 H N N 366 
THR HG22 H N N 367 
THR HG23 H N N 368 
THR HXT  H N N 369 
TQS N1   N N N 370 
TQS N3   N Y N 371 
TQS C4   C N S 372 
TQS C5   C N N 373 
TQS C6   C N N 374 
TQS C7   C N R 375 
TQS C8   C N R 376 
TQS C10  C Y N 377 
TQS C1   C N N 378 
TQS C11  C Y N 379 
TQS C12  C N N 380 
TQS C2   C N R 381 
TQS C3   C N N 382 
TQS C9   C Y N 383 
TQS N2   N N N 384 
TQS O1   O N N 385 
TQS O2   O Y N 386 
TQS H2   H N N 387 
TQS H3   H N N 388 
TQS H4   H N N 389 
TQS H5   H N N 390 
TQS H6   H N N 391 
TQS H7   H N N 392 
TQS H8   H N N 393 
TQS H9   H N N 394 
TQS H10  H N N 395 
TQS H11  H N N 396 
TQS H12  H N N 397 
TQS H13  H N N 398 
TQS H14  H N N 399 
TQS H15  H N N 400 
TQS H16  H N N 401 
TQS H17  H N N 402 
TQS H19  H N N 403 
TYR N    N N N 404 
TYR CA   C N S 405 
TYR C    C N N 406 
TYR O    O N N 407 
TYR CB   C N N 408 
TYR CG   C Y N 409 
TYR CD1  C Y N 410 
TYR CD2  C Y N 411 
TYR CE1  C Y N 412 
TYR CE2  C Y N 413 
TYR CZ   C Y N 414 
TYR OH   O N N 415 
TYR OXT  O N N 416 
TYR H    H N N 417 
TYR H2   H N N 418 
TYR HA   H N N 419 
TYR HB2  H N N 420 
TYR HB3  H N N 421 
TYR HD1  H N N 422 
TYR HD2  H N N 423 
TYR HE1  H N N 424 
TYR HE2  H N N 425 
TYR HH   H N N 426 
TYR HXT  H N N 427 
VAL N    N N N 428 
VAL CA   C N S 429 
VAL C    C N N 430 
VAL O    O N N 431 
VAL CB   C N N 432 
VAL CG1  C N N 433 
VAL CG2  C N N 434 
VAL OXT  O N N 435 
VAL H    H N N 436 
VAL H2   H N N 437 
VAL HA   H N N 438 
VAL HB   H N N 439 
VAL HG11 H N N 440 
VAL HG12 H N N 441 
VAL HG13 H N N 442 
VAL HG21 H N N 443 
VAL HG22 H N N 444 
VAL HG23 H N N 445 
VAL HXT  H N N 446 
# 
loop_
_chem_comp_bond.comp_id 
_chem_comp_bond.atom_id_1 
_chem_comp_bond.atom_id_2 
_chem_comp_bond.value_order 
_chem_comp_bond.pdbx_aromatic_flag 
_chem_comp_bond.pdbx_stereo_config 
_chem_comp_bond.pdbx_ordinal 
ALA N   CA   sing N N 1   
ALA N   H    sing N N 2   
ALA N   H2   sing N N 3   
ALA CA  C    sing N N 4   
ALA CA  CB   sing N N 5   
ALA CA  HA   sing N N 6   
ALA C   O    doub N N 7   
ALA C   OXT  sing N N 8   
ALA CB  HB1  sing N N 9   
ALA CB  HB2  sing N N 10  
ALA CB  HB3  sing N N 11  
ALA OXT HXT  sing N N 12  
ARG N   CA   sing N N 13  
ARG N   H    sing N N 14  
ARG N   H2   sing N N 15  
ARG CA  C    sing N N 16  
ARG CA  CB   sing N N 17  
ARG CA  HA   sing N N 18  
ARG C   O    doub N N 19  
ARG C   OXT  sing N N 20  
ARG CB  CG   sing N N 21  
ARG CB  HB2  sing N N 22  
ARG CB  HB3  sing N N 23  
ARG CG  CD   sing N N 24  
ARG CG  HG2  sing N N 25  
ARG CG  HG3  sing N N 26  
ARG CD  NE   sing N N 27  
ARG CD  HD2  sing N N 28  
ARG CD  HD3  sing N N 29  
ARG NE  CZ   sing N N 30  
ARG NE  HE   sing N N 31  
ARG CZ  NH1  sing N N 32  
ARG CZ  NH2  doub N N 33  
ARG NH1 HH11 sing N N 34  
ARG NH1 HH12 sing N N 35  
ARG NH2 HH21 sing N N 36  
ARG NH2 HH22 sing N N 37  
ARG OXT HXT  sing N N 38  
ASN N   CA   sing N N 39  
ASN N   H    sing N N 40  
ASN N   H2   sing N N 41  
ASN CA  C    sing N N 42  
ASN CA  CB   sing N N 43  
ASN CA  HA   sing N N 44  
ASN C   O    doub N N 45  
ASN C   OXT  sing N N 46  
ASN CB  CG   sing N N 47  
ASN CB  HB2  sing N N 48  
ASN CB  HB3  sing N N 49  
ASN CG  OD1  doub N N 50  
ASN CG  ND2  sing N N 51  
ASN ND2 HD21 sing N N 52  
ASN ND2 HD22 sing N N 53  
ASN OXT HXT  sing N N 54  
ASP N   CA   sing N N 55  
ASP N   H    sing N N 56  
ASP N   H2   sing N N 57  
ASP CA  C    sing N N 58  
ASP CA  CB   sing N N 59  
ASP CA  HA   sing N N 60  
ASP C   O    doub N N 61  
ASP C   OXT  sing N N 62  
ASP CB  CG   sing N N 63  
ASP CB  HB2  sing N N 64  
ASP CB  HB3  sing N N 65  
ASP CG  OD1  doub N N 66  
ASP CG  OD2  sing N N 67  
ASP OD2 HD2  sing N N 68  
ASP OXT HXT  sing N N 69  
CYS N   CA   sing N N 70  
CYS N   H    sing N N 71  
CYS N   H2   sing N N 72  
CYS CA  C    sing N N 73  
CYS CA  CB   sing N N 74  
CYS CA  HA   sing N N 75  
CYS C   O    doub N N 76  
CYS C   OXT  sing N N 77  
CYS CB  SG   sing N N 78  
CYS CB  HB2  sing N N 79  
CYS CB  HB3  sing N N 80  
CYS SG  HG   sing N N 81  
CYS OXT HXT  sing N N 82  
EDO C1  O1   sing N N 83  
EDO C1  C2   sing N N 84  
EDO C1  H11  sing N N 85  
EDO C1  H12  sing N N 86  
EDO O1  HO1  sing N N 87  
EDO C2  O2   sing N N 88  
EDO C2  H21  sing N N 89  
EDO C2  H22  sing N N 90  
EDO O2  HO2  sing N N 91  
GLN N   CA   sing N N 92  
GLN N   H    sing N N 93  
GLN N   H2   sing N N 94  
GLN CA  C    sing N N 95  
GLN CA  CB   sing N N 96  
GLN CA  HA   sing N N 97  
GLN C   O    doub N N 98  
GLN C   OXT  sing N N 99  
GLN CB  CG   sing N N 100 
GLN CB  HB2  sing N N 101 
GLN CB  HB3  sing N N 102 
GLN CG  CD   sing N N 103 
GLN CG  HG2  sing N N 104 
GLN CG  HG3  sing N N 105 
GLN CD  OE1  doub N N 106 
GLN CD  NE2  sing N N 107 
GLN NE2 HE21 sing N N 108 
GLN NE2 HE22 sing N N 109 
GLN OXT HXT  sing N N 110 
GLU N   CA   sing N N 111 
GLU N   H    sing N N 112 
GLU N   H2   sing N N 113 
GLU CA  C    sing N N 114 
GLU CA  CB   sing N N 115 
GLU CA  HA   sing N N 116 
GLU C   O    doub N N 117 
GLU C   OXT  sing N N 118 
GLU CB  CG   sing N N 119 
GLU CB  HB2  sing N N 120 
GLU CB  HB3  sing N N 121 
GLU CG  CD   sing N N 122 
GLU CG  HG2  sing N N 123 
GLU CG  HG3  sing N N 124 
GLU CD  OE1  doub N N 125 
GLU CD  OE2  sing N N 126 
GLU OE2 HE2  sing N N 127 
GLU OXT HXT  sing N N 128 
GLY N   CA   sing N N 129 
GLY N   H    sing N N 130 
GLY N   H2   sing N N 131 
GLY CA  C    sing N N 132 
GLY CA  HA2  sing N N 133 
GLY CA  HA3  sing N N 134 
GLY C   O    doub N N 135 
GLY C   OXT  sing N N 136 
GLY OXT HXT  sing N N 137 
HIS N   CA   sing N N 138 
HIS N   H    sing N N 139 
HIS N   H2   sing N N 140 
HIS CA  C    sing N N 141 
HIS CA  CB   sing N N 142 
HIS CA  HA   sing N N 143 
HIS C   O    doub N N 144 
HIS C   OXT  sing N N 145 
HIS CB  CG   sing N N 146 
HIS CB  HB2  sing N N 147 
HIS CB  HB3  sing N N 148 
HIS CG  ND1  sing Y N 149 
HIS CG  CD2  doub Y N 150 
HIS ND1 CE1  doub Y N 151 
HIS ND1 HD1  sing N N 152 
HIS CD2 NE2  sing Y N 153 
HIS CD2 HD2  sing N N 154 
HIS CE1 NE2  sing Y N 155 
HIS CE1 HE1  sing N N 156 
HIS NE2 HE2  sing N N 157 
HIS OXT HXT  sing N N 158 
HOH O   H1   sing N N 159 
HOH O   H2   sing N N 160 
ILE N   CA   sing N N 161 
ILE N   H    sing N N 162 
ILE N   H2   sing N N 163 
ILE CA  C    sing N N 164 
ILE CA  CB   sing N N 165 
ILE CA  HA   sing N N 166 
ILE C   O    doub N N 167 
ILE C   OXT  sing N N 168 
ILE CB  CG1  sing N N 169 
ILE CB  CG2  sing N N 170 
ILE CB  HB   sing N N 171 
ILE CG1 CD1  sing N N 172 
ILE CG1 HG12 sing N N 173 
ILE CG1 HG13 sing N N 174 
ILE CG2 HG21 sing N N 175 
ILE CG2 HG22 sing N N 176 
ILE CG2 HG23 sing N N 177 
ILE CD1 HD11 sing N N 178 
ILE CD1 HD12 sing N N 179 
ILE CD1 HD13 sing N N 180 
ILE OXT HXT  sing N N 181 
LEU N   CA   sing N N 182 
LEU N   H    sing N N 183 
LEU N   H2   sing N N 184 
LEU CA  C    sing N N 185 
LEU CA  CB   sing N N 186 
LEU CA  HA   sing N N 187 
LEU C   O    doub N N 188 
LEU C   OXT  sing N N 189 
LEU CB  CG   sing N N 190 
LEU CB  HB2  sing N N 191 
LEU CB  HB3  sing N N 192 
LEU CG  CD1  sing N N 193 
LEU CG  CD2  sing N N 194 
LEU CG  HG   sing N N 195 
LEU CD1 HD11 sing N N 196 
LEU CD1 HD12 sing N N 197 
LEU CD1 HD13 sing N N 198 
LEU CD2 HD21 sing N N 199 
LEU CD2 HD22 sing N N 200 
LEU CD2 HD23 sing N N 201 
LEU OXT HXT  sing N N 202 
LYS N   CA   sing N N 203 
LYS N   H    sing N N 204 
LYS N   H2   sing N N 205 
LYS CA  C    sing N N 206 
LYS CA  CB   sing N N 207 
LYS CA  HA   sing N N 208 
LYS C   O    doub N N 209 
LYS C   OXT  sing N N 210 
LYS CB  CG   sing N N 211 
LYS CB  HB2  sing N N 212 
LYS CB  HB3  sing N N 213 
LYS CG  CD   sing N N 214 
LYS CG  HG2  sing N N 215 
LYS CG  HG3  sing N N 216 
LYS CD  CE   sing N N 217 
LYS CD  HD2  sing N N 218 
LYS CD  HD3  sing N N 219 
LYS CE  NZ   sing N N 220 
LYS CE  HE2  sing N N 221 
LYS CE  HE3  sing N N 222 
LYS NZ  HZ1  sing N N 223 
LYS NZ  HZ2  sing N N 224 
LYS NZ  HZ3  sing N N 225 
LYS OXT HXT  sing N N 226 
MET N   CA   sing N N 227 
MET N   H    sing N N 228 
MET N   H2   sing N N 229 
MET CA  C    sing N N 230 
MET CA  CB   sing N N 231 
MET CA  HA   sing N N 232 
MET C   O    doub N N 233 
MET C   OXT  sing N N 234 
MET CB  CG   sing N N 235 
MET CB  HB2  sing N N 236 
MET CB  HB3  sing N N 237 
MET CG  SD   sing N N 238 
MET CG  HG2  sing N N 239 
MET CG  HG3  sing N N 240 
MET SD  CE   sing N N 241 
MET CE  HE1  sing N N 242 
MET CE  HE2  sing N N 243 
MET CE  HE3  sing N N 244 
MET OXT HXT  sing N N 245 
PHE N   CA   sing N N 246 
PHE N   H    sing N N 247 
PHE N   H2   sing N N 248 
PHE CA  C    sing N N 249 
PHE CA  CB   sing N N 250 
PHE CA  HA   sing N N 251 
PHE C   O    doub N N 252 
PHE C   OXT  sing N N 253 
PHE CB  CG   sing N N 254 
PHE CB  HB2  sing N N 255 
PHE CB  HB3  sing N N 256 
PHE CG  CD1  doub Y N 257 
PHE CG  CD2  sing Y N 258 
PHE CD1 CE1  sing Y N 259 
PHE CD1 HD1  sing N N 260 
PHE CD2 CE2  doub Y N 261 
PHE CD2 HD2  sing N N 262 
PHE CE1 CZ   doub Y N 263 
PHE CE1 HE1  sing N N 264 
PHE CE2 CZ   sing Y N 265 
PHE CE2 HE2  sing N N 266 
PHE CZ  HZ   sing N N 267 
PHE OXT HXT  sing N N 268 
PRO N   CA   sing N N 269 
PRO N   CD   sing N N 270 
PRO N   H    sing N N 271 
PRO CA  C    sing N N 272 
PRO CA  CB   sing N N 273 
PRO CA  HA   sing N N 274 
PRO C   O    doub N N 275 
PRO C   OXT  sing N N 276 
PRO CB  CG   sing N N 277 
PRO CB  HB2  sing N N 278 
PRO CB  HB3  sing N N 279 
PRO CG  CD   sing N N 280 
PRO CG  HG2  sing N N 281 
PRO CG  HG3  sing N N 282 
PRO CD  HD2  sing N N 283 
PRO CD  HD3  sing N N 284 
PRO OXT HXT  sing N N 285 
RGY C1  N1   sing N N 286 
RGY N1  C2   sing N N 287 
RGY N1  C7   sing N N 288 
RGY C2  C10  sing N N 289 
RGY C2  C3   sing N N 290 
RGY C10 O2   sing Y N 291 
RGY C10 C9   doub Y N 292 
RGY O2  N3   sing Y N 293 
RGY C6  C7   sing N N 294 
RGY C6  N2   sing N N 295 
RGY N3  C11  doub Y N 296 
RGY C7  C8   sing N N 297 
RGY C7  C4   sing N N 298 
RGY C9  C8   sing N N 299 
RGY C9  C11  sing Y N 300 
RGY C8  O1   sing N N 301 
RGY C11 C12  sing N N 302 
RGY N2  C5   sing N N 303 
RGY C3  C4   sing N N 304 
RGY C4  C5   sing N N 305 
RGY C4  H2   sing N N 306 
RGY C5  H3   sing N N 307 
RGY C5  H4   sing N N 308 
RGY C6  H5   sing N N 309 
RGY C6  H6   sing N N 310 
RGY C8  H7   sing N N 311 
RGY C1  H8   sing N N 312 
RGY C1  H9   sing N N 313 
RGY C1  H10  sing N N 314 
RGY C12 H11  sing N N 315 
RGY C12 H12  sing N N 316 
RGY C12 H13  sing N N 317 
RGY C2  H14  sing N N 318 
RGY C3  H15  sing N N 319 
RGY C3  H16  sing N N 320 
RGY N2  H17  sing N N 321 
RGY O1  H19  sing N N 322 
SER N   CA   sing N N 323 
SER N   H    sing N N 324 
SER N   H2   sing N N 325 
SER CA  C    sing N N 326 
SER CA  CB   sing N N 327 
SER CA  HA   sing N N 328 
SER C   O    doub N N 329 
SER C   OXT  sing N N 330 
SER CB  OG   sing N N 331 
SER CB  HB2  sing N N 332 
SER CB  HB3  sing N N 333 
SER OG  HG   sing N N 334 
SER OXT HXT  sing N N 335 
SO4 S   O1   doub N N 336 
SO4 S   O2   doub N N 337 
SO4 S   O3   sing N N 338 
SO4 S   O4   sing N N 339 
THR N   CA   sing N N 340 
THR N   H    sing N N 341 
THR N   H2   sing N N 342 
THR CA  C    sing N N 343 
THR CA  CB   sing N N 344 
THR CA  HA   sing N N 345 
THR C   O    doub N N 346 
THR C   OXT  sing N N 347 
THR CB  OG1  sing N N 348 
THR CB  CG2  sing N N 349 
THR CB  HB   sing N N 350 
THR OG1 HG1  sing N N 351 
THR CG2 HG21 sing N N 352 
THR CG2 HG22 sing N N 353 
THR CG2 HG23 sing N N 354 
THR OXT HXT  sing N N 355 
TQS C3  C2   sing N N 356 
TQS C3  C4   sing N N 357 
TQS O2  C10  sing Y N 358 
TQS O2  N3   sing Y N 359 
TQS C2  C10  sing N N 360 
TQS C2  N1   sing N N 361 
TQS C4  C5   sing N N 362 
TQS C4  C7   sing N N 363 
TQS C10 C9   doub Y N 364 
TQS C5  N2   sing N N 365 
TQS N1  C7   sing N N 366 
TQS N1  C1   sing N N 367 
TQS N3  C11  doub Y N 368 
TQS C7  C8   sing N N 369 
TQS C7  C6   sing N N 370 
TQS C9  C11  sing Y N 371 
TQS C9  C8   sing N N 372 
TQS N2  C6   sing N N 373 
TQS C11 C12  sing N N 374 
TQS C8  O1   sing N N 375 
TQS C4  H2   sing N N 376 
TQS C5  H3   sing N N 377 
TQS C5  H4   sing N N 378 
TQS C6  H5   sing N N 379 
TQS C6  H6   sing N N 380 
TQS C8  H7   sing N N 381 
TQS C1  H8   sing N N 382 
TQS C1  H9   sing N N 383 
TQS C1  H10  sing N N 384 
TQS C12 H11  sing N N 385 
TQS C12 H12  sing N N 386 
TQS C12 H13  sing N N 387 
TQS C2  H14  sing N N 388 
TQS C3  H15  sing N N 389 
TQS C3  H16  sing N N 390 
TQS N2  H17  sing N N 391 
TQS O1  H19  sing N N 392 
TYR N   CA   sing N N 393 
TYR N   H    sing N N 394 
TYR N   H2   sing N N 395 
TYR CA  C    sing N N 396 
TYR CA  CB   sing N N 397 
TYR CA  HA   sing N N 398 
TYR C   O    doub N N 399 
TYR C   OXT  sing N N 400 
TYR CB  CG   sing N N 401 
TYR CB  HB2  sing N N 402 
TYR CB  HB3  sing N N 403 
TYR CG  CD1  doub Y N 404 
TYR CG  CD2  sing Y N 405 
TYR CD1 CE1  sing Y N 406 
TYR CD1 HD1  sing N N 407 
TYR CD2 CE2  doub Y N 408 
TYR CD2 HD2  sing N N 409 
TYR CE1 CZ   doub Y N 410 
TYR CE1 HE1  sing N N 411 
TYR CE2 CZ   sing Y N 412 
TYR CE2 HE2  sing N N 413 
TYR CZ  OH   sing N N 414 
TYR OH  HH   sing N N 415 
TYR OXT HXT  sing N N 416 
VAL N   CA   sing N N 417 
VAL N   H    sing N N 418 
VAL N   H2   sing N N 419 
VAL CA  C    sing N N 420 
VAL CA  CB   sing N N 421 
VAL CA  HA   sing N N 422 
VAL C   O    doub N N 423 
VAL C   OXT  sing N N 424 
VAL CB  CG1  sing N N 425 
VAL CB  CG2  sing N N 426 
VAL CB  HB   sing N N 427 
VAL CG1 HG11 sing N N 428 
VAL CG1 HG12 sing N N 429 
VAL CG1 HG13 sing N N 430 
VAL CG2 HG21 sing N N 431 
VAL CG2 HG22 sing N N 432 
VAL CG2 HG23 sing N N 433 
VAL OXT HXT  sing N N 434 
# 
_pdbx_deposit_group.group_id            G_1002118 
_pdbx_deposit_group.group_description   
;Bromodomain of human ATAD2 screened against the Leeds 3D Fragment Library by X-ray Crystallography at the XChem
facility of Diamond Light Source beamline I04-1
;
_pdbx_deposit_group.group_title         'PanDDA analysis group deposition - Bromodomain of human ATAD2 fragment screening' 
_pdbx_deposit_group.group_type          'changed state' 
# 
loop_
_pdbx_entity_instance_feature.ordinal 
_pdbx_entity_instance_feature.comp_id 
_pdbx_entity_instance_feature.asym_id 
_pdbx_entity_instance_feature.seq_num 
_pdbx_entity_instance_feature.auth_comp_id 
_pdbx_entity_instance_feature.auth_asym_id 
_pdbx_entity_instance_feature.auth_seq_num 
_pdbx_entity_instance_feature.feature_type 
_pdbx_entity_instance_feature.details 
1 RGY ? ? RGY ? ? 'SUBJECT OF INVESTIGATION' ? 
2 TQS ? ? TQS ? ? 'SUBJECT OF INVESTIGATION' ? 
# 
_atom_sites.entry_id                    5QXI 
_atom_sites.fract_transf_matrix[1][1]   -0.00727713 
_atom_sites.fract_transf_matrix[1][2]   -0.01237592 
_atom_sites.fract_transf_matrix[1][3]   0.00113370 
_atom_sites.fract_transf_matrix[2][1]   0.00151733 
_atom_sites.fract_transf_matrix[2][2]   -0.01019364 
_atom_sites.fract_transf_matrix[2][3]   -0.01006007 
_atom_sites.fract_transf_matrix[3][1]   0.00545761 
_atom_sites.fract_transf_matrix[3][2]   -0.00286754 
_atom_sites.fract_transf_matrix[3][3]   0.00372877 
_atom_sites.fract_transf_vector[1]      0.450752 
_atom_sites.fract_transf_vector[2]      0.601353 
_atom_sites.fract_transf_vector[3]      -0.026339 
# 
loop_
_atom_type.symbol 
C 
N 
O 
S 
# 
loop_
_atom_site.group_PDB 
_atom_site.id 
_atom_site.type_symbol 
_atom_site.label_atom_id 
_atom_site.label_alt_id 
_atom_site.label_comp_id 
_atom_site.label_asym_id 
_atom_site.label_entity_id 
_atom_site.label_seq_id 
_atom_site.pdbx_PDB_ins_code 
_atom_site.Cartn_x 
_atom_site.Cartn_y 
_atom_site.Cartn_z 
_atom_site.occupancy 
_atom_site.B_iso_or_equiv 
_atom_site.pdbx_formal_charge 
_atom_site.auth_seq_id 
_atom_site.auth_comp_id 
_atom_site.auth_asym_id 
_atom_site.auth_atom_id 
_atom_site.pdbx_PDB_model_num 
ATOM   1    N N   . SER A 1 1   ? 22.164  8.613   -12.036 1.00 32.85  ? 979  SER A N   1 
ATOM   2    C CA  . SER A 1 1   ? 23.481  8.139   -11.581 1.00 35.14  ? 979  SER A CA  1 
ATOM   3    C C   . SER A 1 1   ? 23.325  6.768   -10.900 1.00 43.17  ? 979  SER A C   1 
ATOM   4    O O   . SER A 1 1   ? 22.160  6.377   -10.569 1.00 32.29  ? 979  SER A O   1 
ATOM   5    C CB  . SER A 1 1   ? 24.108  9.116   -10.645 1.00 38.62  ? 979  SER A CB  1 
ATOM   6    O OG  . SER A 1 1   ? 23.356  9.188   -9.421  1.00 34.79  ? 979  SER A OG  1 
ATOM   7    N N   . MET A 1 2   ? 24.444  6.070   -10.696 1.00 41.44  ? 980  MET A N   1 
ATOM   8    C CA  . MET A 1 2   ? 24.483  4.770   -9.965  1.00 44.53  ? 980  MET A CA  1 
ATOM   9    C C   . MET A 1 2   ? 23.992  5.022   -8.541  1.00 33.89  ? 980  MET A C   1 
ATOM   10   O O   . MET A 1 2   ? 23.254  4.197   -7.998  1.00 32.26  ? 980  MET A O   1 
ATOM   11   C CB  . MET A 1 2   ? 25.907  4.192   -9.882  1.00 51.91  ? 980  MET A CB  1 
ATOM   12   C CG  . MET A 1 2   ? 25.999  2.839   -9.149  1.00 61.78  ? 980  MET A CG  1 
ATOM   13   S SD  . MET A 1 2   ? 25.392  1.425   -10.146 1.00 94.98  ? 980  MET A SD  1 
ATOM   14   C CE  . MET A 1 2   ? 23.617  1.437   -9.865  1.00 80.43  ? 980  MET A CE  1 
ATOM   15   N N   . GLN A 1 3   ? 24.435  6.103   -7.935  1.00 29.36  ? 981  GLN A N   1 
ATOM   16   C CA  . GLN A 1 3   ? 24.089  6.465   -6.545  1.00 33.91  ? 981  GLN A CA  1 
ATOM   17   C C   . GLN A 1 3   ? 22.553  6.606   -6.459  1.00 27.21  ? 981  GLN A C   1 
ATOM   18   O O   . GLN A 1 3   ? 21.975  6.162   -5.432  1.00 25.91  ? 981  GLN A O   1 
ATOM   19   C CB  . GLN A 1 3   ? 24.858  7.708   -6.103  1.00 42.50  ? 981  GLN A CB  1 
ATOM   20   C CG  . GLN A 1 3   ? 26.351  7.629   -6.460  1.00 57.11  ? 981  GLN A CG  1 
ATOM   21   C CD  . GLN A 1 3   ? 26.675  8.225   -7.820  1.00 64.49  ? 981  GLN A CD  1 
ATOM   22   O OE1 . GLN A 1 3   ? 26.906  7.528   -8.832  1.00 58.29  ? 981  GLN A OE1 1 
ATOM   23   N NE2 . GLN A 1 3   ? 26.669  9.551   -7.862  1.00 73.58  ? 981  GLN A NE2 1 
ATOM   24   N N   . GLU A 1 4   ? 21.921  7.222   -7.452  1.00 23.44  ? 982  GLU A N   1 
ATOM   25   C CA  . GLU A 1 4   ? 20.437  7.412   -7.475  1.00 21.90  ? 982  GLU A CA  1 
ATOM   26   C C   . GLU A 1 4   ? 19.772  6.033   -7.632  1.00 19.98  ? 982  GLU A C   1 
ATOM   27   O O   . GLU A 1 4   ? 18.723  5.780   -6.941  1.00 17.82  ? 982  GLU A O   1 
ATOM   28   C CB  . GLU A 1 4   ? 20.024  8.421   -8.552  1.00 22.04  ? 982  GLU A CB  1 
ATOM   29   C CG  . GLU A 1 4   ? 20.478  9.843   -8.165  1.00 25.01  ? 982  GLU A CG  1 
ATOM   30   C CD  . GLU A 1 4   ? 20.261  10.871  -9.279  1.00 29.77  ? 982  GLU A CD  1 
ATOM   31   O OE1 . GLU A 1 4   ? 20.071  10.420  -10.443 1.00 30.34  ? 982  GLU A OE1 1 
ATOM   32   O OE2 . GLU A 1 4   ? 20.132  12.130  -8.978  1.00 25.12  ? 982  GLU A OE2 1 
ATOM   33   N N   . GLU A 1 5   ? 20.274  5.163   -8.506  1.00 20.68  ? 983  GLU A N   1 
ATOM   34   C CA  . GLU A 1 5   ? 19.695  3.809   -8.649  1.00 21.94  ? 983  GLU A CA  1 
ATOM   35   C C   . GLU A 1 5   ? 19.824  3.027   -7.310  1.00 20.69  ? 983  GLU A C   1 
ATOM   36   O O   . GLU A 1 5   ? 18.883  2.304   -6.979  1.00 18.98  ? 983  GLU A O   1 
ATOM   37   C CB  . GLU A 1 5   ? 20.320  3.033   -9.823  1.00 28.12  ? 983  GLU A CB  1 
ATOM   38   C CG  . GLU A 1 5   ? 19.955  3.676   -11.172 1.00 35.43  ? 983  GLU A CG  1 
ATOM   39   C CD  . GLU A 1 5   ? 18.486  4.067   -11.374 1.00 49.86  ? 983  GLU A CD  1 
ATOM   40   O OE1 . GLU A 1 5   ? 17.639  3.154   -11.247 1.00 64.09  ? 983  GLU A OE1 1 
ATOM   41   O OE2 . GLU A 1 5   ? 18.155  5.304   -11.627 1.00 59.68  ? 983  GLU A OE2 1 
ATOM   42   N N   . ASP A 1 6   ? 20.933  3.151   -6.607  1.00 17.95  ? 984  ASP A N   1 
ATOM   43   C CA  . ASP A 1 6   ? 21.123  2.556   -5.262  1.00 19.20  ? 984  ASP A CA  1 
ATOM   44   C C   . ASP A 1 6   ? 20.039  3.109   -4.293  1.00 17.81  ? 984  ASP A C   1 
ATOM   45   O O   . ASP A 1 6   ? 19.527  2.298   -3.435  1.00 15.69  ? 984  ASP A O   1 
ATOM   46   C CB  . ASP A 1 6   ? 22.536  2.767   -4.725  1.00 23.83  ? 984  ASP A CB  1 
ATOM   47   C CG  . ASP A 1 6   ? 23.630  1.902   -5.407  1.00 25.72  ? 984  ASP A CG  1 
ATOM   48   O OD1 . ASP A 1 6   ? 23.304  1.022   -6.233  1.00 31.84  ? 984  ASP A OD1 1 
ATOM   49   O OD2 . ASP A 1 6   ? 24.752  2.183   -5.126  1.00 40.27  ? 984  ASP A OD2 1 
ATOM   50   N N   . THR A 1 7   ? 19.716  4.410   -4.320  1.00 16.41  ? 985  THR A N   1 
ATOM   51   C CA  . THR A 1 7   ? 18.690  5.006   -3.415  1.00 14.92  ? 985  THR A CA  1 
ATOM   52   C C   . THR A 1 7   ? 17.349  4.297   -3.689  1.00 13.88  ? 985  THR A C   1 
ATOM   53   O O   . THR A 1 7   ? 16.649  3.849   -2.737  1.00 12.96  ? 985  THR A O   1 
ATOM   54   C CB  . THR A 1 7   ? 18.584  6.531   -3.567  1.00 15.03  ? 985  THR A CB  1 
ATOM   55   O OG1 . THR A 1 7   ? 19.876  7.089   -3.248  1.00 18.55  ? 985  THR A OG1 1 
ATOM   56   C CG2 . THR A 1 7   ? 17.514  7.144   -2.705  1.00 16.53  ? 985  THR A CG2 1 
ATOM   57   N N   . PHE A 1 8   ? 16.949  4.186   -4.971  1.00 14.30  ? 986  PHE A N   1 
ATOM   58   C CA  . PHE A 1 8   ? 15.653  3.570   -5.302  1.00 14.96  ? 986  PHE A CA  1 
ATOM   59   C C   . PHE A 1 8   ? 15.638  2.080   -4.931  1.00 14.42  ? 986  PHE A C   1 
ATOM   60   O O   . PHE A 1 8   ? 14.564  1.576   -4.531  1.00 14.24  ? 986  PHE A O   1 
ATOM   61   C CB  . PHE A 1 8   ? 15.213  3.836   -6.746  1.00 16.28  ? 986  PHE A CB  1 
ATOM   62   C CG  . PHE A 1 8   ? 14.864  5.261   -7.067  1.00 16.69  ? 986  PHE A CG  1 
ATOM   63   C CD1 . PHE A 1 8   ? 14.012  6.047   -6.299  1.00 18.32  ? 986  PHE A CD1 1 
ATOM   64   C CD2 . PHE A 1 8   ? 15.403  5.857   -8.200  1.00 20.37  ? 986  PHE A CD2 1 
ATOM   65   C CE1 . PHE A 1 8   ? 13.697  7.368   -6.587  1.00 20.91  ? 986  PHE A CE1 1 
ATOM   66   C CE2 . PHE A 1 8   ? 15.054  7.176   -8.505  1.00 20.76  ? 986  PHE A CE2 1 
ATOM   67   C CZ  . PHE A 1 8   ? 14.214  7.930   -7.733  1.00 22.69  ? 986  PHE A CZ  1 
ATOM   68   N N   A ARG A 1 9   ? 16.772  1.374   -5.039  0.23 14.62  ? 987  ARG A N   1 
ATOM   69   N N   B ARG A 1 9   ? 16.769  1.390   -5.077  0.23 14.04  ? 987  ARG A N   1 
ATOM   70   N N   C ARG A 1 9   ? 16.767  1.367   -5.008  0.04 13.17  ? 987  ARG A N   1 
ATOM   71   C CA  A ARG A 1 9   ? 16.858  -0.062  -4.649  0.23 15.21  ? 987  ARG A CA  1 
ATOM   72   C CA  B ARG A 1 9   ? 16.858  -0.025  -4.653  0.23 14.23  ? 987  ARG A CA  1 
ATOM   73   C CA  C ARG A 1 9   ? 16.791  -0.079  -4.646  0.04 12.46  ? 987  ARG A CA  1 
ATOM   74   C C   A ARG A 1 9   ? 16.636  -0.195  -3.130  0.23 14.03  ? 987  ARG A C   1 
ATOM   75   C C   B ARG A 1 9   ? 16.534  -0.108  -3.156  0.23 13.31  ? 987  ARG A C   1 
ATOM   76   C C   C ARG A 1 9   ? 16.715  -0.248  -3.121  0.04 12.46  ? 987  ARG A C   1 
ATOM   77   O O   A ARG A 1 9   ? 15.964  -1.162  -2.694  0.23 13.29  ? 987  ARG A O   1 
ATOM   78   O O   B ARG A 1 9   ? 15.667  -0.926  -2.790  0.23 12.23  ? 987  ARG A O   1 
ATOM   79   O O   C ARG A 1 9   ? 16.236  -1.310  -2.678  0.04 12.30  ? 987  ARG A O   1 
ATOM   80   C CB  A ARG A 1 9   ? 18.181  -0.684  -5.101  0.23 17.68  ? 987  ARG A CB  1 
ATOM   81   C CB  B ARG A 1 9   ? 18.223  -0.624  -4.968  0.23 16.01  ? 987  ARG A CB  1 
ATOM   82   C CB  C ARG A 1 9   ? 18.008  -0.810  -5.217  0.04 11.89  ? 987  ARG A CB  1 
ATOM   83   C CG  A ARG A 1 9   ? 18.123  -2.193  -5.288  0.23 20.16  ? 987  ARG A CG  1 
ATOM   84   C CG  B ARG A 1 9   ? 18.270  -2.116  -4.707  0.23 17.31  ? 987  ARG A CG  1 
ATOM   85   C CG  C ARG A 1 9   ? 17.883  -2.325  -5.137  0.04 11.40  ? 987  ARG A CG  1 
ATOM   86   C CD  A ARG A 1 9   ? 19.328  -2.771  -6.024  0.23 21.96  ? 987  ARG A CD  1 
ATOM   87   C CD  B ARG A 1 9   ? 19.419  -2.773  -5.435  0.23 19.15  ? 987  ARG A CD  1 
ATOM   88   C CD  C ARG A 1 9   ? 19.037  -3.015  -5.831  0.04 10.90  ? 987  ARG A CD  1 
ATOM   89   N NE  A ARG A 1 9   ? 19.620  -2.138  -7.301  0.23 26.31  ? 987  ARG A NE  1 
ATOM   90   N NE  B ARG A 1 9   ? 19.338  -4.199  -5.182  0.23 20.74  ? 987  ARG A NE  1 
ATOM   91   N NE  C ARG A 1 9   ? 18.984  -4.466  -5.987  0.04 10.41  ? 987  ARG A NE  1 
ATOM   92   C CZ  A ARG A 1 9   ? 20.659  -1.328  -7.552  0.23 25.32  ? 987  ARG A CZ  1 
ATOM   93   C CZ  B ARG A 1 9   ? 20.009  -4.856  -4.230  0.23 18.79  ? 987  ARG A CZ  1 
ATOM   94   C CZ  C ARG A 1 9   ? 18.941  -5.371  -5.009  0.04 10.11  ? 987  ARG A CZ  1 
ATOM   95   N NH1 A ARG A 1 9   ? 21.552  -1.044  -6.625  0.23 25.33  ? 987  ARG A NH1 1 
ATOM   96   N NH1 B ARG A 1 9   ? 19.802  -6.157  -4.153  0.23 21.98  ? 987  ARG A NH1 1 
ATOM   97   N NH1 C ARG A 1 9   ? 18.965  -6.653  -5.323  0.04 9.93   ? 987  ARG A NH1 1 
ATOM   98   N NH2 A ARG A 1 9   ? 20.782  -0.797  -8.746  0.23 26.00  ? 987  ARG A NH2 1 
ATOM   99   N NH2 B ARG A 1 9   ? 20.799  -4.239  -3.349  0.23 17.09  ? 987  ARG A NH2 1 
ATOM   100  N NH2 C ARG A 1 9   ? 18.805  -5.017  -3.742  0.04 9.78   ? 987  ARG A NH2 1 
ATOM   101  N N   . GLU A 1 10  ? 17.192  0.732   -2.343  1.00 12.45  ? 988  GLU A N   1 
ATOM   102  C CA  . GLU A 1 10  ? 16.983  0.728   -0.850  1.00 12.02  ? 988  GLU A CA  1 
ATOM   103  C C   . GLU A 1 10  ? 15.490  1.009   -0.595  1.00 11.62  ? 988  GLU A C   1 
ATOM   104  O O   . GLU A 1 10  ? 14.895  0.342   0.313   1.00 11.88  ? 988  GLU A O   1 
ATOM   105  C CB  . GLU A 1 10  ? 17.908  1.738   -0.146  1.00 13.07  ? 988  GLU A CB  1 
ATOM   106  C CG  . GLU A 1 10  ? 17.649  1.785   1.344   1.00 12.59  ? 988  GLU A CG  1 
ATOM   107  C CD  . GLU A 1 10  ? 18.723  2.377   2.231   1.00 16.13  ? 988  GLU A CD  1 
ATOM   108  O OE1 . GLU A 1 10  ? 18.434  2.525   3.498   1.00 16.39  ? 988  GLU A OE1 1 
ATOM   109  O OE2 . GLU A 1 10  ? 19.817  2.735   1.679   1.00 16.82  ? 988  GLU A OE2 1 
ATOM   110  N N   . LEU A 1 11  ? 14.874  1.968   -1.304  1.00 11.47  ? 989  LEU A N   1 
ATOM   111  C CA  . LEU A 1 11  ? 13.425  2.240   -1.128  1.00 11.23  ? 989  LEU A CA  1 
ATOM   112  C C   . LEU A 1 11  ? 12.621  0.945   -1.380  1.00 12.10  ? 989  LEU A C   1 
ATOM   113  O O   . LEU A 1 11  ? 11.753  0.563   -0.548  1.00 11.60  ? 989  LEU A O   1 
ATOM   114  C CB  . LEU A 1 11  ? 12.945  3.371   -2.044  1.00 12.24  ? 989  LEU A CB  1 
ATOM   115  C CG  . LEU A 1 11  ? 11.435  3.580   -2.044  1.00 13.09  ? 989  LEU A CG  1 
ATOM   116  C CD1 . LEU A 1 11  ? 10.955  4.099   -0.702  1.00 15.85  ? 989  LEU A CD1 1 
ATOM   117  C CD2 . LEU A 1 11  ? 11.032  4.511   -3.206  1.00 17.17  ? 989  LEU A CD2 1 
ATOM   118  N N   . ARG A 1 12  ? 12.912  0.225   -2.466  1.00 11.28  ? 990  ARG A N   1 
ATOM   119  C CA  . ARG A 1 12  ? 12.154  -1.035  -2.746  1.00 10.75  ? 990  ARG A CA  1 
ATOM   120  C C   . ARG A 1 12  ? 12.357  -2.099  -1.658  1.00 10.68  ? 990  ARG A C   1 
ATOM   121  O O   . ARG A 1 12  ? 11.319  -2.782  -1.298  1.00 10.36  ? 990  ARG A O   1 
ATOM   122  C CB  . ARG A 1 12  ? 12.557  -1.597  -4.141  1.00 11.15  ? 990  ARG A CB  1 
ATOM   123  C CG  . ARG A 1 12  ? 12.127  -0.710  -5.287  1.00 12.31  ? 990  ARG A CG  1 
ATOM   124  C CD  . ARG A 1 12  ? 12.279  -1.282  -6.680  1.00 13.89  ? 990  ARG A CD  1 
ATOM   125  N NE  . ARG A 1 12  ? 13.633  -1.703  -6.979  1.00 14.12  ? 990  ARG A NE  1 
ATOM   126  C CZ  . ARG A 1 12  ? 14.532  -0.931  -7.618  1.00 14.37  ? 990  ARG A CZ  1 
ATOM   127  N NH1 . ARG A 1 12  ? 15.758  -1.409  -7.885  1.00 17.59  ? 990  ARG A NH1 1 
ATOM   128  N NH2 . ARG A 1 12  ? 14.247  0.291   -7.948  1.00 16.23  ? 990  ARG A NH2 1 
ATOM   129  N N   . ILE A 1 13  ? 13.569  -2.302  -1.131  1.00 10.82  ? 991  ILE A N   1 
ATOM   130  C CA  . ILE A 1 13  ? 13.868  -3.241  -0.023  1.00 10.92  ? 991  ILE A CA  1 
ATOM   131  C C   . ILE A 1 13  ? 12.999  -2.852  1.190   1.00 10.63  ? 991  ILE A C   1 
ATOM   132  O O   . ILE A 1 13  ? 12.307  -3.737  1.779   1.00 11.27  ? 991  ILE A O   1 
ATOM   133  C CB  . ILE A 1 13  ? 15.368  -3.309  0.288   1.00 13.89  ? 991  ILE A CB  1 
ATOM   134  C CG1 . ILE A 1 13  ? 16.062  -3.919  -0.934  1.00 18.41  ? 991  ILE A CG1 1 
ATOM   135  C CG2 . ILE A 1 13  ? 15.570  -4.134  1.539   1.00 15.29  ? 991  ILE A CG2 1 
ATOM   136  C CD1 . ILE A 1 13  ? 17.539  -3.732  -0.933  1.00 19.77  ? 991  ILE A CD1 1 
ATOM   137  N N   . PHE A 1 14  ? 12.999  -1.570  1.535   1.00 10.83  ? 992  PHE A N   1 
ATOM   138  C CA  . PHE A 1 14  ? 12.184  -1.063  2.673   1.00 11.29  ? 992  PHE A CA  1 
ATOM   139  C C   . PHE A 1 14  ? 10.701  -1.350  2.450   1.00 11.78  ? 992  PHE A C   1 
ATOM   140  O O   . PHE A 1 14  ? 10.018  -1.901  3.386   1.00 11.51  ? 992  PHE A O   1 
ATOM   141  C CB  . PHE A 1 14  ? 12.464  0.434   2.909   1.00 11.68  ? 992  PHE A CB  1 
ATOM   142  C CG  . PHE A 1 14  ? 11.630  1.072   3.998   1.00 12.97  ? 992  PHE A CG  1 
ATOM   143  C CD1 . PHE A 1 14  ? 11.875  0.827   5.330   1.00 16.53  ? 992  PHE A CD1 1 
ATOM   144  C CD2 . PHE A 1 14  ? 10.611  1.908   3.612   1.00 15.51  ? 992  PHE A CD2 1 
ATOM   145  C CE1 . PHE A 1 14  ? 11.046  1.381   6.312   1.00 16.91  ? 992  PHE A CE1 1 
ATOM   146  C CE2 . PHE A 1 14  ? 9.788   2.481   4.588   1.00 18.28  ? 992  PHE A CE2 1 
ATOM   147  C CZ  . PHE A 1 14  ? 10.017  2.190   5.916   1.00 14.28  ? 992  PHE A CZ  1 
ATOM   148  N N   . LEU A 1 15  ? 10.154  -0.999  1.277   1.00 10.89  ? 993  LEU A N   1 
ATOM   149  C CA  . LEU A 1 15  ? 8.714   -1.199  0.980   1.00 10.87  ? 993  LEU A CA  1 
ATOM   150  C C   . LEU A 1 15  ? 8.339   -2.678  1.003   1.00 10.64  ? 993  LEU A C   1 
ATOM   151  O O   . LEU A 1 15  ? 7.217   -3.027  1.516   1.00 10.88  ? 993  LEU A O   1 
ATOM   152  C CB  . LEU A 1 15  ? 8.355   -0.522  -0.340  1.00 12.39  ? 993  LEU A CB  1 
ATOM   153  C CG  . LEU A 1 15  ? 8.497   1.014   -0.330  1.00 12.46  ? 993  LEU A CG  1 
ATOM   154  C CD1 . LEU A 1 15  ? 8.113   1.567   -1.731  1.00 14.17  ? 993  LEU A CD1 1 
ATOM   155  C CD2 . LEU A 1 15  ? 7.694   1.656   0.792   1.00 14.82  ? 993  LEU A CD2 1 
ATOM   156  N N   . ARG A 1 16  ? 9.166   -3.545  0.477   1.00 11.18  ? 994  ARG A N   1 
ATOM   157  C CA  . ARG A 1 16  ? 8.863   -4.995  0.458   1.00 11.20  ? 994  ARG A CA  1 
ATOM   158  C C   . ARG A 1 16  ? 8.769   -5.514  1.895   1.00 13.26  ? 994  ARG A C   1 
ATOM   159  O O   . ARG A 1 16  ? 7.900   -6.359  2.215   1.00 13.08  ? 994  ARG A O   1 
ATOM   160  C CB  . ARG A 1 16  ? 9.898   -5.873  -0.261  1.00 13.89  ? 994  ARG A CB  1 
ATOM   161  C CG  . ARG A 1 16  ? 9.997   -5.684  -1.743  1.00 15.54  ? 994  ARG A CG  1 
ATOM   162  C CD  . ARG A 1 16  ? 10.753  -6.878  -2.388  1.00 16.32  ? 994  ARG A CD  1 
ATOM   163  N NE  . ARG A 1 16  ? 11.129  -6.424  -3.686  1.00 17.43  ? 994  ARG A NE  1 
ATOM   164  C CZ  . ARG A 1 16  ? 12.133  -5.680  -4.038  1.00 18.59  ? 994  ARG A CZ  1 
ATOM   165  N NH1 . ARG A 1 16  ? 13.185  -5.448  -3.285  1.00 16.99  ? 994  ARG A NH1 1 
ATOM   166  N NH2 . ARG A 1 16  ? 12.167  -5.256  -5.291  1.00 20.90  ? 994  ARG A NH2 1 
ATOM   167  N N   . ASN A 1 17  ? 9.660   -5.065  2.795   1.00 11.24  ? 995  ASN A N   1 
ATOM   168  C CA  . ASN A 1 17  ? 9.690   -5.496  4.213   1.00 12.33  ? 995  ASN A CA  1 
ATOM   169  C C   . ASN A 1 17  ? 8.418   -5.017  4.921   1.00 11.76  ? 995  ASN A C   1 
ATOM   170  O O   . ASN A 1 17  ? 7.775   -5.898  5.611   1.00 11.87  ? 995  ASN A O   1 
ATOM   171  C CB  . ASN A 1 17  ? 10.962  -5.029  4.902   1.00 12.60  ? 995  ASN A CB  1 
ATOM   172  C CG  . ASN A 1 17  ? 10.924  -5.441  6.359   1.00 15.50  ? 995  ASN A CG  1 
ATOM   173  O OD1 . ASN A 1 17  ? 10.622  -4.632  7.173   1.00 16.06  ? 995  ASN A OD1 1 
ATOM   174  N ND2 . ASN A 1 17  ? 11.220  -6.697  6.658   1.00 18.60  ? 995  ASN A ND2 1 
ATOM   175  N N   . VAL A 1 18  ? 8.031   -3.767  4.777   1.00 10.75  ? 996  VAL A N   1 
ATOM   176  C CA  . VAL A 1 18  ? 6.777   -3.261  5.411   1.00 11.20  ? 996  VAL A CA  1 
ATOM   177  C C   . VAL A 1 18  ? 5.594   -4.109  4.904   1.00 11.84  ? 996  VAL A C   1 
ATOM   178  O O   . VAL A 1 18  ? 4.734   -4.572  5.698   1.00 11.31  ? 996  VAL A O   1 
ATOM   179  C CB  . VAL A 1 18  ? 6.532   -1.767  5.148   1.00 12.35  ? 996  VAL A CB  1 
ATOM   180  C CG1 . VAL A 1 18  ? 5.189   -1.310  5.708   1.00 13.54  ? 996  VAL A CG1 1 
ATOM   181  C CG2 . VAL A 1 18  ? 7.699   -0.952  5.724   1.00 14.13  ? 996  VAL A CG2 1 
ATOM   182  N N   . THR A 1 19  ? 5.521   -4.312  3.580   1.00 10.38  ? 997  THR A N   1 
ATOM   183  C CA  . THR A 1 19  ? 4.364   -5.004  2.937   1.00 11.34  ? 997  THR A CA  1 
ATOM   184  C C   . THR A 1 19  ? 4.268   -6.461  3.426   1.00 12.28  ? 997  THR A C   1 
ATOM   185  O O   . THR A 1 19  ? 3.148   -6.936  3.721   1.00 12.77  ? 997  THR A O   1 
ATOM   186  C CB  . THR A 1 19  ? 4.438   -4.931  1.405   1.00 11.45  ? 997  THR A CB  1 
ATOM   187  O OG1 . THR A 1 19  ? 4.568   -3.565  1.027   1.00 11.90  ? 997  THR A OG1 1 
ATOM   188  C CG2 . THR A 1 19  ? 3.188   -5.465  0.728   1.00 13.57  ? 997  THR A CG2 1 
ATOM   189  N N   . HIS A 1 20  ? 5.379   -7.192  3.452   0.51 13.03  ? 998  HIS A N   1 
ATOM   190  C CA  . HIS A 1 20  ? 5.366   -8.620  3.869   0.51 14.22  ? 998  HIS A CA  1 
ATOM   191  C C   . HIS A 1 20  ? 4.952   -8.712  5.345   0.51 13.82  ? 998  HIS A C   1 
ATOM   192  O O   . HIS A 1 20  ? 4.251   -9.676  5.697   0.51 14.30  ? 998  HIS A O   1 
ATOM   193  C CB  . HIS A 1 20  ? 6.697   -9.312  3.527   0.51 16.15  ? 998  HIS A CB  1 
ATOM   194  C CG  . HIS A 1 20  ? 6.815   -9.716  2.088   0.51 18.22  ? 998  HIS A CG  1 
ATOM   195  N ND1 . HIS A 1 20  ? 7.963   -9.486  1.342   0.51 21.32  ? 998  HIS A ND1 1 
ATOM   196  C CD2 . HIS A 1 20  ? 5.949   -10.343 1.251   0.51 19.54  ? 998  HIS A CD2 1 
ATOM   197  C CE1 . HIS A 1 20  ? 7.780   -9.923  0.108   0.51 20.29  ? 998  HIS A CE1 1 
ATOM   198  N NE2 . HIS A 1 20  ? 6.563   -10.444 0.024   0.51 20.16  ? 998  HIS A NE2 1 
ATOM   199  N N   . ARG A 1 21  ? 5.316   -7.738  6.186   0.51 13.36  ? 999  ARG A N   1 
ATOM   200  C CA  . ARG A 1 21  ? 4.902   -7.735  7.618   0.51 13.48  ? 999  ARG A CA  1 
ATOM   201  C C   . ARG A 1 21  ? 3.375   -7.539  7.723   0.51 13.28  ? 999  ARG A C   1 
ATOM   202  O O   . ARG A 1 21  ? 2.743   -8.254  8.537   0.51 13.78  ? 999  ARG A O   1 
ATOM   203  C CB  . ARG A 1 21  ? 5.714   -6.694  8.392   0.51 13.87  ? 999  ARG A CB  1 
ATOM   204  C CG  . ARG A 1 21  ? 7.185   -7.083  8.497   0.51 14.33  ? 999  ARG A CG  1 
ATOM   205  C CD  . ARG A 1 21  ? 8.144   -5.930  8.758   0.51 14.81  ? 999  ARG A CD  1 
ATOM   206  N NE  . ARG A 1 21  ? 7.910   -5.296  10.041  0.51 15.22  ? 999  ARG A NE  1 
ATOM   207  C CZ  . ARG A 1 21  ? 8.444   -4.132  10.402  0.51 14.83  ? 999  ARG A CZ  1 
ATOM   208  N NH1 . ARG A 1 21  ? 8.187   -3.639  11.597  0.51 14.61  ? 999  ARG A NH1 1 
ATOM   209  N NH2 . ARG A 1 21  ? 9.251   -3.483  9.578   0.51 15.06  ? 999  ARG A NH2 1 
ATOM   210  N N   . LEU A 1 22  ? 2.800   -6.614  6.947   1.00 12.70  ? 1000 LEU A N   1 
ATOM   211  C CA  . LEU A 1 22  ? 1.306   -6.412  6.900   1.00 12.27  ? 1000 LEU A CA  1 
ATOM   212  C C   . LEU A 1 22  ? 0.682   -7.736  6.439   1.00 13.75  ? 1000 LEU A C   1 
ATOM   213  O O   . LEU A 1 22  ? -0.329  -8.182  7.050   1.00 14.39  ? 1000 LEU A O   1 
ATOM   214  C CB  . LEU A 1 22  ? 0.931   -5.252  5.980   1.00 12.55  ? 1000 LEU A CB  1 
ATOM   215  C CG  . LEU A 1 22  ? 1.447   -3.883  6.411   1.00 14.03  ? 1000 LEU A CG  1 
ATOM   216  C CD1 . LEU A 1 22  ? 1.177   -2.849  5.333   1.00 15.53  ? 1000 LEU A CD1 1 
ATOM   217  C CD2 . LEU A 1 22  ? 0.857   -3.429  7.739   1.00 15.14  ? 1000 LEU A CD2 1 
ATOM   218  N N   . ALA A 1 23  ? 1.211   -8.381  5.422   1.00 13.18  ? 1001 ALA A N   1 
ATOM   219  C CA  . ALA A 1 23  ? 0.601   -9.560  4.751   1.00 14.15  ? 1001 ALA A CA  1 
ATOM   220  C C   . ALA A 1 23  ? 0.593   -10.797 5.653   1.00 16.14  ? 1001 ALA A C   1 
ATOM   221  O O   . ALA A 1 23  ? -0.359  -11.647 5.411   1.00 17.16  ? 1001 ALA A O   1 
ATOM   222  C CB  . ALA A 1 23  ? 1.249   -9.851  3.432   1.00 16.47  ? 1001 ALA A CB  1 
ATOM   223  N N   . ILE A 1 24  ? 1.502   -10.916 6.618   1.00 15.34  ? 1002 ILE A N   1 
ATOM   224  C CA  . ILE A 1 24  ? 1.487   -12.106 7.522   1.00 16.80  ? 1002 ILE A CA  1 
ATOM   225  C C   . ILE A 1 24  ? 0.573   -11.891 8.729   1.00 19.26  ? 1002 ILE A C   1 
ATOM   226  O O   . ILE A 1 24  ? 0.419   -12.852 9.551   1.00 20.96  ? 1002 ILE A O   1 
ATOM   227  C CB  . ILE A 1 24  ? 2.899   -12.564 7.937   1.00 18.10  ? 1002 ILE A CB  1 
ATOM   228  C CG1 . ILE A 1 24  ? 3.606   -11.515 8.795   1.00 19.00  ? 1002 ILE A CG1 1 
ATOM   229  C CG2 . ILE A 1 24  ? 3.698   -12.963 6.709   1.00 21.88  ? 1002 ILE A CG2 1 
ATOM   230  C CD1 . ILE A 1 24  ? 4.995   -11.932 9.345   1.00 26.91  ? 1002 ILE A CD1 1 
ATOM   231  N N   . ASP A 1 25  ? 0.079   -10.687 8.988   1.00 16.27  ? 1003 ASP A N   1 
ATOM   232  C CA  . ASP A 1 25  ? -0.779  -10.381 10.168  1.00 16.08  ? 1003 ASP A CA  1 
ATOM   233  C C   . ASP A 1 25  ? -2.151  -11.031 9.874   1.00 17.84  ? 1003 ASP A C   1 
ATOM   234  O O   . ASP A 1 25  ? -2.792  -10.696 8.849   1.00 16.94  ? 1003 ASP A O   1 
ATOM   235  C CB  . ASP A 1 25  ? -0.876  -8.886  10.408  1.00 17.81  ? 1003 ASP A CB  1 
ATOM   236  C CG  . ASP A 1 25  ? -1.515  -8.464  11.711  1.00 19.52  ? 1003 ASP A CG  1 
ATOM   237  O OD1 . ASP A 1 25  ? -2.676  -8.920  11.962  1.00 21.09  ? 1003 ASP A OD1 1 
ATOM   238  O OD2 . ASP A 1 25  ? -0.940  -7.600  12.402  1.00 21.99  ? 1003 ASP A OD2 1 
ATOM   239  N N   . LYS A 1 26  ? -2.667  -11.900 10.778  1.00 18.87  ? 1004 LYS A N   1 
ATOM   240  C CA  . LYS A 1 26  ? -3.961  -12.593 10.530  1.00 20.99  ? 1004 LYS A CA  1 
ATOM   241  C C   . LYS A 1 26  ? -5.142  -11.607 10.327  1.00 17.02  ? 1004 LYS A C   1 
ATOM   242  O O   . LYS A 1 26  ? -6.082  -11.978 9.583   1.00 19.36  ? 1004 LYS A O   1 
ATOM   243  C CB  . LYS A 1 26  ? -4.281  -13.573 11.689  1.00 22.94  ? 1004 LYS A CB  1 
ATOM   244  N N   . ARG A 1 27  ? -5.090  -10.423 10.906  1.00 16.68  ? 1005 ARG A N   1 
ATOM   245  C CA  . ARG A 1 27  ? -6.201  -9.433  10.806  1.00 17.88  ? 1005 ARG A CA  1 
ATOM   246  C C   . ARG A 1 27  ? -6.358  -8.988  9.349   1.00 17.20  ? 1005 ARG A C   1 
ATOM   247  O O   . ARG A 1 27  ? -7.463  -8.552  8.941   1.00 17.22  ? 1005 ARG A O   1 
ATOM   248  C CB  . ARG A 1 27  ? -5.959  -8.157  11.581  1.00 17.68  ? 1005 ARG A CB  1 
ATOM   249  C CG  . ARG A 1 27  ? -5.995  -8.306  13.107  1.00 20.83  ? 1005 ARG A CG  1 
ATOM   250  C CD  . ARG A 1 27  ? -5.626  -7.019  13.797  1.00 19.45  ? 1005 ARG A CD  1 
ATOM   251  N NE  . ARG A 1 27  ? -4.193  -6.753  13.611  1.00 20.40  ? 1005 ARG A NE  1 
ATOM   252  C CZ  . ARG A 1 27  ? -3.571  -5.637  13.942  1.00 20.44  ? 1005 ARG A CZ  1 
ATOM   253  N NH1 . ARG A 1 27  ? -4.200  -4.611  14.508  1.00 21.31  ? 1005 ARG A NH1 1 
ATOM   254  N NH2 . ARG A 1 27  ? -2.278  -5.508  13.714  1.00 21.44  ? 1005 ARG A NH2 1 
ATOM   255  N N   . PHE A 1 28  ? -5.281  -9.072  8.566   1.00 15.33  ? 1006 PHE A N   1 
ATOM   256  C CA  . PHE A 1 28  ? -5.268  -8.465  7.207   1.00 15.05  ? 1006 PHE A CA  1 
ATOM   257  C C   . PHE A 1 28  ? -5.304  -9.493  6.093   1.00 16.65  ? 1006 PHE A C   1 
ATOM   258  O O   . PHE A 1 28  ? -5.184  -9.130  4.886   1.00 16.69  ? 1006 PHE A O   1 
ATOM   259  C CB  . PHE A 1 28  ? -4.010  -7.572  7.100   1.00 14.17  ? 1006 PHE A CB  1 
ATOM   260  C CG  . PHE A 1 28  ? -3.854  -6.546  8.181   1.00 14.49  ? 1006 PHE A CG  1 
ATOM   261  C CD1 . PHE A 1 28  ? -4.945  -5.889  8.794   1.00 14.77  ? 1006 PHE A CD1 1 
ATOM   262  C CD2 . PHE A 1 28  ? -2.573  -6.169  8.615   1.00 13.42  ? 1006 PHE A CD2 1 
ATOM   263  C CE1 . PHE A 1 28  ? -4.766  -4.982  9.808   1.00 14.74  ? 1006 PHE A CE1 1 
ATOM   264  C CE2 . PHE A 1 28  ? -2.409  -5.263  9.642   1.00 14.42  ? 1006 PHE A CE2 1 
ATOM   265  C CZ  . PHE A 1 28  ? -3.497  -4.644  10.252  1.00 16.45  ? 1006 PHE A CZ  1 
ATOM   266  N N   . ARG A 1 29  ? -5.653  -10.749 6.389   1.00 16.59  ? 1007 ARG A N   1 
ATOM   267  C CA  . ARG A 1 29  ? -5.784  -11.796 5.361   1.00 16.58  ? 1007 ARG A CA  1 
ATOM   268  C C   . ARG A 1 29  ? -6.705  -11.376 4.220   1.00 16.08  ? 1007 ARG A C   1 
ATOM   269  O O   . ARG A 1 29  ? -6.415  -11.709 3.037   1.00 16.82  ? 1007 ARG A O   1 
ATOM   270  C CB  . ARG A 1 29  ? -6.288  -13.079 6.037   1.00 20.37  ? 1007 ARG A CB  1 
ATOM   271  C CG  . ARG A 1 29  ? -6.291  -14.244 5.095   1.00 26.78  ? 1007 ARG A CG  1 
ATOM   272  C CD  . ARG A 1 29  ? -6.727  -15.502 5.826   1.00 40.97  ? 1007 ARG A CD  1 
ATOM   273  N NE  . ARG A 1 29  ? -6.573  -16.639 4.918   1.00 55.73  ? 1007 ARG A NE  1 
ATOM   274  C CZ  . ARG A 1 29  ? -7.403  -16.945 3.913   1.00 78.28  ? 1007 ARG A CZ  1 
ATOM   275  N NH1 . ARG A 1 29  ? -7.165  -18.013 3.164   1.00 88.19  ? 1007 ARG A NH1 1 
ATOM   276  N NH2 . ARG A 1 29  ? -8.461  -16.192 3.647   1.00 87.94  ? 1007 ARG A NH2 1 
ATOM   277  N N   . VAL A 1 30  ? -7.830  -10.704 4.524   1.00 16.72  ? 1008 VAL A N   1 
ATOM   278  C CA  . VAL A 1 30  ? -8.864  -10.320 3.526   1.00 19.30  ? 1008 VAL A CA  1 
ATOM   279  C C   . VAL A 1 30  ? -8.257  -9.347  2.476   1.00 18.14  ? 1008 VAL A C   1 
ATOM   280  O O   . VAL A 1 30  ? -8.773  -9.275  1.354   1.00 21.02  ? 1008 VAL A O   1 
ATOM   281  C CB  . VAL A 1 30  ? -10.066 -9.701  4.283   1.00 23.99  ? 1008 VAL A CB  1 
ATOM   282  C CG1 . VAL A 1 30  ? -9.755  -8.440  5.077   1.00 25.12  ? 1008 VAL A CG1 1 
ATOM   283  C CG2 . VAL A 1 30  ? -11.266 -9.475  3.410   1.00 30.69  ? 1008 VAL A CG2 1 
ATOM   284  N N   . PHE A 1 31  ? -7.143  -8.690  2.816   1.00 15.66  ? 1009 PHE A N   1 
ATOM   285  C CA  . PHE A 1 31  ? -6.517  -7.689  1.921   1.00 14.39  ? 1009 PHE A CA  1 
ATOM   286  C C   . PHE A 1 31  ? -5.312  -8.286  1.193   1.00 15.37  ? 1009 PHE A C   1 
ATOM   287  O O   . PHE A 1 31  ? -4.654  -7.480  0.452   1.00 16.01  ? 1009 PHE A O   1 
ATOM   288  C CB  . PHE A 1 31  ? -6.095  -6.463  2.720   1.00 13.27  ? 1009 PHE A CB  1 
ATOM   289  C CG  . PHE A 1 31  ? -7.189  -5.847  3.577   1.00 14.39  ? 1009 PHE A CG  1 
ATOM   290  C CD1 . PHE A 1 31  ? -8.361  -5.354  3.020   1.00 14.98  ? 1009 PHE A CD1 1 
ATOM   291  C CD2 . PHE A 1 31  ? -7.049  -5.740  4.944   1.00 17.03  ? 1009 PHE A CD2 1 
ATOM   292  C CE1 . PHE A 1 31  ? -9.397  -4.851  3.797   1.00 16.26  ? 1009 PHE A CE1 1 
ATOM   293  C CE2 . PHE A 1 31  ? -8.081  -5.200  5.726   1.00 17.79  ? 1009 PHE A CE2 1 
ATOM   294  C CZ  . PHE A 1 31  ? -9.273  -4.796  5.165   1.00 16.98  ? 1009 PHE A CZ  1 
ATOM   295  N N   . THR A 1 32  ? -5.019  -9.565  1.303   1.00 16.21  ? 1010 THR A N   1 
ATOM   296  C CA  . THR A 1 32  ? -3.777  -10.146 0.728   1.00 16.10  ? 1010 THR A CA  1 
ATOM   297  C C   . THR A 1 32  ? -3.887  -10.511 -0.757  1.00 20.99  ? 1010 THR A C   1 
ATOM   298  O O   . THR A 1 32  ? -2.825  -10.598 -1.385  1.00 23.21  ? 1010 THR A O   1 
ATOM   299  C CB  . THR A 1 32  ? -3.269  -11.350 1.509   1.00 18.57  ? 1010 THR A CB  1 
ATOM   300  O OG1 . THR A 1 32  ? -4.229  -12.419 1.552   1.00 17.45  ? 1010 THR A OG1 1 
ATOM   301  C CG2 . THR A 1 32  ? -2.846  -10.985 2.908   1.00 17.70  ? 1010 THR A CG2 1 
ATOM   302  N N   . LYS A 1 33  ? -5.082  -10.720 -1.283  1.00 19.51  ? 1011 LYS A N   1 
ATOM   303  C CA  . LYS A 1 33  ? -5.279  -11.098 -2.698  1.00 20.70  ? 1011 LYS A CA  1 
ATOM   304  C C   . LYS A 1 33  ? -6.410  -10.287 -3.283  1.00 19.33  ? 1011 LYS A C   1 
ATOM   305  O O   . LYS A 1 33  ? -7.313  -9.822  -2.578  1.00 19.25  ? 1011 LYS A O   1 
ATOM   306  C CB  . LYS A 1 33  ? -5.642  -12.593 -2.770  1.00 25.75  ? 1011 LYS A CB  1 
ATOM   307  C CG  . LYS A 1 33  ? -4.511  -13.506 -2.299  1.00 32.12  ? 1011 LYS A CG  1 
ATOM   308  C CD  . LYS A 1 33  ? -4.703  -14.990 -2.638  1.00 47.92  ? 1011 LYS A CD  1 
ATOM   309  C CE  . LYS A 1 33  ? -5.976  -15.584 -2.064  1.00 56.62  ? 1011 LYS A CE  1 
ATOM   310  N NZ  . LYS A 1 33  ? -6.145  -17.006 -2.465  1.00 69.70  ? 1011 LYS A NZ  1 
ATOM   311  N N   . PRO A 1 34  ? -6.452  -10.179 -4.625  1.00 20.43  ? 1012 PRO A N   1 
ATOM   312  C CA  . PRO A 1 34  ? -7.555  -9.459  -5.252  1.00 22.14  ? 1012 PRO A CA  1 
ATOM   313  C C   . PRO A 1 34  ? -8.909  -10.140 -4.964  1.00 25.46  ? 1012 PRO A C   1 
ATOM   314  O O   . PRO A 1 34  ? -8.959  -11.320 -4.743  1.00 27.30  ? 1012 PRO A O   1 
ATOM   315  C CB  . PRO A 1 34  ? -7.238  -9.459  -6.761  1.00 24.97  ? 1012 PRO A CB  1 
ATOM   316  C CG  . PRO A 1 34  ? -5.924  -10.130 -6.924  1.00 25.38  ? 1012 PRO A CG  1 
ATOM   317  C CD  . PRO A 1 34  ? -5.453  -10.676 -5.586  1.00 22.43  ? 1012 PRO A CD  1 
ATOM   318  N N   . VAL A 1 35  ? -9.984  -9.374  -4.996  1.00 27.17  ? 1013 VAL A N   1 
ATOM   319  C CA  . VAL A 1 35  ? -11.367 -9.930  -4.813  1.00 30.01  ? 1013 VAL A CA  1 
ATOM   320  C C   . VAL A 1 35  ? -11.684 -10.865 -5.992  1.00 37.57  ? 1013 VAL A C   1 
ATOM   321  O O   . VAL A 1 35  ? -11.481 -10.460 -7.143  1.00 36.96  ? 1013 VAL A O   1 
ATOM   322  C CB  . VAL A 1 35  ? -12.402 -8.812  -4.672  1.00 29.16  ? 1013 VAL A CB  1 
ATOM   323  C CG1 . VAL A 1 35  ? -13.827 -9.383  -4.703  1.00 30.96  ? 1013 VAL A CG1 1 
ATOM   324  C CG2 . VAL A 1 35  ? -12.195 -8.025  -3.409  1.00 29.08  ? 1013 VAL A CG2 1 
ATOM   325  N N   . ASP A 1 36  ? -12.156 -12.089 -5.718  1.00 41.06  ? 1014 ASP A N   1 
ATOM   326  C CA  . ASP A 1 36  ? -12.413 -13.108 -6.774  1.00 49.86  ? 1014 ASP A CA  1 
ATOM   327  C C   . ASP A 1 36  ? -13.682 -12.708 -7.538  1.00 48.84  ? 1014 ASP A C   1 
ATOM   328  O O   . ASP A 1 36  ? -14.751 -12.669 -6.937  1.00 46.79  ? 1014 ASP A O   1 
ATOM   329  C CB  . ASP A 1 36  ? -12.485 -14.487 -6.120  1.00 54.97  ? 1014 ASP A CB  1 
ATOM   330  C CG  . ASP A 1 36  ? -12.700 -15.635 -7.095  1.00 67.96  ? 1014 ASP A CG  1 
ATOM   331  O OD1 . ASP A 1 36  ? -12.795 -15.376 -8.330  1.00 59.88  ? 1014 ASP A OD1 1 
ATOM   332  O OD2 . ASP A 1 36  ? -12.782 -16.780 -6.607  1.00 76.95  ? 1014 ASP A OD2 1 
ATOM   333  N N   . PRO A 1 37  ? -13.618 -12.312 -8.836  1.00 53.67  ? 1015 PRO A N   1 
ATOM   334  C CA  . PRO A 1 37  ? -14.816 -11.879 -9.567  1.00 65.88  ? 1015 PRO A CA  1 
ATOM   335  C C   . PRO A 1 37  ? -15.964 -12.901 -9.551  1.00 70.25  ? 1015 PRO A C   1 
ATOM   336  O O   . PRO A 1 37  ? -17.107 -12.489 -9.498  1.00 76.44  ? 1015 PRO A O   1 
ATOM   337  C CB  . PRO A 1 37  ? -14.336 -11.655 -11.005 1.00 62.97  ? 1015 PRO A CB  1 
ATOM   338  C CG  . PRO A 1 37  ? -12.857 -11.356 -10.840 1.00 63.90  ? 1015 PRO A CG  1 
ATOM   339  C CD  . PRO A 1 37  ? -12.408 -12.222 -9.671  1.00 59.75  ? 1015 PRO A CD  1 
ATOM   340  N N   . ASP A 1 38  ? -15.643 -14.196 -9.543  1.00 74.77  ? 1016 ASP A N   1 
ATOM   341  C CA  . ASP A 1 38  ? -16.649 -15.282 -9.406  1.00 80.28  ? 1016 ASP A CA  1 
ATOM   342  C C   . ASP A 1 38  ? -17.434 -15.105 -8.104  1.00 80.44  ? 1016 ASP A C   1 
ATOM   343  O O   . ASP A 1 38  ? -18.630 -14.782 -8.179  1.00 90.90  ? 1016 ASP A O   1 
ATOM   344  C CB  . ASP A 1 38  ? -15.996 -16.657 -9.498  1.00 84.16  ? 1016 ASP A CB  1 
ATOM   345  C CG  . ASP A 1 38  ? -15.590 -16.985 -10.920 1.00 87.51  ? 1016 ASP A CG  1 
ATOM   346  O OD1 . ASP A 1 38  ? -15.684 -16.078 -11.800 1.00 75.57  ? 1016 ASP A OD1 1 
ATOM   347  O OD2 . ASP A 1 38  ? -15.182 -18.137 -11.137 1.00 100.40 ? 1016 ASP A OD2 1 
ATOM   348  N N   . GLU A 1 39  ? -16.794 -15.271 -6.954  1.00 71.64  ? 1017 GLU A N   1 
ATOM   349  C CA  . GLU A 1 39  ? -17.488 -15.104 -5.653  1.00 75.65  ? 1017 GLU A CA  1 
ATOM   350  C C   . GLU A 1 39  ? -18.240 -13.762 -5.591  1.00 70.58  ? 1017 GLU A C   1 
ATOM   351  O O   . GLU A 1 39  ? -19.248 -13.706 -4.858  1.00 71.12  ? 1017 GLU A O   1 
ATOM   352  C CB  . GLU A 1 39  ? -16.495 -15.174 -4.496  1.00 84.07  ? 1017 GLU A CB  1 
ATOM   353  C CG  . GLU A 1 39  ? -15.916 -16.551 -4.254  1.00 93.61  ? 1017 GLU A CG  1 
ATOM   354  C CD  . GLU A 1 39  ? -14.872 -16.538 -3.152  1.00 100.00 ? 1017 GLU A CD  1 
ATOM   355  O OE1 . GLU A 1 39  ? -13.823 -17.196 -3.319  1.00 99.28  ? 1017 GLU A OE1 1 
ATOM   356  O OE2 . GLU A 1 39  ? -15.107 -15.840 -2.136  1.00 102.93 ? 1017 GLU A OE2 1 
ATOM   357  N N   . VAL A 1 40  ? -17.754 -12.700 -6.256  1.00 61.21  ? 1018 VAL A N   1 
ATOM   358  C CA  . VAL A 1 40  ? -18.239 -11.304 -6.017  1.00 51.25  ? 1018 VAL A CA  1 
ATOM   359  C C   . VAL A 1 40  ? -18.284 -10.515 -7.317  1.00 55.25  ? 1018 VAL A C   1 
ATOM   360  O O   . VAL A 1 40  ? -17.486 -9.601  -7.492  1.00 36.21  ? 1018 VAL A O   1 
ATOM   361  C CB  . VAL A 1 40  ? -17.313 -10.580 -5.034  1.00 52.45  ? 1018 VAL A CB  1 
ATOM   362  C CG1 . VAL A 1 40  ? -18.030 -9.491  -4.265  1.00 45.92  ? 1018 VAL A CG1 1 
ATOM   363  C CG2 . VAL A 1 40  ? -16.643 -11.567 -4.110  1.00 55.84  ? 1018 VAL A CG2 1 
ATOM   364  N N   . PRO A 1 41  ? -19.248 -10.788 -8.233  1.00 54.79  ? 1019 PRO A N   1 
ATOM   365  C CA  . PRO A 1 41  ? -19.218 -10.197 -9.579  1.00 43.58  ? 1019 PRO A CA  1 
ATOM   366  C C   . PRO A 1 41  ? -19.585 -8.709  -9.531  1.00 38.53  ? 1019 PRO A C   1 
ATOM   367  O O   . PRO A 1 41  ? -19.225 -7.899  -10.374 1.00 45.75  ? 1019 PRO A O   1 
ATOM   368  C CB  . PRO A 1 41  ? -20.253 -11.041 -10.348 1.00 54.13  ? 1019 PRO A CB  1 
ATOM   369  C CG  . PRO A 1 41  ? -21.250 -11.475 -9.269  1.00 54.53  ? 1019 PRO A CG  1 
ATOM   370  C CD  . PRO A 1 41  ? -20.445 -11.616 -7.989  1.00 59.03  ? 1019 PRO A CD  1 
ATOM   371  N N   . ASP A 1 42  ? -20.256 -8.339  -8.465  1.00 34.50  ? 1020 ASP A N   1 
ATOM   372  C CA  . ASP A 1 42  ? -20.684 -6.957  -8.202  1.00 32.85  ? 1020 ASP A CA  1 
ATOM   373  C C   . ASP A 1 42  ? -19.475 -6.051  -7.831  1.00 29.50  ? 1020 ASP A C   1 
ATOM   374  O O   . ASP A 1 42  ? -19.614 -4.832  -7.895  1.00 29.95  ? 1020 ASP A O   1 
ATOM   375  C CB  . ASP A 1 42  ? -21.662 -7.090  -7.049  1.00 41.51  ? 1020 ASP A CB  1 
ATOM   376  C CG  . ASP A 1 42  ? -22.069 -5.766  -6.501  1.00 50.74  ? 1020 ASP A CG  1 
ATOM   377  O OD1 . ASP A 1 42  ? -22.671 -4.988  -7.269  1.00 61.39  ? 1020 ASP A OD1 1 
ATOM   378  O OD2 . ASP A 1 42  ? -21.733 -5.523  -5.342  1.00 49.61  ? 1020 ASP A OD2 1 
ATOM   379  N N   . TYR A 1 43  ? -18.356 -6.621  -7.376  1.00 28.93  ? 1021 TYR A N   1 
ATOM   380  C CA  . TYR A 1 43  ? -17.280 -5.796  -6.739  1.00 24.56  ? 1021 TYR A CA  1 
ATOM   381  C C   . TYR A 1 43  ? -16.761 -4.755  -7.742  1.00 25.57  ? 1021 TYR A C   1 
ATOM   382  O O   . TYR A 1 43  ? -16.693 -3.556  -7.389  1.00 25.23  ? 1021 TYR A O   1 
ATOM   383  C CB  . TYR A 1 43  ? -16.143 -6.682  -6.201  1.00 23.47  ? 1021 TYR A CB  1 
ATOM   384  C CG  . TYR A 1 43  ? -15.111 -5.926  -5.380  1.00 20.50  ? 1021 TYR A CG  1 
ATOM   385  C CD1 . TYR A 1 43  ? -15.425 -5.469  -4.106  1.00 20.73  ? 1021 TYR A CD1 1 
ATOM   386  C CD2 . TYR A 1 43  ? -13.895 -5.557  -5.931  1.00 23.23  ? 1021 TYR A CD2 1 
ATOM   387  C CE1 . TYR A 1 43  ? -14.524 -4.727  -3.348  1.00 21.13  ? 1021 TYR A CE1 1 
ATOM   388  C CE2 . TYR A 1 43  ? -12.994 -4.790  -5.181  1.00 20.94  ? 1021 TYR A CE2 1 
ATOM   389  C CZ  . TYR A 1 43  ? -13.296 -4.400  -3.895  1.00 20.64  ? 1021 TYR A CZ  1 
ATOM   390  O OH  . TYR A 1 43  ? -12.398 -3.632  -3.158  1.00 19.00  ? 1021 TYR A OH  1 
ATOM   391  N N   . ARG A 1 44  ? -16.417 -5.207  -8.943  1.00 27.53  ? 1022 ARG A N   1 
ATOM   392  C CA  . ARG A 1 44  ? -15.766 -4.342  -9.974  1.00 33.77  ? 1022 ARG A CA  1 
ATOM   393  C C   . ARG A 1 44  ? -16.770 -3.370  -10.617 1.00 36.70  ? 1022 ARG A C   1 
ATOM   394  O O   . ARG A 1 44  ? -16.310 -2.414  -11.227 1.00 41.06  ? 1022 ARG A O   1 
ATOM   395  C CB  . ARG A 1 44  ? -15.002 -5.204  -10.969 1.00 38.25  ? 1022 ARG A CB  1 
ATOM   396  C CG  . ARG A 1 44  ? -13.562 -5.455  -10.561 1.00 44.29  ? 1022 ARG A CG  1 
ATOM   397  C CD  . ARG A 1 44  ? -12.897 -6.677  -11.160 1.00 49.16  ? 1022 ARG A CD  1 
ATOM   398  N NE  . ARG A 1 44  ? -11.736 -7.005  -10.349 1.00 50.20  ? 1022 ARG A NE  1 
ATOM   399  C CZ  . ARG A 1 44  ? -11.738 -7.758  -9.240  1.00 57.68  ? 1022 ARG A CZ  1 
ATOM   400  N NH1 . ARG A 1 44  ? -12.843 -8.363  -8.798  1.00 47.09  ? 1022 ARG A NH1 1 
ATOM   401  N NH2 . ARG A 1 44  ? -10.591 -7.939  -8.595  1.00 56.38  ? 1022 ARG A NH2 1 
ATOM   402  N N   . THR A 1 45  ? -18.065 -3.471  -10.342 1.00 38.52  ? 1023 THR A N   1 
ATOM   403  C CA  . THR A 1 45  ? -19.031 -2.432  -10.773 1.00 40.19  ? 1023 THR A CA  1 
ATOM   404  C C   . THR A 1 45  ? -19.025 -1.275  -9.767  1.00 39.23  ? 1023 THR A C   1 
ATOM   405  O O   . THR A 1 45  ? -19.242 -0.098  -10.188 1.00 39.56  ? 1023 THR A O   1 
ATOM   406  C CB  . THR A 1 45  ? -20.420 -3.041  -11.018 1.00 46.77  ? 1023 THR A CB  1 
ATOM   407  O OG1 . THR A 1 45  ? -21.168 -3.155  -9.800  1.00 48.44  ? 1023 THR A OG1 1 
ATOM   408  C CG2 . THR A 1 45  ? -20.328 -4.393  -11.680 1.00 48.05  ? 1023 THR A CG2 1 
ATOM   409  N N   . VAL A 1 46  ? -18.774 -1.539  -8.477  1.00 25.46  ? 1024 VAL A N   1 
ATOM   410  C CA  . VAL A 1 46  ? -18.798 -0.475  -7.456  1.00 22.56  ? 1024 VAL A CA  1 
ATOM   411  C C   . VAL A 1 46  ? -17.384 0.137   -7.355  1.00 20.49  ? 1024 VAL A C   1 
ATOM   412  O O   . VAL A 1 46  ? -17.264 1.357   -7.198  1.00 24.26  ? 1024 VAL A O   1 
ATOM   413  C CB  . VAL A 1 46  ? -19.250 -1.021  -6.091  1.00 26.45  ? 1024 VAL A CB  1 
ATOM   414  C CG1 . VAL A 1 46  ? -19.193 0.052   -5.011  1.00 26.67  ? 1024 VAL A CG1 1 
ATOM   415  C CG2 . VAL A 1 46  ? -20.643 -1.648  -6.209  1.00 35.10  ? 1024 VAL A CG2 1 
ATOM   416  N N   . ILE A 1 47  ? -16.382 -0.735  -7.236  1.00 19.41  ? 1025 ILE A N   1 
ATOM   417  C CA  . ILE A 1 47  ? -14.996 -0.278  -6.948  1.00 17.80  ? 1025 ILE A CA  1 
ATOM   418  C C   . ILE A 1 47  ? -14.218 -0.141  -8.281  1.00 16.34  ? 1025 ILE A C   1 
ATOM   419  O O   . ILE A 1 47  ? -13.924 -1.139  -8.928  1.00 19.22  ? 1025 ILE A O   1 
ATOM   420  C CB  . ILE A 1 47  ? -14.299 -1.241  -5.967  1.00 18.37  ? 1025 ILE A CB  1 
ATOM   421  C CG1 . ILE A 1 47  ? -15.030 -1.292  -4.614  1.00 17.45  ? 1025 ILE A CG1 1 
ATOM   422  C CG2 . ILE A 1 47  ? -12.836 -0.858  -5.767  1.00 17.28  ? 1025 ILE A CG2 1 
ATOM   423  C CD1 . ILE A 1 47  ? -15.140 0.017   -3.930  1.00 18.43  ? 1025 ILE A CD1 1 
ATOM   424  N N   . LYS A 1 48  ? -13.875 1.069   -8.566  1.00 19.35  ? 1026 LYS A N   1 
ATOM   425  C CA  . LYS A 1 48  ? -13.293 1.450   -9.881  1.00 21.09  ? 1026 LYS A CA  1 
ATOM   426  C C   . LYS A 1 48  ? -11.787 1.201   -9.960  1.00 20.05  ? 1026 LYS A C   1 
ATOM   427  O O   . LYS A 1 48  ? -11.296 0.863   -11.084 1.00 20.36  ? 1026 LYS A O   1 
ATOM   428  C CB  . LYS A 1 48  ? -13.558 2.922   -10.136 1.00 22.27  ? 1026 LYS A CB  1 
ATOM   429  C CG  . LYS A 1 48  ? -15.038 3.283   -10.248 1.00 26.12  ? 1026 LYS A CG  1 
ATOM   430  C CD  . LYS A 1 48  ? -15.735 2.470   -11.297 1.00 30.98  ? 1026 LYS A CD  1 
ATOM   431  C CE  . LYS A 1 48  ? -17.243 2.491   -11.252 1.00 34.94  ? 1026 LYS A CE  1 
ATOM   432  N NZ  . LYS A 1 48  ? -17.805 1.486   -12.182 1.00 33.00  ? 1026 LYS A NZ  1 
ATOM   433  N N   . GLU A 1 49  ? -11.087 1.158   -8.820  1.00 16.67  ? 1027 GLU A N   1 
ATOM   434  C CA  . GLU A 1 49  ? -9.617  0.877   -8.816  1.00 15.54  ? 1027 GLU A CA  1 
ATOM   435  C C   . GLU A 1 49  ? -9.314  -0.122  -7.672  1.00 15.27  ? 1027 GLU A C   1 
ATOM   436  O O   . GLU A 1 49  ? -8.849  0.308   -6.608  1.00 14.86  ? 1027 GLU A O   1 
ATOM   437  C CB  . GLU A 1 49  ? -8.722  2.122   -8.761  1.00 15.99  ? 1027 GLU A CB  1 
ATOM   438  C CG  . GLU A 1 49  ? -7.267  1.794   -9.084  1.00 17.53  ? 1027 GLU A CG  1 
ATOM   439  C CD  . GLU A 1 49  ? -6.247  2.913   -9.206  1.00 18.45  ? 1027 GLU A CD  1 
ATOM   440  O OE1 . GLU A 1 49  ? -6.622  4.063   -8.987  1.00 20.47  ? 1027 GLU A OE1 1 
ATOM   441  O OE2 . GLU A 1 49  ? -5.033  2.561   -9.565  1.00 20.14  ? 1027 GLU A OE2 1 
ATOM   442  N N   . PRO A 1 50  ? -9.546  -1.432  -7.888  1.00 14.26  ? 1028 PRO A N   1 
ATOM   443  C CA  . PRO A 1 50  ? -9.225  -2.461  -6.888  1.00 14.89  ? 1028 PRO A CA  1 
ATOM   444  C C   . PRO A 1 50  ? -7.736  -2.423  -6.514  1.00 15.52  ? 1028 PRO A C   1 
ATOM   445  O O   . PRO A 1 50  ? -6.841  -2.143  -7.353  1.00 15.65  ? 1028 PRO A O   1 
ATOM   446  C CB  . PRO A 1 50  ? -9.598  -3.783  -7.548  1.00 16.30  ? 1028 PRO A CB  1 
ATOM   447  C CG  . PRO A 1 50  ? -10.694 -3.380  -8.535  1.00 19.37  ? 1028 PRO A CG  1 
ATOM   448  C CD  . PRO A 1 50  ? -10.188 -2.062  -9.055  1.00 16.47  ? 1028 PRO A CD  1 
ATOM   449  N N   . MET A 1 51  ? -7.430  -2.744  -5.244  1.00 14.13  ? 1029 MET A N   1 
ATOM   450  C CA  . MET A 1 51  ? -6.013  -2.808  -4.794  1.00 14.14  ? 1029 MET A CA  1 
ATOM   451  C C   . MET A 1 51  ? -5.904  -3.810  -3.626  1.00 13.48  ? 1029 MET A C   1 
ATOM   452  O O   . MET A 1 51  ? -6.889  -3.960  -2.871  1.00 14.03  ? 1029 MET A O   1 
ATOM   453  C CB  . MET A 1 51  ? -5.514  -1.418  -4.404  1.00 14.69  ? 1029 MET A CB  1 
ATOM   454  C CG  . MET A 1 51  ? -3.966  -1.273  -4.179  1.00 14.49  ? 1029 MET A CG  1 
ATOM   455  S SD  . MET A 1 51  ? -2.896  -1.904  -5.496  1.00 16.37  ? 1029 MET A SD  1 
ATOM   456  C CE  . MET A 1 51  ? -3.400  -0.870  -6.889  1.00 17.43  ? 1029 MET A CE  1 
ATOM   457  N N   . ASP A 1 52  ? -4.776  -4.512  -3.523  1.00 13.93  ? 1030 ASP A N   1 
ATOM   458  C CA  . ASP A 1 52  ? -4.535  -5.561  -2.511  1.00 13.76  ? 1030 ASP A CA  1 
ATOM   459  C C   . ASP A 1 52  ? -3.015  -5.671  -2.301  1.00 14.36  ? 1030 ASP A C   1 
ATOM   460  O O   . ASP A 1 52  ? -2.209  -5.141  -3.126  1.00 14.41  ? 1030 ASP A O   1 
ATOM   461  C CB  . ASP A 1 52  ? -5.155  -6.899  -2.924  1.00 14.53  ? 1030 ASP A CB  1 
ATOM   462  C CG  . ASP A 1 52  ? -4.415  -7.463  -4.135  1.00 17.19  ? 1030 ASP A CG  1 
ATOM   463  O OD1 . ASP A 1 52  ? -4.724  -7.009  -5.307  1.00 21.82  ? 1030 ASP A OD1 1 
ATOM   464  O OD2 . ASP A 1 52  ? -3.448  -8.188  -3.910  1.00 21.67  ? 1030 ASP A OD2 1 
ATOM   465  N N   . LEU A 1 53  ? -2.606  -6.369  -1.243  1.00 13.33  ? 1031 LEU A N   1 
ATOM   466  C CA  . LEU A 1 53  ? -1.161  -6.417  -0.893  1.00 13.50  ? 1031 LEU A CA  1 
ATOM   467  C C   . LEU A 1 53  ? -0.304  -7.222  -1.881  1.00 14.55  ? 1031 LEU A C   1 
ATOM   468  O O   . LEU A 1 53  ? 0.883   -6.901  -2.045  1.00 14.93  ? 1031 LEU A O   1 
ATOM   469  C CB  . LEU A 1 53  ? -0.989  -6.907  0.558   1.00 13.39  ? 1031 LEU A CB  1 
ATOM   470  C CG  . LEU A 1 53  ? -1.618  -6.034  1.638   1.00 14.35  ? 1031 LEU A CG  1 
ATOM   471  C CD1 . LEU A 1 53  ? -1.592  -6.750  3.000   1.00 16.41  ? 1031 LEU A CD1 1 
ATOM   472  C CD2 . LEU A 1 53  ? -0.913  -4.675  1.757   1.00 14.88  ? 1031 LEU A CD2 1 
ATOM   473  N N   A SER A 1 54  ? -0.871  -8.241  -2.540  0.18 14.73  ? 1032 SER A N   1 
ATOM   474  N N   B SER A 1 54  ? -0.872  -8.232  -2.550  0.10 14.50  ? 1032 SER A N   1 
ATOM   475  N N   C SER A 1 54  ? -0.866  -8.238  -2.552  0.22 14.55  ? 1032 SER A N   1 
ATOM   476  C CA  A SER A 1 54  ? -0.159  -8.995  -3.612  0.18 15.65  ? 1032 SER A CA  1 
ATOM   477  C CA  B SER A 1 54  ? -0.157  -9.000  -3.608  0.10 14.95  ? 1032 SER A CA  1 
ATOM   478  C CA  C SER A 1 54  ? -0.125  -8.992  -3.606  0.22 15.46  ? 1032 SER A CA  1 
ATOM   479  C C   A SER A 1 54  ? 0.134   -8.059  -4.795  0.18 14.89  ? 1032 SER A C   1 
ATOM   480  C C   B SER A 1 54  ? 0.121   -8.090  -4.813  0.10 14.69  ? 1032 SER A C   1 
ATOM   481  C C   C SER A 1 54  ? 0.130   -8.074  -4.814  0.22 14.68  ? 1032 SER A C   1 
ATOM   482  O O   A SER A 1 54  ? 1.281   -8.067  -5.318  0.18 15.76  ? 1032 SER A O   1 
ATOM   483  O O   B SER A 1 54  ? 1.237   -8.171  -5.382  0.10 15.23  ? 1032 SER A O   1 
ATOM   484  O O   C SER A 1 54  ? 1.261   -8.101  -5.377  0.22 15.64  ? 1032 SER A O   1 
ATOM   485  C CB  A SER A 1 54  ? -0.941  -10.214 -4.057  0.18 17.01  ? 1032 SER A CB  1 
ATOM   486  C CB  B SER A 1 54  ? -0.914  -10.242 -4.022  0.10 15.50  ? 1032 SER A CB  1 
ATOM   487  C CB  C SER A 1 54  ? -0.839  -10.279 -4.009  0.22 16.94  ? 1032 SER A CB  1 
ATOM   488  O OG  A SER A 1 54  ? -0.886  -11.234 -3.074  0.18 18.37  ? 1032 SER A OG  1 
ATOM   489  O OG  B SER A 1 54  ? -0.203  -10.942 -5.034  0.10 15.75  ? 1032 SER A OG  1 
ATOM   490  O OG  C SER A 1 54  ? -2.040  -10.014 -4.720  0.22 17.94  ? 1032 SER A OG  1 
ATOM   491  N N   . SER A 1 55  ? -0.851  -7.253  -5.189  1.00 15.01  ? 1033 SER A N   1 
ATOM   492  C CA  . SER A 1 55  ? -0.676  -6.246  -6.261  1.00 14.75  ? 1033 SER A CA  1 
ATOM   493  C C   . SER A 1 55  ? 0.395   -5.243  -5.848  1.00 12.85  ? 1033 SER A C   1 
ATOM   494  O O   . SER A 1 55  ? 1.205   -4.824  -6.736  1.00 13.48  ? 1033 SER A O   1 
ATOM   495  C CB  . SER A 1 55  ? -1.938  -5.579  -6.654  1.00 17.07  ? 1033 SER A CB  1 
ATOM   496  O OG  . SER A 1 55  ? -2.806  -6.611  -7.170  1.00 20.32  ? 1033 SER A OG  1 
ATOM   497  N N   . VAL A 1 56  ? 0.373   -4.802  -4.594  1.00 12.79  ? 1034 VAL A N   1 
ATOM   498  C CA  . VAL A 1 56  ? 1.418   -3.835  -4.117  1.00 13.02  ? 1034 VAL A CA  1 
ATOM   499  C C   . VAL A 1 56  ? 2.840   -4.416  -4.288  1.00 12.74  ? 1034 VAL A C   1 
ATOM   500  O O   . VAL A 1 56  ? 3.738   -3.694  -4.740  1.00 12.82  ? 1034 VAL A O   1 
ATOM   501  C CB  . VAL A 1 56  ? 1.094   -3.367  -2.674  1.00 12.14  ? 1034 VAL A CB  1 
ATOM   502  C CG1 . VAL A 1 56  ? 2.243   -2.565  -2.056  1.00 14.44  ? 1034 VAL A CG1 1 
ATOM   503  C CG2 . VAL A 1 56  ? -0.127  -2.516  -2.631  1.00 12.89  ? 1034 VAL A CG2 1 
ATOM   504  N N   A ILE A 1 57  ? 3.048   -5.683  -3.910  0.14 12.88  ? 1035 ILE A N   1 
ATOM   505  N N   B ILE A 1 57  ? 3.094   -5.671  -3.897  0.22 13.13  ? 1035 ILE A N   1 
ATOM   506  N N   C ILE A 1 57  ? 3.048   -5.683  -3.910  0.14 12.88  ? 1035 ILE A N   1 
ATOM   507  C CA  A ILE A 1 57  ? 4.361   -6.384  -4.065  0.14 13.41  ? 1035 ILE A CA  1 
ATOM   508  C CA  B ILE A 1 57  ? 4.455   -6.262  -4.105  0.22 14.21  ? 1035 ILE A CA  1 
ATOM   509  C CA  C ILE A 1 57  ? 4.361   -6.384  -4.065  0.14 13.41  ? 1035 ILE A CA  1 
ATOM   510  C C   A ILE A 1 57  ? 4.762   -6.393  -5.547  0.14 13.37  ? 1035 ILE A C   1 
ATOM   511  C C   B ILE A 1 57  ? 4.754   -6.250  -5.607  0.22 13.51  ? 1035 ILE A C   1 
ATOM   512  C C   C ILE A 1 57  ? 4.762   -6.393  -5.547  0.14 13.37  ? 1035 ILE A C   1 
ATOM   513  O O   A ILE A 1 57  ? 5.941   -6.116  -5.856  0.14 13.17  ? 1035 ILE A O   1 
ATOM   514  O O   B ILE A 1 57  ? 5.833   -5.763  -6.008  0.22 12.66  ? 1035 ILE A O   1 
ATOM   515  O O   C ILE A 1 57  ? 5.941   -6.116  -5.856  0.14 13.17  ? 1035 ILE A O   1 
ATOM   516  C CB  A ILE A 1 57  ? 4.302   -7.811  -3.489  0.14 14.31  ? 1035 ILE A CB  1 
ATOM   517  C CB  B ILE A 1 57  ? 4.607   -7.670  -3.508  0.22 16.15  ? 1035 ILE A CB  1 
ATOM   518  C CB  C ILE A 1 57  ? 4.302   -7.811  -3.489  0.14 14.31  ? 1035 ILE A CB  1 
ATOM   519  C CG1 A ILE A 1 57  ? 4.335   -7.787  -1.960  0.14 14.75  ? 1035 ILE A CG1 1 
ATOM   520  C CG1 B ILE A 1 57  ? 4.411   -7.632  -1.994  0.22 18.06  ? 1035 ILE A CG1 1 
ATOM   521  C CG1 C ILE A 1 57  ? 4.335   -7.787  -1.960  0.14 14.75  ? 1035 ILE A CG1 1 
ATOM   522  C CG2 A ILE A 1 57  ? 5.413   -8.667  -4.071  0.14 15.13  ? 1035 ILE A CG2 1 
ATOM   523  C CG2 B ILE A 1 57  ? 5.950   -8.275  -3.887  0.22 17.35  ? 1035 ILE A CG2 1 
ATOM   524  C CG2 C ILE A 1 57  ? 5.413   -8.667  -4.071  0.14 15.13  ? 1035 ILE A CG2 1 
ATOM   525  C CD1 A ILE A 1 57  ? 5.556   -7.116  -1.381  0.14 14.82  ? 1035 ILE A CD1 1 
ATOM   526  C CD1 B ILE A 1 57  ? 3.732   -8.857  -1.462  0.22 19.94  ? 1035 ILE A CD1 1 
ATOM   527  C CD1 C ILE A 1 57  ? 5.556   -7.116  -1.381  0.14 14.82  ? 1035 ILE A CD1 1 
ATOM   528  N N   . SER A 1 58  ? 3.818   -6.733  -6.430  1.00 13.40  ? 1036 SER A N   1 
ATOM   529  C CA  . SER A 1 58  ? 4.055   -6.700  -7.901  1.00 13.99  ? 1036 SER A CA  1 
ATOM   530  C C   . SER A 1 58  ? 4.478   -5.286  -8.365  1.00 13.92  ? 1036 SER A C   1 
ATOM   531  O O   . SER A 1 58  ? 5.449   -5.147  -9.178  1.00 14.29  ? 1036 SER A O   1 
ATOM   532  C CB  . SER A 1 58  ? 2.806   -7.204  -8.691  1.00 15.64  ? 1036 SER A CB  1 
ATOM   533  O OG  . SER A 1 58  ? 2.612   -8.621  -8.491  1.00 20.46  ? 1036 SER A OG  1 
ATOM   534  N N   . LYS A 1 59  ? 3.800   -4.246  -7.889  1.00 12.69  ? 1037 LYS A N   1 
ATOM   535  C CA  . LYS A 1 59  ? 4.099   -2.840  -8.277  1.00 12.51  ? 1037 LYS A CA  1 
ATOM   536  C C   . LYS A 1 59  ? 5.490   -2.399  -7.774  1.00 12.95  ? 1037 LYS A C   1 
ATOM   537  O O   . LYS A 1 59  ? 6.215   -1.665  -8.482  1.00 13.35  ? 1037 LYS A O   1 
ATOM   538  C CB  . LYS A 1 59  ? 2.979   -1.915  -7.811  1.00 12.19  ? 1037 LYS A CB  1 
ATOM   539  C CG  . LYS A 1 59  ? 1.673   -2.062  -8.582  1.00 12.25  ? 1037 LYS A CG  1 
ATOM   540  C CD  . LYS A 1 59  ? 0.609   -1.036  -8.233  1.00 13.23  ? 1037 LYS A CD  1 
ATOM   541  C CE  . LYS A 1 59  ? 0.967   0.374   -8.568  1.00 15.16  ? 1037 LYS A CE  1 
ATOM   542  N NZ  . LYS A 1 59  ? -0.133  1.359   -8.468  1.00 16.46  ? 1037 LYS A NZ  1 
ATOM   543  N N   . ILE A 1 60  ? 5.870   -2.815  -6.572  1.00 14.10  ? 1038 ILE A N   1 
ATOM   544  C CA  . ILE A 1 60  ? 7.248   -2.503  -6.068  1.00 13.17  ? 1038 ILE A CA  1 
ATOM   545  C C   . ILE A 1 60  ? 8.257   -3.057  -7.077  1.00 12.69  ? 1038 ILE A C   1 
ATOM   546  O O   . ILE A 1 60  ? 9.216   -2.324  -7.512  1.00 12.59  ? 1038 ILE A O   1 
ATOM   547  C CB  . ILE A 1 60  ? 7.516   -3.047  -4.632  1.00 12.86  ? 1038 ILE A CB  1 
ATOM   548  C CG1 . ILE A 1 60  ? 6.593   -2.425  -3.580  1.00 13.58  ? 1038 ILE A CG1 1 
ATOM   549  C CG2 . ILE A 1 60  ? 9.013   -2.899  -4.275  1.00 13.71  ? 1038 ILE A CG2 1 
ATOM   550  C CD1 . ILE A 1 60  ? 6.539   -3.186  -2.248  1.00 15.23  ? 1038 ILE A CD1 1 
ATOM   551  N N   . ASP A 1 61  ? 8.101   -4.300  -7.476  1.00 12.82  ? 1039 ASP A N   1 
ATOM   552  C CA  . ASP A 1 61  ? 9.048   -5.033  -8.347  1.00 15.03  ? 1039 ASP A CA  1 
ATOM   553  C C   . ASP A 1 61  ? 9.028   -4.450  -9.777  1.00 16.10  ? 1039 ASP A C   1 
ATOM   554  O O   . ASP A 1 61  ? 10.085  -4.552  -10.454 1.00 19.01  ? 1039 ASP A O   1 
ATOM   555  C CB  . ASP A 1 61  ? 8.726   -6.514  -8.347  1.00 16.35  ? 1039 ASP A CB  1 
ATOM   556  C CG  . ASP A 1 61  ? 9.052   -7.228  -7.037  1.00 22.59  ? 1039 ASP A CG  1 
ATOM   557  O OD1 . ASP A 1 61  ? 9.743   -6.595  -6.199  1.00 23.39  ? 1039 ASP A OD1 1 
ATOM   558  O OD2 . ASP A 1 61  ? 8.570   -8.402  -6.831  1.00 21.05  ? 1039 ASP A OD2 1 
ATOM   559  N N   . LEU A 1 62  ? 7.912   -3.838  -10.218 1.00 14.13  ? 1040 LEU A N   1 
ATOM   560  C CA  . LEU A 1 62  ? 7.839   -3.142  -11.524 1.00 13.82  ? 1040 LEU A CA  1 
ATOM   561  C C   . LEU A 1 62  ? 8.373   -1.703  -11.453 1.00 16.10  ? 1040 LEU A C   1 
ATOM   562  O O   . LEU A 1 62  ? 8.282   -0.888  -12.434 1.00 17.46  ? 1040 LEU A O   1 
ATOM   563  C CB  . LEU A 1 62  ? 6.362   -3.151  -11.972 1.00 13.61  ? 1040 LEU A CB  1 
ATOM   564  C CG  . LEU A 1 62  ? 5.818   -4.497  -12.422 1.00 15.90  ? 1040 LEU A CG  1 
ATOM   565  C CD1 . LEU A 1 62  ? 4.287   -4.464  -12.516 1.00 17.79  ? 1040 LEU A CD1 1 
ATOM   566  C CD2 . LEU A 1 62  ? 6.418   -4.927  -13.783 1.00 17.96  ? 1040 LEU A CD2 1 
ATOM   567  N N   . HIS A 1 63  ? 8.930   -1.253  -10.319 1.00 14.92  ? 1041 HIS A N   1 
ATOM   568  C CA  . HIS A 1 63  ? 9.464   0.116   -10.136 1.00 14.02  ? 1041 HIS A CA  1 
ATOM   569  C C   . HIS A 1 63  ? 8.383   1.182   -10.271 1.00 15.32  ? 1041 HIS A C   1 
ATOM   570  O O   . HIS A 1 63  ? 8.667   2.324   -10.709 1.00 18.13  ? 1041 HIS A O   1 
ATOM   571  C CB  . HIS A 1 63  ? 10.731  0.367   -11.031 1.00 16.10  ? 1041 HIS A CB  1 
ATOM   572  C CG  . HIS A 1 63  ? 11.831  -0.621  -10.899 1.00 17.12  ? 1041 HIS A CG  1 
ATOM   573  N ND1 . HIS A 1 63  ? 13.083  -0.330  -11.392 1.00 22.58  ? 1041 HIS A ND1 1 
ATOM   574  C CD2 . HIS A 1 63  ? 11.943  -1.799  -10.257 1.00 18.19  ? 1041 HIS A CD2 1 
ATOM   575  C CE1 . HIS A 1 63  ? 13.841  -1.379  -11.139 1.00 17.29  ? 1041 HIS A CE1 1 
ATOM   576  N NE2 . HIS A 1 63  ? 13.227  -2.304  -10.432 1.00 21.34  ? 1041 HIS A NE2 1 
ATOM   577  N N   . LYS A 1 64  ? 7.148   0.917   -9.818  1.00 14.19  ? 1042 LYS A N   1 
ATOM   578  C CA  . LYS A 1 64  ? 6.047   1.881   -9.859  1.00 13.95  ? 1042 LYS A CA  1 
ATOM   579  C C   . LYS A 1 64  ? 6.158   2.960   -8.781  1.00 14.87  ? 1042 LYS A C   1 
ATOM   580  O O   . LYS A 1 64  ? 5.530   4.007   -8.960  1.00 15.33  ? 1042 LYS A O   1 
ATOM   581  C CB  . LYS A 1 64  ? 4.718   1.150   -9.776  1.00 14.98  ? 1042 LYS A CB  1 
ATOM   582  C CG  . LYS A 1 64  ? 4.395   0.117   -10.834 1.00 17.97  ? 1042 LYS A CG  1 
ATOM   583  C CD  . LYS A 1 64  ? 3.805   0.707   -12.043 1.00 20.34  ? 1042 LYS A CD  1 
ATOM   584  C CE  . LYS A 1 64  ? 3.227   -0.345  -12.971 1.00 19.89  ? 1042 LYS A CE  1 
ATOM   585  N NZ  . LYS A 1 64  ? 2.609   0.301   -14.147 1.00 22.62  ? 1042 LYS A NZ  1 
ATOM   586  N N   . TYR A 1 65  ? 6.822   2.653   -7.646  1.00 14.38  ? 1043 TYR A N   1 
ATOM   587  C CA  . TYR A 1 65  ? 6.902   3.582   -6.517  1.00 13.82  ? 1043 TYR A CA  1 
ATOM   588  C C   . TYR A 1 65  ? 8.319   4.175   -6.458  1.00 15.35  ? 1043 TYR A C   1 
ATOM   589  O O   . TYR A 1 65  ? 9.313   3.414   -6.323  1.00 17.73  ? 1043 TYR A O   1 
ATOM   590  C CB  . TYR A 1 65  ? 6.575   2.896   -5.181  1.00 14.32  ? 1043 TYR A CB  1 
ATOM   591  C CG  . TYR A 1 65  ? 5.258   2.122   -5.133  1.00 12.38  ? 1043 TYR A CG  1 
ATOM   592  C CD1 . TYR A 1 65  ? 4.056   2.753   -5.342  1.00 14.87  ? 1043 TYR A CD1 1 
ATOM   593  C CD2 . TYR A 1 65  ? 5.236   0.760   -4.876  1.00 13.89  ? 1043 TYR A CD2 1 
ATOM   594  C CE1 . TYR A 1 65  ? 2.844   2.051   -5.281  1.00 14.31  ? 1043 TYR A CE1 1 
ATOM   595  C CE2 . TYR A 1 65  ? 4.042   0.035   -4.837  1.00 13.08  ? 1043 TYR A CE2 1 
ATOM   596  C CZ  . TYR A 1 65  ? 2.845   0.687   -5.023  1.00 13.37  ? 1043 TYR A CZ  1 
ATOM   597  O OH  . TYR A 1 65  ? 1.668   -0.040  -4.949  1.00 14.43  ? 1043 TYR A OH  1 
ATOM   598  N N   A LEU A 1 66  ? 8.407   5.506   -6.572  0.14 15.99  ? 1044 LEU A N   1 
ATOM   599  N N   B LEU A 1 66  ? 8.417   5.498   -6.584  0.19 15.38  ? 1044 LEU A N   1 
ATOM   600  N N   C LEU A 1 66  ? 8.408   5.506   -6.571  0.12 16.00  ? 1044 LEU A N   1 
ATOM   601  C CA  A LEU A 1 66  ? 9.684   6.278   -6.479  0.14 16.53  ? 1044 LEU A CA  1 
ATOM   602  C CA  B LEU A 1 66  ? 9.717   6.219   -6.448  0.19 15.52  ? 1044 LEU A CA  1 
ATOM   603  C CA  C LEU A 1 66  ? 9.684   6.278   -6.479  0.12 16.54  ? 1044 LEU A CA  1 
ATOM   604  C C   A LEU A 1 66  ? 9.715   7.117   -5.197  0.14 16.56  ? 1044 LEU A C   1 
ATOM   605  C C   B LEU A 1 66  ? 9.782   6.949   -5.107  0.19 15.93  ? 1044 LEU A C   1 
ATOM   606  C C   C LEU A 1 66  ? 9.715   7.117   -5.197  0.12 16.55  ? 1044 LEU A C   1 
ATOM   607  O O   A LEU A 1 66  ? 10.728  7.811   -4.962  0.14 16.24  ? 1044 LEU A O   1 
ATOM   608  O O   B LEU A 1 66  ? 10.912  7.334   -4.726  0.19 14.60  ? 1044 LEU A O   1 
ATOM   609  O O   C LEU A 1 66  ? 10.728  7.811   -4.962  0.12 16.25  ? 1044 LEU A O   1 
ATOM   610  C CB  A LEU A 1 66  ? 9.813   7.178   -7.716  0.14 17.94  ? 1044 LEU A CB  1 
ATOM   611  C CB  B LEU A 1 66  ? 9.905   7.184   -7.627  0.19 16.71  ? 1044 LEU A CB  1 
ATOM   612  C CB  C LEU A 1 66  ? 9.813   7.178   -7.716  0.12 17.93  ? 1044 LEU A CB  1 
ATOM   613  C CG  A LEU A 1 66  ? 9.876   6.464   -9.067  0.14 19.01  ? 1044 LEU A CG  1 
ATOM   614  C CG  B LEU A 1 66  ? 10.605  6.582   -8.848  0.19 17.45  ? 1044 LEU A CG  1 
ATOM   615  C CG  C LEU A 1 66  ? 9.876   6.464   -9.067  0.12 18.98  ? 1044 LEU A CG  1 
ATOM   616  C CD1 A LEU A 1 66  ? 10.124  7.467   -10.181 0.14 20.26  ? 1044 LEU A CD1 1 
ATOM   617  C CD1 B LEU A 1 66  ? 9.698   5.600   -9.569  0.19 17.53  ? 1044 LEU A CD1 1 
ATOM   618  C CD1 C LEU A 1 66  ? 10.123  7.467   -10.183 0.12 20.19  ? 1044 LEU A CD1 1 
ATOM   619  C CD2 A LEU A 1 66  ? 10.955  5.389   -9.084  0.14 18.82  ? 1044 LEU A CD2 1 
ATOM   620  C CD2 B LEU A 1 66  ? 11.067  7.673   -9.800  0.19 17.61  ? 1044 LEU A CD2 1 
ATOM   621  C CD2 C LEU A 1 66  ? 10.955  5.389   -9.084  0.12 18.81  ? 1044 LEU A CD2 1 
ATOM   622  N N   . THR A 1 67  ? 8.648   7.076   -4.393  1.00 16.14  ? 1045 THR A N   1 
ATOM   623  C CA  . THR A 1 67  ? 8.617   7.749   -3.102  1.00 15.21  ? 1045 THR A CA  1 
ATOM   624  C C   . THR A 1 67  ? 7.735   6.942   -2.140  1.00 16.34  ? 1045 THR A C   1 
ATOM   625  O O   . THR A 1 67  ? 6.885   6.169   -2.586  1.00 15.22  ? 1045 THR A O   1 
ATOM   626  C CB  . THR A 1 67  ? 8.032   9.151   -3.149  1.00 18.15  ? 1045 THR A CB  1 
ATOM   627  O OG1 . THR A 1 67  ? 6.667   9.170   -3.530  1.00 19.90  ? 1045 THR A OG1 1 
ATOM   628  C CG2 . THR A 1 67  ? 8.794   10.044  -4.117  1.00 22.27  ? 1045 THR A CG2 1 
ATOM   629  N N   . VAL A 1 68  ? 7.945   7.183   -0.853  0.45 15.79  ? 1046 VAL A N   1 
ATOM   630  C CA  . VAL A 1 68  ? 7.102   6.662   0.257   0.45 16.21  ? 1046 VAL A CA  1 
ATOM   631  C C   . VAL A 1 68  ? 5.658   7.077   -0.003  0.45 15.74  ? 1046 VAL A C   1 
ATOM   632  O O   . VAL A 1 68  ? 4.736   6.238   0.106   0.45 15.52  ? 1046 VAL A O   1 
ATOM   633  C CB  . VAL A 1 68  ? 7.604   7.248   1.583   0.45 16.64  ? 1046 VAL A CB  1 
ATOM   634  C CG1 . VAL A 1 68  ? 6.697   6.884   2.743   0.45 16.67  ? 1046 VAL A CG1 1 
ATOM   635  C CG2 . VAL A 1 68  ? 9.043   6.824   1.825   0.45 16.89  ? 1046 VAL A CG2 1 
ATOM   636  N N   . LYS A 1 69  ? 5.476   8.356   -0.295  1.00 15.61  ? 1047 LYS A N   1 
ATOM   637  C CA  . LYS A 1 69  ? 4.127   8.928   -0.552  1.00 17.90  ? 1047 LYS A CA  1 
ATOM   638  C C   . LYS A 1 69  ? 3.339   8.165   -1.632  1.00 16.76  ? 1047 LYS A C   1 
ATOM   639  O O   . LYS A 1 69  ? 2.121   7.898   -1.431  1.00 17.88  ? 1047 LYS A O   1 
ATOM   640  C CB  . LYS A 1 69  ? 4.308   10.421  -0.842  1.00 25.49  ? 1047 LYS A CB  1 
ATOM   641  C CG  . LYS A 1 69  ? 3.039   11.215  -0.883  1.00 36.71  ? 1047 LYS A CG  1 
ATOM   642  C CD  . LYS A 1 69  ? 3.327   12.737  -0.768  1.00 45.26  ? 1047 LYS A CD  1 
ATOM   643  C CE  . LYS A 1 69  ? 3.246   13.278  0.647   1.00 55.97  ? 1047 LYS A CE  1 
ATOM   644  N NZ  . LYS A 1 69  ? 4.567   13.347  1.310   1.00 62.34  ? 1047 LYS A NZ  1 
ATOM   645  N N   A ASP A 1 70  ? 3.971   7.742   -2.726  0.14 15.60  ? 1048 ASP A N   1 
ATOM   646  N N   B ASP A 1 70  ? 4.013   7.818   -2.743  0.19 16.72  ? 1048 ASP A N   1 
ATOM   647  N N   C ASP A 1 70  ? 4.011   7.821   -2.744  0.12 16.84  ? 1048 ASP A N   1 
ATOM   648  C CA  A ASP A 1 70  ? 3.227   7.041   -3.809  0.14 15.26  ? 1048 ASP A CA  1 
ATOM   649  C CA  B ASP A 1 70  ? 3.448   7.004   -3.858  0.19 17.34  ? 1048 ASP A CA  1 
ATOM   650  C CA  C ASP A 1 70  ? 3.449   7.003   -3.858  0.12 17.32  ? 1048 ASP A CA  1 
ATOM   651  C C   A ASP A 1 70  ? 2.872   5.614   -3.340  0.14 14.47  ? 1048 ASP A C   1 
ATOM   652  C C   B ASP A 1 70  ? 2.864   5.715   -3.252  0.19 15.69  ? 1048 ASP A C   1 
ATOM   653  C C   C ASP A 1 70  ? 2.865   5.714   -3.254  0.12 15.69  ? 1048 ASP A C   1 
ATOM   654  O O   A ASP A 1 70  ? 1.836   5.054   -3.812  0.14 13.40  ? 1048 ASP A O   1 
ATOM   655  O O   B ASP A 1 70  ? 1.691   5.358   -3.555  0.19 15.39  ? 1048 ASP A O   1 
ATOM   656  O O   C ASP A 1 70  ? 1.692   5.366   -3.552  0.12 15.42  ? 1048 ASP A O   1 
ATOM   657  C CB  A ASP A 1 70  ? 3.998   7.107   -5.130  0.14 15.66  ? 1048 ASP A CB  1 
ATOM   658  C CB  B ASP A 1 70  ? 4.501   6.611   -4.912  0.19 19.22  ? 1048 ASP A CB  1 
ATOM   659  C CB  C ASP A 1 70  ? 4.503   6.608   -4.909  0.12 19.14  ? 1048 ASP A CB  1 
ATOM   660  C CG  A ASP A 1 70  ? 3.959   8.473   -5.806  0.14 15.88  ? 1048 ASP A CG  1 
ATOM   661  C CG  B ASP A 1 70  ? 5.014   7.699   -5.851  0.19 21.98  ? 1048 ASP A CG  1 
ATOM   662  C CG  C ASP A 1 70  ? 5.015   7.696   -5.848  0.12 21.59  ? 1048 ASP A CG  1 
ATOM   663  O OD1 A ASP A 1 70  ? 3.234   9.376   -5.305  0.14 17.50  ? 1048 ASP A OD1 1 
ATOM   664  O OD1 B ASP A 1 70  ? 4.472   8.826   -5.794  0.19 23.54  ? 1048 ASP A OD1 1 
ATOM   665  O OD1 C ASP A 1 70  ? 4.476   8.823   -5.791  0.12 23.12  ? 1048 ASP A OD1 1 
ATOM   666  O OD2 A ASP A 1 70  ? 4.674   8.636   -6.815  0.14 15.90  ? 1048 ASP A OD2 1 
ATOM   667  O OD2 B ASP A 1 70  ? 5.964   7.393   -6.679  0.19 21.76  ? 1048 ASP A OD2 1 
ATOM   668  O OD2 C ASP A 1 70  ? 5.960   7.391   -6.666  0.12 21.69  ? 1048 ASP A OD2 1 
ATOM   669  N N   . TYR A 1 71  ? 3.681   5.019   -2.460  1.00 13.99  ? 1049 TYR A N   1 
ATOM   670  C CA  . TYR A 1 71  ? 3.319   3.718   -1.826  1.00 12.65  ? 1049 TYR A CA  1 
ATOM   671  C C   . TYR A 1 71  ? 2.102   3.912   -0.890  1.00 13.13  ? 1049 TYR A C   1 
ATOM   672  O O   . TYR A 1 71  ? 1.088   3.097   -0.962  1.00 13.70  ? 1049 TYR A O   1 
ATOM   673  C CB  . TYR A 1 71  ? 4.512   3.127   -1.081  1.00 12.49  ? 1049 TYR A CB  1 
ATOM   674  C CG  . TYR A 1 71  ? 4.200   1.972   -0.190  1.00 12.32  ? 1049 TYR A CG  1 
ATOM   675  C CD1 . TYR A 1 71  ? 4.237   0.662   -0.646  1.00 11.50  ? 1049 TYR A CD1 1 
ATOM   676  C CD2 . TYR A 1 71  ? 3.954   2.151   1.173   1.00 13.66  ? 1049 TYR A CD2 1 
ATOM   677  C CE1 . TYR A 1 71  ? 4.047   -0.438  0.198   1.00 12.20  ? 1049 TYR A CE1 1 
ATOM   678  C CE2 . TYR A 1 71  ? 3.748   1.069   2.003   1.00 13.13  ? 1049 TYR A CE2 1 
ATOM   679  C CZ  . TYR A 1 71  ? 3.753   -0.243  1.556   1.00 11.73  ? 1049 TYR A CZ  1 
ATOM   680  O OH  . TYR A 1 71  ? 3.573   -1.361  2.379   1.00 12.31  ? 1049 TYR A OH  1 
ATOM   681  N N   . LEU A 1 72  ? 2.138   4.937   -0.052  1.00 14.11  ? 1050 LEU A N   1 
ATOM   682  C CA  . LEU A 1 72  ? 1.026   5.164   0.913   1.00 14.56  ? 1050 LEU A CA  1 
ATOM   683  C C   . LEU A 1 72  ? -0.269  5.504   0.168   1.00 14.27  ? 1050 LEU A C   1 
ATOM   684  O O   . LEU A 1 72  ? -1.372  5.188   0.733   1.00 15.26  ? 1050 LEU A O   1 
ATOM   685  C CB  . LEU A 1 72  ? 1.430   6.185   1.960   1.00 13.99  ? 1050 LEU A CB  1 
ATOM   686  C CG  . LEU A 1 72  ? 2.435   5.698   2.998   1.00 15.94  ? 1050 LEU A CG  1 
ATOM   687  C CD1 . LEU A 1 72  ? 2.900   6.883   3.849   1.00 19.73  ? 1050 LEU A CD1 1 
ATOM   688  C CD2 . LEU A 1 72  ? 1.889   4.619   3.917   1.00 18.98  ? 1050 LEU A CD2 1 
ATOM   689  N N   . ARG A 1 73  ? -0.235  6.084   -1.030  1.00 13.67  ? 1051 ARG A N   1 
ATOM   690  C CA  . ARG A 1 73  ? -1.489  6.270   -1.803  1.00 15.56  ? 1051 ARG A CA  1 
ATOM   691  C C   . ARG A 1 73  ? -2.169  4.917   -2.059  1.00 13.82  ? 1051 ARG A C   1 
ATOM   692  O O   . ARG A 1 73  ? -3.462  4.907   -2.011  1.00 14.62  ? 1051 ARG A O   1 
ATOM   693  C CB  . ARG A 1 73  ? -1.256  7.013   -3.129  1.00 19.80  ? 1051 ARG A CB  1 
ATOM   694  C CG  . ARG A 1 73  ? -0.932  8.474   -2.903  1.00 29.95  ? 1051 ARG A CG  1 
ATOM   695  C CD  . ARG A 1 73  ? -0.898  9.178   -4.288  1.00 39.79  ? 1051 ARG A CD  1 
ATOM   696  N NE  . ARG A 1 73  ? 0.206   10.118  -4.417  1.00 51.97  ? 1051 ARG A NE  1 
ATOM   697  C CZ  . ARG A 1 73  ? 0.342   11.249  -3.714  1.00 67.86  ? 1051 ARG A CZ  1 
ATOM   698  N NH1 . ARG A 1 73  ? -0.556  11.608  -2.801  1.00 69.38  ? 1051 ARG A NH1 1 
ATOM   699  N NH2 . ARG A 1 73  ? 1.405   12.014  -3.920  1.00 79.01  ? 1051 ARG A NH2 1 
ATOM   700  N N   . ASP A 1 74  ? -1.429  3.845   -2.337  1.00 13.40  ? 1052 ASP A N   1 
ATOM   701  C CA  . ASP A 1 74  ? -2.036  2.509   -2.616  1.00 11.95  ? 1052 ASP A CA  1 
ATOM   702  C C   . ASP A 1 74  ? -2.522  1.884   -1.272  1.00 12.88  ? 1052 ASP A C   1 
ATOM   703  O O   . ASP A 1 74  ? -3.577  1.200   -1.285  1.00 13.20  ? 1052 ASP A O   1 
ATOM   704  C CB  . ASP A 1 74  ? -1.139  1.591   -3.412  1.00 12.74  ? 1052 ASP A CB  1 
ATOM   705  C CG  . ASP A 1 74  ? -1.298  1.870   -4.933  1.00 14.93  ? 1052 ASP A CG  1 
ATOM   706  O OD1 . ASP A 1 74  ? -2.311  2.550   -5.339  1.00 16.70  ? 1052 ASP A OD1 1 
ATOM   707  O OD2 . ASP A 1 74  ? -0.434  1.352   -5.717  1.00 14.81  ? 1052 ASP A OD2 1 
ATOM   708  N N   . ILE A 1 75  ? -1.803  2.036   -0.162  1.00 12.80  ? 1053 ILE A N   1 
ATOM   709  C CA  . ILE A 1 75  ? -2.303  1.545   1.182   1.00 12.38  ? 1053 ILE A CA  1 
ATOM   710  C C   . ILE A 1 75  ? -3.627  2.279   1.480   1.00 13.38  ? 1053 ILE A C   1 
ATOM   711  O O   . ILE A 1 75  ? -4.639  1.618   1.898   1.00 13.90  ? 1053 ILE A O   1 
ATOM   712  C CB  . ILE A 1 75  ? -1.277  1.753   2.298   1.00 14.44  ? 1053 ILE A CB  1 
ATOM   713  C CG1 . ILE A 1 75  ? 0.023   0.991   2.019   1.00 14.45  ? 1053 ILE A CG1 1 
ATOM   714  C CG2 . ILE A 1 75  ? -1.917  1.415   3.675   1.00 16.24  ? 1053 ILE A CG2 1 
ATOM   715  C CD1 . ILE A 1 75  ? -0.093  -0.496  1.791   1.00 16.63  ? 1053 ILE A CD1 1 
ATOM   716  N N   . ASP A 1 76  ? -3.689  3.594   1.282   1.00 12.70  ? 1054 ASP A N   1 
ATOM   717  C CA  . ASP A 1 76  ? -4.919  4.395   1.509   1.00 14.85  ? 1054 ASP A CA  1 
ATOM   718  C C   . ASP A 1 76  ? -6.046  3.888   0.586   1.00 13.52  ? 1054 ASP A C   1 
ATOM   719  O O   . ASP A 1 76  ? -7.242  3.893   1.058   1.00 14.37  ? 1054 ASP A O   1 
ATOM   720  C CB  . ASP A 1 76  ? -4.669  5.886   1.311   1.00 15.78  ? 1054 ASP A CB  1 
ATOM   721  C CG  . ASP A 1 76  ? -3.873  6.494   2.482   1.00 20.68  ? 1054 ASP A CG  1 
ATOM   722  O OD1 . ASP A 1 76  ? -4.163  6.123   3.578   1.00 26.67  ? 1054 ASP A OD1 1 
ATOM   723  O OD2 . ASP A 1 76  ? -3.239  7.473   2.257   1.00 28.97  ? 1054 ASP A OD2 1 
ATOM   724  N N   . LEU A 1 77  ? -5.759  3.477   -0.660  1.00 13.07  ? 1055 LEU A N   1 
ATOM   725  C CA  . LEU A 1 77  ? -6.795  2.963   -1.594  1.00 13.96  ? 1055 LEU A CA  1 
ATOM   726  C C   . LEU A 1 77  ? -7.332  1.592   -1.130  1.00 14.24  ? 1055 LEU A C   1 
ATOM   727  O O   . LEU A 1 77  ? -8.550  1.353   -1.199  1.00 14.79  ? 1055 LEU A O   1 
ATOM   728  C CB  . LEU A 1 77  ? -6.164  2.891   -3.003  1.00 13.66  ? 1055 LEU A CB  1 
ATOM   729  C CG  . LEU A 1 77  ? -7.042  2.395   -4.143  1.00 16.54  ? 1055 LEU A CG  1 
ATOM   730  C CD1 . LEU A 1 77  ? -8.237  3.301   -4.358  1.00 17.33  ? 1055 LEU A CD1 1 
ATOM   731  C CD2 . LEU A 1 77  ? -6.174  2.332   -5.450  1.00 16.55  ? 1055 LEU A CD2 1 
ATOM   732  N N   . ILE A 1 78  ? -6.485  0.696   -0.605  1.00 13.12  ? 1056 ILE A N   1 
ATOM   733  C CA  . ILE A 1 78  ? -6.990  -0.581  -0.040  1.00 12.83  ? 1056 ILE A CA  1 
ATOM   734  C C   . ILE A 1 78  ? -8.003  -0.231  1.055   1.00 14.10  ? 1056 ILE A C   1 
ATOM   735  O O   . ILE A 1 78  ? -9.139  -0.826  1.088   1.00 13.83  ? 1056 ILE A O   1 
ATOM   736  C CB  . ILE A 1 78  ? -5.834  -1.424  0.508   1.00 12.90  ? 1056 ILE A CB  1 
ATOM   737  C CG1 . ILE A 1 78  ? -4.869  -1.907  -0.576  1.00 12.88  ? 1056 ILE A CG1 1 
ATOM   738  C CG2 . ILE A 1 78  ? -6.381  -2.626  1.295   1.00 15.00  ? 1056 ILE A CG2 1 
ATOM   739  C CD1 . ILE A 1 78  ? -3.595  -2.606  -0.089  1.00 14.30  ? 1056 ILE A CD1 1 
ATOM   740  N N   . CYS A 1 79  ? -7.671  0.705   1.939   1.00 12.55  ? 1057 CYS A N   1 
ATOM   741  C CA  . CYS A 1 79  ? -8.549  1.104   3.088   1.00 14.10  ? 1057 CYS A CA  1 
ATOM   742  C C   . CYS A 1 79  ? -9.820  1.778   2.569   1.00 15.43  ? 1057 CYS A C   1 
ATOM   743  O O   . CYS A 1 79  ? -10.961 1.331   2.946   1.00 15.08  ? 1057 CYS A O   1 
ATOM   744  C CB  . CYS A 1 79  ? -7.804  1.958   4.067   1.00 14.98  ? 1057 CYS A CB  1 
ATOM   745  S SG  . CYS A 1 79  ? -8.792  2.489   5.501   1.00 17.34  ? 1057 CYS A SG  1 
ATOM   746  N N   . SER A 1 80  ? -9.714  2.801   1.709   1.00 14.15  ? 1058 SER A N   1 
ATOM   747  C CA  . SER A 1 80  ? -10.921 3.526   1.228   1.00 15.09  ? 1058 SER A CA  1 
ATOM   748  C C   . SER A 1 80  ? -11.865 2.576   0.443   1.00 14.75  ? 1058 SER A C   1 
ATOM   749  O O   . SER A 1 80  ? -13.115 2.689   0.591   1.00 15.40  ? 1058 SER A O   1 
ATOM   750  C CB  . SER A 1 80  ? -10.521 4.811   0.486   1.00 17.47  ? 1058 SER A CB  1 
ATOM   751  O OG  . SER A 1 80  ? -9.864  4.529   -0.708  1.00 21.02  ? 1058 SER A OG  1 
ATOM   752  N N   . ASN A 1 81  ? -11.351 1.665   -0.365  1.00 12.56  ? 1059 ASN A N   1 
ATOM   753  C CA  . ASN A 1 81  ? -12.139 0.678   -1.116  1.00 12.44  ? 1059 ASN A CA  1 
ATOM   754  C C   . ASN A 1 81  ? -13.004 -0.153  -0.110  1.00 15.07  ? 1059 ASN A C   1 
ATOM   755  O O   . ASN A 1 81  ? -14.208 -0.381  -0.330  1.00 15.20  ? 1059 ASN A O   1 
ATOM   756  C CB  . ASN A 1 81  ? -11.310 -0.192  -2.024  1.00 12.97  ? 1059 ASN A CB  1 
ATOM   757  C CG  . ASN A 1 81  ? -10.765 0.475   -3.301  1.00 13.14  ? 1059 ASN A CG  1 
ATOM   758  O OD1 . ASN A 1 81  ? -11.199 1.566   -3.650  1.00 15.38  ? 1059 ASN A OD1 1 
ATOM   759  N ND2 . ASN A 1 81  ? -9.841  -0.255  -3.922  1.00 14.41  ? 1059 ASN A ND2 1 
ATOM   760  N N   . ALA A 1 82  ? -12.398 -0.661  0.971   1.00 14.75  ? 1060 ALA A N   1 
ATOM   761  C CA  . ALA A 1 82  ? -13.117 -1.486  1.988   1.00 15.52  ? 1060 ALA A CA  1 
ATOM   762  C C   . ALA A 1 82  ? -14.172 -0.603  2.653   1.00 15.27  ? 1060 ALA A C   1 
ATOM   763  O O   . ALA A 1 82  ? -15.309 -1.161  2.899   1.00 17.28  ? 1060 ALA A O   1 
ATOM   764  C CB  . ALA A 1 82  ? -12.099 -2.015  3.011   1.00 15.39  ? 1060 ALA A CB  1 
ATOM   765  N N   . LEU A 1 83  ? -13.907 0.633   3.007   1.00 15.70  ? 1061 LEU A N   1 
ATOM   766  C CA  . LEU A 1 83  ? -14.897 1.516   3.693   1.00 16.93  ? 1061 LEU A CA  1 
ATOM   767  C C   . LEU A 1 83  ? -16.101 1.773   2.750   1.00 19.70  ? 1061 LEU A C   1 
ATOM   768  O O   . LEU A 1 83  ? -17.269 1.791   3.233   1.00 20.18  ? 1061 LEU A O   1 
ATOM   769  C CB  . LEU A 1 83  ? -14.305 2.819   4.177   1.00 17.34  ? 1061 LEU A CB  1 
ATOM   770  C CG  . LEU A 1 83  ? -13.056 2.746   5.059   1.00 21.94  ? 1061 LEU A CG  1 
ATOM   771  C CD1 . LEU A 1 83  ? -12.659 4.116   5.524   1.00 23.15  ? 1061 LEU A CD1 1 
ATOM   772  C CD2 . LEU A 1 83  ? -13.199 1.773   6.216   1.00 21.76  ? 1061 LEU A CD2 1 
ATOM   773  N N   A GLU A 1 84  ? -15.824 1.970   1.449   0.14 19.22  ? 1062 GLU A N   1 
ATOM   774  N N   B GLU A 1 84  ? -15.861 1.950   1.448   0.23 17.53  ? 1062 GLU A N   1 
ATOM   775  N N   C GLU A 1 84  ? -15.824 1.970   1.449   0.14 19.22  ? 1062 GLU A N   1 
ATOM   776  C CA  A GLU A 1 84  ? -16.824 2.255   0.373   0.14 20.32  ? 1062 GLU A CA  1 
ATOM   777  C CA  B GLU A 1 84  ? -16.950 2.286   0.482   0.23 17.88  ? 1062 GLU A CA  1 
ATOM   778  C CA  C GLU A 1 84  ? -16.824 2.255   0.373   0.14 20.32  ? 1062 GLU A CA  1 
ATOM   779  C C   A GLU A 1 84  ? -17.732 1.043   0.140   0.14 19.27  ? 1062 GLU A C   1 
ATOM   780  C C   B GLU A 1 84  ? -17.755 1.032   0.087   0.23 18.20  ? 1062 GLU A C   1 
ATOM   781  C C   C GLU A 1 84  ? -17.732 1.043   0.140   0.14 19.27  ? 1062 GLU A C   1 
ATOM   782  O O   A GLU A 1 84  ? -18.978 1.236   0.154   0.14 20.60  ? 1062 GLU A O   1 
ATOM   783  O O   B GLU A 1 84  ? -19.003 1.163   -0.033  0.23 20.00  ? 1062 GLU A O   1 
ATOM   784  O O   C GLU A 1 84  ? -18.978 1.236   0.154   0.14 20.60  ? 1062 GLU A O   1 
ATOM   785  C CB  A GLU A 1 84  ? -16.116 2.650   -0.937  0.14 21.64  ? 1062 GLU A CB  1 
ATOM   786  C CB  B GLU A 1 84  ? -16.358 3.084   -0.696  0.23 17.49  ? 1062 GLU A CB  1 
ATOM   787  C CB  C GLU A 1 84  ? -16.116 2.650   -0.937  0.14 21.64  ? 1062 GLU A CB  1 
ATOM   788  C CG  A GLU A 1 84  ? -17.045 2.963   -2.110  0.14 23.59  ? 1062 GLU A CG  1 
ATOM   789  C CG  B GLU A 1 84  ? -15.650 4.349   -0.247  0.23 18.50  ? 1062 GLU A CG  1 
ATOM   790  C CG  C GLU A 1 84  ? -17.045 2.963   -2.110  0.14 23.59  ? 1062 GLU A CG  1 
ATOM   791  C CD  A GLU A 1 84  ? -16.352 3.397   -3.405  0.14 26.17  ? 1062 GLU A CD  1 
ATOM   792  C CD  B GLU A 1 84  ? -14.650 5.011   -1.199  0.23 20.11  ? 1062 GLU A CD  1 
ATOM   793  C CD  C GLU A 1 84  ? -16.352 3.397   -3.405  0.14 26.17  ? 1062 GLU A CD  1 
ATOM   794  O OE1 A GLU A 1 84  ? -16.973 3.317   -4.474  0.14 29.60  ? 1062 GLU A OE1 1 
ATOM   795  O OE1 B GLU A 1 84  ? -14.508 4.562   -2.338  0.23 20.30  ? 1062 GLU A OE1 1 
ATOM   796  O OE1 C GLU A 1 84  ? -16.973 3.317   -4.474  0.14 29.60  ? 1062 GLU A OE1 1 
ATOM   797  O OE2 A GLU A 1 84  ? -15.200 3.825   -3.346  0.14 28.26  ? 1062 GLU A OE2 1 
ATOM   798  O OE2 B GLU A 1 84  ? -14.018 6.017   -0.798  0.23 22.49  ? 1062 GLU A OE2 1 
ATOM   799  O OE2 C GLU A 1 84  ? -15.200 3.825   -3.346  0.14 28.26  ? 1062 GLU A OE2 1 
ATOM   800  N N   . TYR A 1 85  ? -17.148 -0.142  -0.065  1.00 16.86  ? 1063 TYR A N   1 
ATOM   801  C CA  . TYR A 1 85  ? -17.869 -1.369  -0.466  1.00 16.98  ? 1063 TYR A CA  1 
ATOM   802  C C   . TYR A 1 85  ? -18.659 -1.922  0.745   1.00 19.86  ? 1063 TYR A C   1 
ATOM   803  O O   . TYR A 1 85  ? -19.613 -2.656  0.483   1.00 19.48  ? 1063 TYR A O   1 
ATOM   804  C CB  . TYR A 1 85  ? -16.969 -2.458  -1.018  1.00 17.53  ? 1063 TYR A CB  1 
ATOM   805  C CG  . TYR A 1 85  ? -17.728 -3.545  -1.719  1.00 19.27  ? 1063 TYR A CG  1 
ATOM   806  C CD1 . TYR A 1 85  ? -18.344 -3.277  -2.932  1.00 22.87  ? 1063 TYR A CD1 1 
ATOM   807  C CD2 . TYR A 1 85  ? -17.847 -4.806  -1.183  1.00 21.51  ? 1063 TYR A CD2 1 
ATOM   808  C CE1 . TYR A 1 85  ? -19.060 -4.266  -3.578  1.00 23.32  ? 1063 TYR A CE1 1 
ATOM   809  C CE2 . TYR A 1 85  ? -18.616 -5.791  -1.791  1.00 26.78  ? 1063 TYR A CE2 1 
ATOM   810  C CZ  . TYR A 1 85  ? -19.226 -5.503  -2.990  1.00 27.70  ? 1063 TYR A CZ  1 
ATOM   811  O OH  . TYR A 1 85  ? -19.929 -6.498  -3.628  1.00 34.35  ? 1063 TYR A OH  1 
ATOM   812  N N   . ASN A 1 86  ? -18.200 -1.644  1.964   1.00 18.39  ? 1064 ASN A N   1 
ATOM   813  C CA  . ASN A 1 86  ? -18.812 -2.320  3.181   1.00 17.47  ? 1064 ASN A CA  1 
ATOM   814  C C   . ASN A 1 86  ? -19.303 -1.279  4.163   1.00 16.53  ? 1064 ASN A C   1 
ATOM   815  O O   . ASN A 1 86  ? -18.743 -1.132  5.286   1.00 17.53  ? 1064 ASN A O   1 
ATOM   816  C CB  . ASN A 1 86  ? -17.781 -3.293  3.800   1.00 17.36  ? 1064 ASN A CB  1 
ATOM   817  C CG  . ASN A 1 86  ? -17.236 -4.323  2.862   1.00 18.18  ? 1064 ASN A CG  1 
ATOM   818  O OD1 . ASN A 1 86  ? -17.872 -5.320  2.533   1.00 22.10  ? 1064 ASN A OD1 1 
ATOM   819  N ND2 . ASN A 1 86  ? -16.035 -4.097  2.336   1.00 17.91  ? 1064 ASN A ND2 1 
ATOM   820  N N   . PRO A 1 87  ? -20.299 -0.413  3.869   1.00 18.39  ? 1065 PRO A N   1 
ATOM   821  C CA  . PRO A 1 87  ? -20.601 0.733   4.731   1.00 17.76  ? 1065 PRO A CA  1 
ATOM   822  C C   . PRO A 1 87  ? -21.710 0.549   5.797   1.00 17.47  ? 1065 PRO A C   1 
ATOM   823  O O   . PRO A 1 87  ? -21.955 1.527   6.513   1.00 21.46  ? 1065 PRO A O   1 
ATOM   824  C CB  . PRO A 1 87  ? -21.100 1.786   3.736   1.00 20.94  ? 1065 PRO A CB  1 
ATOM   825  C CG  . PRO A 1 87  ? -21.808 0.941   2.727   1.00 19.85  ? 1065 PRO A CG  1 
ATOM   826  C CD  . PRO A 1 87  ? -21.069 -0.366  2.589   1.00 21.02  ? 1065 PRO A CD  1 
ATOM   827  N N   . ASP A 1 88  ? -22.230 -0.648  5.878   1.00 18.94  ? 1066 ASP A N   1 
ATOM   828  C CA  . ASP A 1 88  ? -23.485 -0.887  6.679   1.00 21.17  ? 1066 ASP A CA  1 
ATOM   829  C C   . ASP A 1 88  ? -23.188 -1.137  8.159   1.00 22.12  ? 1066 ASP A C   1 
ATOM   830  O O   . ASP A 1 88  ? -21.995 -1.279  8.567   1.00 18.85  ? 1066 ASP A O   1 
ATOM   831  C CB  . ASP A 1 88  ? -24.226 -2.065  6.092   1.00 22.63  ? 1066 ASP A CB  1 
ATOM   832  C CG  . ASP A 1 88  ? -24.759 -1.873  4.663   1.00 29.50  ? 1066 ASP A CG  1 
ATOM   833  O OD1 . ASP A 1 88  ? -24.802 -0.729  4.179   1.00 29.42  ? 1066 ASP A OD1 1 
ATOM   834  O OD2 . ASP A 1 88  ? -25.109 -2.899  4.060   1.00 32.68  ? 1066 ASP A OD2 1 
ATOM   835  N N   . ARG A 1 89  ? -24.252 -1.160  8.985   1.00 20.83  ? 1067 ARG A N   1 
ATOM   836  C CA  . ARG A 1 89  ? -24.094 -1.284  10.467  1.00 19.41  ? 1067 ARG A CA  1 
ATOM   837  C C   . ARG A 1 89  ? -23.893 -2.747  10.890  1.00 18.01  ? 1067 ARG A C   1 
ATOM   838  O O   . ARG A 1 89  ? -23.535 -2.920  12.082  1.00 20.87  ? 1067 ARG A O   1 
ATOM   839  C CB  . ARG A 1 89  ? -25.261 -0.655  11.245  1.00 22.41  ? 1067 ARG A CB  1 
ATOM   840  C CG  . ARG A 1 89  ? -26.599 -1.398  11.201  1.00 27.70  ? 1067 ARG A CG  1 
ATOM   841  C CD  . ARG A 1 89  ? -26.942 -2.298  12.419  1.00 22.27  ? 1067 ARG A CD  1 
ATOM   842  N NE  . ARG A 1 89  ? -26.370 -1.896  13.707  1.00 25.44  ? 1067 ARG A NE  1 
ATOM   843  C CZ  . ARG A 1 89  ? -25.995 -2.786  14.693  1.00 22.64  ? 1067 ARG A CZ  1 
ATOM   844  N NH1 . ARG A 1 89  ? -25.570 -2.341  15.908  1.00 19.72  ? 1067 ARG A NH1 1 
ATOM   845  N NH2 . ARG A 1 89  ? -26.106 -4.084  14.386  1.00 19.86  ? 1067 ARG A NH2 1 
ATOM   846  N N   . ASP A 1 90  ? -24.087 -3.703  10.045  1.00 18.47  ? 1068 ASP A N   1 
ATOM   847  C CA  . ASP A 1 90  ? -24.044 -5.104  10.494  1.00 21.87  ? 1068 ASP A CA  1 
ATOM   848  C C   . ASP A 1 90  ? -22.612 -5.532  10.819  1.00 22.39  ? 1068 ASP A C   1 
ATOM   849  O O   . ASP A 1 90  ? -21.638 -4.885  10.409  1.00 19.70  ? 1068 ASP A O   1 
ATOM   850  C CB  . ASP A 1 90  ? -24.581 -6.077  9.497   1.00 26.61  ? 1068 ASP A CB  1 
ATOM   851  C CG  . ASP A 1 90  ? -23.824 -6.043  8.225   1.00 29.12  ? 1068 ASP A CG  1 
ATOM   852  O OD1 . ASP A 1 90  ? -24.161 -5.149  7.440   1.00 42.44  ? 1068 ASP A OD1 1 
ATOM   853  O OD2 . ASP A 1 90  ? -22.839 -6.850  8.110   1.00 36.19  ? 1068 ASP A OD2 1 
ATOM   854  N N   . PRO A 1 91  ? -22.469 -6.561  11.652  1.00 19.77  ? 1069 PRO A N   1 
ATOM   855  C CA  . PRO A 1 91  ? -21.154 -6.911  12.177  1.00 17.65  ? 1069 PRO A CA  1 
ATOM   856  C C   . PRO A 1 91  ? -20.114 -7.277  11.084  1.00 17.36  ? 1069 PRO A C   1 
ATOM   857  O O   . PRO A 1 91  ? -18.910 -7.018  11.336  1.00 16.48  ? 1069 PRO A O   1 
ATOM   858  C CB  . PRO A 1 91  ? -21.414 -8.114  13.088  1.00 21.19  ? 1069 PRO A CB  1 
ATOM   859  C CG  . PRO A 1 91  ? -22.875 -7.984  13.474  1.00 23.78  ? 1069 PRO A CG  1 
ATOM   860  C CD  . PRO A 1 91  ? -23.573 -7.340  12.302  1.00 21.10  ? 1069 PRO A CD  1 
ATOM   861  N N   . GLY A 1 92  ? -20.506 -7.949  9.989   1.00 18.52  ? 1070 GLY A N   1 
ATOM   862  C CA  . GLY A 1 92  ? -19.520 -8.346  8.968   1.00 17.77  ? 1070 GLY A CA  1 
ATOM   863  C C   . GLY A 1 92  ? -18.914 -7.077  8.363   1.00 18.28  ? 1070 GLY A C   1 
ATOM   864  O O   . GLY A 1 92  ? -17.630 -6.977  8.177   1.00 17.11  ? 1070 GLY A O   1 
ATOM   865  N N   . ASP A 1 93  ? -19.733 -6.076  8.055   1.00 18.14  ? 1071 ASP A N   1 
ATOM   866  C CA  . ASP A 1 93  ? -19.228 -4.776  7.482   1.00 17.64  ? 1071 ASP A CA  1 
ATOM   867  C C   . ASP A 1 93  ? -18.388 -4.043  8.539   1.00 17.82  ? 1071 ASP A C   1 
ATOM   868  O O   . ASP A 1 93  ? -17.270 -3.483  8.223   1.00 16.06  ? 1071 ASP A O   1 
ATOM   869  C CB  . ASP A 1 93  ? -20.315 -3.857  6.924   1.00 17.31  ? 1071 ASP A CB  1 
ATOM   870  C CG  . ASP A 1 93  ? -20.963 -4.304  5.608   1.00 18.86  ? 1071 ASP A CG  1 
ATOM   871  O OD1 . ASP A 1 93  ? -20.776 -5.483  5.206   1.00 21.97  ? 1071 ASP A OD1 1 
ATOM   872  O OD2 . ASP A 1 93  ? -21.480 -3.390  4.908   1.00 21.30  ? 1071 ASP A OD2 1 
ATOM   873  N N   . ARG A 1 94  ? -18.797 -3.978  9.819   1.00 15.44  ? 1072 ARG A N   1 
ATOM   874  C CA  . ARG A 1 94  ? -18.052 -3.235  10.850  1.00 16.46  ? 1072 ARG A CA  1 
ATOM   875  C C   . ARG A 1 94  ? -16.662 -3.907  11.060  1.00 14.79  ? 1072 ARG A C   1 
ATOM   876  O O   . ARG A 1 94  ? -15.720 -3.159  11.351  1.00 15.82  ? 1072 ARG A O   1 
ATOM   877  C CB  . ARG A 1 94  ? -18.865 -3.105  12.145  1.00 18.79  ? 1072 ARG A CB  1 
ATOM   878  C CG  . ARG A 1 94  ? -19.909 -2.016  12.017  1.00 22.79  ? 1072 ARG A CG  1 
ATOM   879  C CD  . ARG A 1 94  ? -20.838 -1.871  13.202  1.00 28.71  ? 1072 ARG A CD  1 
ATOM   880  N NE  . ARG A 1 94  ? -21.612 -0.597  13.172  1.00 31.08  ? 1072 ARG A NE  1 
ATOM   881  C CZ  . ARG A 1 94  ? -22.667 -0.337  13.975  1.00 45.99  ? 1072 ARG A CZ  1 
ATOM   882  N NH1 . ARG A 1 94  ? -23.122 -1.278  14.790  1.00 51.76  ? 1072 ARG A NH1 1 
ATOM   883  N NH2 . ARG A 1 94  ? -23.284 0.837   13.943  1.00 41.62  ? 1072 ARG A NH2 1 
ATOM   884  N N   . LEU A 1 95  ? -16.591 -5.207  11.014  1.00 14.12  ? 1073 LEU A N   1 
ATOM   885  C CA  . LEU A 1 95  ? -15.333 -5.955  11.246  1.00 14.36  ? 1073 LEU A CA  1 
ATOM   886  C C   . LEU A 1 95  ? -14.336 -5.622  10.101  1.00 15.65  ? 1073 LEU A C   1 
ATOM   887  O O   . LEU A 1 95  ? -13.161 -5.308  10.400  1.00 15.34  ? 1073 LEU A O   1 
ATOM   888  C CB  . LEU A 1 95  ? -15.537 -7.458  11.353  1.00 13.19  ? 1073 LEU A CB  1 
ATOM   889  C CG  . LEU A 1 95  ? -14.281 -8.322  11.539  1.00 13.02  ? 1073 LEU A CG  1 
ATOM   890  C CD1 . LEU A 1 95  ? -13.513 -7.961  12.776  1.00 14.50  ? 1073 LEU A CD1 1 
ATOM   891  C CD2 . LEU A 1 95  ? -14.637 -9.775  11.516  1.00 16.15  ? 1073 LEU A CD2 1 
ATOM   892  N N   A ILE A 1 96  ? -14.784 -5.668  8.840   0.16 15.99  ? 1074 ILE A N   1 
ATOM   893  N N   B ILE A 1 96  ? -14.781 -5.675  8.846   0.34 15.20  ? 1074 ILE A N   1 
ATOM   894  N N   C ILE A 1 96  ? -14.784 -5.668  8.840   0.16 15.99  ? 1074 ILE A N   1 
ATOM   895  C CA  A ILE A 1 96  ? -13.907 -5.327  7.668   0.16 16.16  ? 1074 ILE A CA  1 
ATOM   896  C CA  B ILE A 1 96  ? -13.829 -5.350  7.726   0.34 14.63  ? 1074 ILE A CA  1 
ATOM   897  C CA  C ILE A 1 96  ? -13.907 -5.327  7.668   0.16 16.16  ? 1074 ILE A CA  1 
ATOM   898  C C   A ILE A 1 96  ? -13.426 -3.880  7.798   0.16 16.39  ? 1074 ILE A C   1 
ATOM   899  C C   B ILE A 1 96  ? -13.424 -3.871  7.777   0.34 15.90  ? 1074 ILE A C   1 
ATOM   900  C C   C ILE A 1 96  ? -13.426 -3.880  7.798   0.16 16.39  ? 1074 ILE A C   1 
ATOM   901  O O   A ILE A 1 96  ? -12.215 -3.629  7.559   0.16 15.88  ? 1074 ILE A O   1 
ATOM   902  O O   B ILE A 1 96  ? -12.220 -3.561  7.499   0.34 14.45  ? 1074 ILE A O   1 
ATOM   903  O O   C ILE A 1 96  ? -12.215 -3.629  7.559   0.16 15.88  ? 1074 ILE A O   1 
ATOM   904  C CB  A ILE A 1 96  ? -14.595 -5.569  6.312   0.16 16.59  ? 1074 ILE A CB  1 
ATOM   905  C CB  B ILE A 1 96  ? -14.343 -5.794  6.348   0.34 13.93  ? 1074 ILE A CB  1 
ATOM   906  C CB  C ILE A 1 96  ? -14.595 -5.569  6.312   0.16 16.59  ? 1074 ILE A CB  1 
ATOM   907  C CG1 A ILE A 1 96  ? -14.885 -7.053  6.098   0.16 17.53  ? 1074 ILE A CG1 1 
ATOM   908  C CG1 B ILE A 1 96  ? -13.151 -5.863  5.382   0.34 13.47  ? 1074 ILE A CG1 1 
ATOM   909  C CG1 C ILE A 1 96  ? -14.885 -7.053  6.098   0.16 17.53  ? 1074 ILE A CG1 1 
ATOM   910  C CG2 A ILE A 1 96  ? -13.743 -5.003  5.177   0.16 16.58  ? 1074 ILE A CG2 1 
ATOM   911  C CG2 B ILE A 1 96  ? -15.455 -4.886  5.855   0.34 14.46  ? 1074 ILE A CG2 1 
ATOM   912  C CG2 C ILE A 1 96  ? -13.743 -5.003  5.177   0.16 16.58  ? 1074 ILE A CG2 1 
ATOM   913  C CD1 A ILE A 1 96  ? -15.980 -7.327  5.110   0.16 19.07  ? 1074 ILE A CD1 1 
ATOM   914  C CD1 B ILE A 1 96  ? -13.468 -6.472  4.063   0.34 14.01  ? 1074 ILE A CD1 1 
ATOM   915  C CD1 C ILE A 1 96  ? -15.980 -7.327  5.110   0.16 19.07  ? 1074 ILE A CD1 1 
ATOM   916  N N   . ARG A 1 97  ? -14.327 -2.953  8.141   1.00 15.42  ? 1075 ARG A N   1 
ATOM   917  C CA  . ARG A 1 97  ? -13.946 -1.502  8.266   1.00 16.10  ? 1075 ARG A CA  1 
ATOM   918  C C   . ARG A 1 97  ? -12.885 -1.359  9.373   1.00 16.91  ? 1075 ARG A C   1 
ATOM   919  O O   . ARG A 1 97  ? -11.931 -0.565  9.242   1.00 15.39  ? 1075 ARG A O   1 
ATOM   920  C CB  . ARG A 1 97  ? -15.128 -0.579  8.485   1.00 17.77  ? 1075 ARG A CB  1 
ATOM   921  C CG  . ARG A 1 97  ? -16.046 -0.510  7.260   1.00 17.86  ? 1075 ARG A CG  1 
ATOM   922  C CD  . ARG A 1 97  ? -16.865 0.755   7.261   1.00 19.11  ? 1075 ARG A CD  1 
ATOM   923  N NE  . ARG A 1 97  ? -17.604 1.057   8.471   1.00 22.54  ? 1075 ARG A NE  1 
ATOM   924  C CZ  . ARG A 1 97  ? -18.807 0.560   8.733   1.00 21.80  ? 1075 ARG A CZ  1 
ATOM   925  N NH1 . ARG A 1 97  ? -19.336 -0.348  7.949   1.00 20.58  ? 1075 ARG A NH1 1 
ATOM   926  N NH2 . ARG A 1 97  ? -19.408 0.882   9.862   1.00 25.42  ? 1075 ARG A NH2 1 
ATOM   927  N N   . HIS A 1 98  ? -13.079 -2.039  10.525  1.00 13.40  ? 1076 HIS A N   1 
ATOM   928  C CA  . HIS A 1 98  ? -12.118 -1.930  11.638  1.00 14.64  ? 1076 HIS A CA  1 
ATOM   929  C C   . HIS A 1 98  ? -10.713 -2.469  11.190  1.00 14.03  ? 1076 HIS A C   1 
ATOM   930  O O   . HIS A 1 98  ? -9.684  -1.774  11.514  1.00 14.71  ? 1076 HIS A O   1 
ATOM   931  C CB  . HIS A 1 98  ? -12.636 -2.655  12.884  1.00 14.95  ? 1076 HIS A CB  1 
ATOM   932  C CG  . HIS A 1 98  ? -11.840 -2.393  14.135  1.00 16.97  ? 1076 HIS A CG  1 
ATOM   933  N ND1 . HIS A 1 98  ? -10.760 -3.189  14.536  1.00 19.42  ? 1076 HIS A ND1 1 
ATOM   934  C CD2 . HIS A 1 98  ? -11.934 -1.399  15.044  1.00 18.07  ? 1076 HIS A CD2 1 
ATOM   935  C CE1 . HIS A 1 98  ? -10.263 -2.671  15.660  1.00 19.41  ? 1076 HIS A CE1 1 
ATOM   936  N NE2 . HIS A 1 98  ? -10.951 -1.563  16.000  1.00 18.34  ? 1076 HIS A NE2 1 
ATOM   937  N N   . ARG A 1 99  ? -10.704 -3.565  10.465  1.00 13.97  ? 1077 ARG A N   1 
ATOM   938  C CA  . ARG A 1 99  ? -9.453  -4.196  9.940   1.00 12.35  ? 1077 ARG A CA  1 
ATOM   939  C C   . ARG A 1 99  ? -8.826  -3.255  8.906   1.00 14.75  ? 1077 ARG A C   1 
ATOM   940  O O   . ARG A 1 99  ? -7.574  -3.105  8.912   1.00 13.55  ? 1077 ARG A O   1 
ATOM   941  C CB  . ARG A 1 99  ? -9.719  -5.592  9.394   1.00 14.25  ? 1077 ARG A CB  1 
ATOM   942  C CG  . ARG A 1 99  ? -10.110 -6.590  10.477  1.00 14.84  ? 1077 ARG A CG  1 
ATOM   943  C CD  . ARG A 1 99  ? -10.587 -7.864  9.897   1.00 15.26  ? 1077 ARG A CD  1 
ATOM   944  N NE  . ARG A 1 99  ? -10.550 -8.967  10.856  1.00 15.30  ? 1077 ARG A NE  1 
ATOM   945  C CZ  . ARG A 1 99  ? -10.989 -10.200 10.603  1.00 16.46  ? 1077 ARG A CZ  1 
ATOM   946  N NH1 . ARG A 1 99  ? -11.589 -10.497 9.478   1.00 18.61  ? 1077 ARG A NH1 1 
ATOM   947  N NH2 . ARG A 1 99  ? -10.882 -11.151 11.525  1.00 20.38  ? 1077 ARG A NH2 1 
ATOM   948  N N   . ALA A 1 100 ? -9.620  -2.616  8.059   1.00 13.59  ? 1078 ALA A N   1 
ATOM   949  C CA  . ALA A 1 100 ? -9.076  -1.687  7.024   1.00 14.96  ? 1078 ALA A CA  1 
ATOM   950  C C   . ALA A 1 100 ? -8.427  -0.485  7.680   1.00 13.73  ? 1078 ALA A C   1 
ATOM   951  O O   . ALA A 1 100 ? -7.270  -0.064  7.230   1.00 15.58  ? 1078 ALA A O   1 
ATOM   952  C CB  . ALA A 1 100 ? -10.200 -1.246  6.082   1.00 15.39  ? 1078 ALA A CB  1 
ATOM   953  N N   . CYS A 1 101 ? -9.033  0.138   8.700   1.00 14.45  ? 1079 CYS A N   1 
ATOM   954  C CA  . CYS A 1 101 ? -8.477  1.269   9.458   1.00 15.17  ? 1079 CYS A CA  1 
ATOM   955  C C   . CYS A 1 101 ? -7.196  0.787   10.157  1.00 14.81  ? 1079 CYS A C   1 
ATOM   956  O O   . CYS A 1 101 ? -6.226  1.549   10.198  1.00 17.02  ? 1079 CYS A O   1 
ATOM   957  C CB  . CYS A 1 101 ? -9.514  1.827   10.402  1.00 18.63  ? 1079 CYS A CB  1 
ATOM   958  S SG  . CYS A 1 101 ? -10.801 2.771   9.510   1.00 23.16  ? 1079 CYS A SG  1 
ATOM   959  N N   . ALA A 1 102 ? -7.172  -0.441  10.669  1.00 14.17  ? 1080 ALA A N   1 
ATOM   960  C CA  . ALA A 1 102 ? -5.976  -0.982  11.367  1.00 15.47  ? 1080 ALA A CA  1 
ATOM   961  C C   . ALA A 1 102 ? -4.826  -1.171  10.359  1.00 15.42  ? 1080 ALA A C   1 
ATOM   962  O O   . ALA A 1 102 ? -3.665  -0.910  10.742  1.00 15.28  ? 1080 ALA A O   1 
ATOM   963  C CB  . ALA A 1 102 ? -6.285  -2.247  12.131  1.00 15.61  ? 1080 ALA A CB  1 
ATOM   964  N N   . LEU A 1 103 ? -5.118  -1.658  9.164   1.00 14.58  ? 1081 LEU A N   1 
ATOM   965  C CA  . LEU A 1 103 ? -4.054  -1.820  8.112   1.00 14.53  ? 1081 LEU A CA  1 
ATOM   966  C C   . LEU A 1 103 ? -3.435  -0.458  7.836   1.00 15.07  ? 1081 LEU A C   1 
ATOM   967  O O   . LEU A 1 103 ? -2.139  -0.308  7.835   1.00 13.65  ? 1081 LEU A O   1 
ATOM   968  C CB  . LEU A 1 103 ? -4.671  -2.411  6.842   1.00 14.45  ? 1081 LEU A CB  1 
ATOM   969  C CG  . LEU A 1 103 ? -3.718  -2.486  5.656   1.00 16.84  ? 1081 LEU A CG  1 
ATOM   970  C CD1 . LEU A 1 103 ? -2.798  -3.597  5.861   1.00 19.17  ? 1081 LEU A CD1 1 
ATOM   971  C CD2 . LEU A 1 103 ? -4.489  -2.661  4.357   1.00 23.07  ? 1081 LEU A CD2 1 
ATOM   972  N N   . ARG A 1 104 ? -4.245  0.547   7.574   1.00 14.40  ? 1082 ARG A N   1 
ATOM   973  C CA  . ARG A 1 104 ? -3.767  1.924   7.287   1.00 14.62  ? 1082 ARG A CA  1 
ATOM   974  C C   . ARG A 1 104 ? -2.953  2.482   8.450   1.00 14.83  ? 1082 ARG A C   1 
ATOM   975  O O   . ARG A 1 104 ? -1.783  2.910   8.283   1.00 14.63  ? 1082 ARG A O   1 
ATOM   976  C CB  . ARG A 1 104 ? -4.963  2.809   6.924   1.00 15.58  ? 1082 ARG A CB  1 
ATOM   977  C CG  . ARG A 1 104 ? -4.620  4.293   6.741   1.00 19.27  ? 1082 ARG A CG  1 
ATOM   978  C CD  . ARG A 1 104 ? -5.914  5.162   6.911   1.00 26.08  ? 1082 ARG A CD  1 
ATOM   979  N NE  . ARG A 1 104 ? -6.383  5.084   8.342   1.00 30.84  ? 1082 ARG A NE  1 
ATOM   980  C CZ  . ARG A 1 104 ? -7.623  5.306   8.788   1.00 34.73  ? 1082 ARG A CZ  1 
ATOM   981  N NH1 . ARG A 1 104 ? -7.886  5.192   10.080  1.00 35.45  ? 1082 ARG A NH1 1 
ATOM   982  N NH2 . ARG A 1 104 ? -8.598  5.648   7.944   1.00 36.01  ? 1082 ARG A NH2 1 
ATOM   983  N N   . ASP A 1 105 ? -3.502  2.436   9.677   1.00 13.18  ? 1083 ASP A N   1 
ATOM   984  C CA  . ASP A 1 105 ? -2.795  2.974   10.860  1.00 14.67  ? 1083 ASP A CA  1 
ATOM   985  C C   . ASP A 1 105 ? -1.476  2.229   11.131  1.00 12.97  ? 1083 ASP A C   1 
ATOM   986  O O   . ASP A 1 105 ? -0.457  2.929   11.538  1.00 15.16  ? 1083 ASP A O   1 
ATOM   987  C CB  . ASP A 1 105 ? -3.722  2.948   12.067  1.00 17.27  ? 1083 ASP A CB  1 
ATOM   988  C CG  . ASP A 1 105 ? -4.926  3.898   11.942  1.00 19.72  ? 1083 ASP A CG  1 
ATOM   989  O OD1 . ASP A 1 105 ? -4.985  4.803   11.074  1.00 21.91  ? 1083 ASP A OD1 1 
ATOM   990  O OD2 . ASP A 1 105 ? -5.845  3.686   12.800  1.00 25.97  ? 1083 ASP A OD2 1 
ATOM   991  N N   . THR A 1 106 ? -1.448  0.919   10.943  1.00 13.07  ? 1084 THR A N   1 
ATOM   992  C CA  . THR A 1 106 ? -0.238  0.106   11.162  1.00 13.39  ? 1084 THR A CA  1 
ATOM   993  C C   . THR A 1 106 ? 0.836   0.548   10.139  1.00 12.77  ? 1084 THR A C   1 
ATOM   994  O O   . THR A 1 106 ? 2.038   0.673   10.497  1.00 13.64  ? 1084 THR A O   1 
ATOM   995  C CB  . THR A 1 106 ? -0.568  -1.381  11.144  1.00 14.01  ? 1084 THR A CB  1 
ATOM   996  O OG1 . THR A 1 106 ? -1.476  -1.697  12.227  1.00 15.41  ? 1084 THR A OG1 1 
ATOM   997  C CG2 . THR A 1 106 ? 0.675   -2.203  11.362  1.00 16.13  ? 1084 THR A CG2 1 
ATOM   998  N N   . ALA A 1 107 ? 0.492   0.592   8.858   1.00 12.67  ? 1085 ALA A N   1 
ATOM   999  C CA  . ALA A 1 107 ? 1.478   1.002   7.824   1.00 12.08  ? 1085 ALA A CA  1 
ATOM   1000 C C   . ALA A 1 107 ? 2.068   2.376   8.149   1.00 13.27  ? 1085 ALA A C   1 
ATOM   1001 O O   . ALA A 1 107 ? 3.315   2.577   8.120   1.00 13.50  ? 1085 ALA A O   1 
ATOM   1002 C CB  . ALA A 1 107 ? 0.803   1.032   6.480   1.00 13.45  ? 1085 ALA A CB  1 
ATOM   1003 N N   . TYR A 1 108 ? 1.218   3.369   8.434   1.00 12.69  ? 1086 TYR A N   1 
ATOM   1004 C CA  . TYR A 1 108 ? 1.706   4.723   8.791   1.00 13.48  ? 1086 TYR A CA  1 
ATOM   1005 C C   . TYR A 1 108 ? 2.580   4.666   10.068  1.00 12.53  ? 1086 TYR A C   1 
ATOM   1006 O O   . TYR A 1 108 ? 3.602   5.419   10.077  1.00 15.29  ? 1086 TYR A O   1 
ATOM   1007 C CB  . TYR A 1 108 ? 0.543   5.723   8.956   1.00 14.60  ? 1086 TYR A CB  1 
ATOM   1008 C CG  . TYR A 1 108 ? 0.036   6.341   7.675   1.00 14.62  ? 1086 TYR A CG  1 
ATOM   1009 C CD1 . TYR A 1 108 ? -0.844  5.683   6.809   1.00 15.08  ? 1086 TYR A CD1 1 
ATOM   1010 C CD2 . TYR A 1 108 ? 0.486   7.586   7.228   1.00 15.05  ? 1086 TYR A CD2 1 
ATOM   1011 C CE1 . TYR A 1 108 ? -1.340  6.281   5.659   1.00 17.12  ? 1086 TYR A CE1 1 
ATOM   1012 C CE2 . TYR A 1 108 ? -0.003  8.212   6.092   1.00 19.10  ? 1086 TYR A CE2 1 
ATOM   1013 C CZ  . TYR A 1 108 ? -0.902  7.540   5.266   1.00 17.56  ? 1086 TYR A CZ  1 
ATOM   1014 O OH  . TYR A 1 108 ? -1.369  8.149   4.113   1.00 19.81  ? 1086 TYR A OH  1 
ATOM   1015 N N   . ALA A 1 109 ? 2.260   3.850   11.085  1.00 13.50  ? 1087 ALA A N   1 
ATOM   1016 C CA  . ALA A 1 109 ? 3.049   3.793   12.344  1.00 13.71  ? 1087 ALA A CA  1 
ATOM   1017 C C   . ALA A 1 109 ? 4.437   3.166   12.092  1.00 15.00  ? 1087 ALA A C   1 
ATOM   1018 O O   . ALA A 1 109 ? 5.449   3.667   12.659  1.00 15.90  ? 1087 ALA A O   1 
ATOM   1019 C CB  . ALA A 1 109 ? 2.283   3.074   13.379  1.00 17.07  ? 1087 ALA A CB  1 
ATOM   1020 N N   . ILE A 1 110 ? 4.535   2.123   11.270  1.00 14.13  ? 1088 ILE A N   1 
ATOM   1021 C CA  . ILE A 1 110 ? 5.832   1.480   10.955  1.00 13.49  ? 1088 ILE A CA  1 
ATOM   1022 C C   . ILE A 1 110 ? 6.666   2.529   10.232  1.00 13.16  ? 1088 ILE A C   1 
ATOM   1023 O O   . ILE A 1 110 ? 7.873   2.678   10.552  1.00 14.50  ? 1088 ILE A O   1 
ATOM   1024 C CB  . ILE A 1 110 ? 5.645   0.197   10.099  1.00 13.59  ? 1088 ILE A CB  1 
ATOM   1025 C CG1 . ILE A 1 110 ? 4.983   -0.906  10.903  1.00 15.36  ? 1088 ILE A CG1 1 
ATOM   1026 C CG2 . ILE A 1 110 ? 6.995   -0.238  9.508   1.00 14.59  ? 1088 ILE A CG2 1 
ATOM   1027 C CD1 . ILE A 1 110 ? 4.534   -2.123  10.114  1.00 15.87  ? 1088 ILE A CD1 1 
ATOM   1028 N N   . ILE A 1 111 ? 6.122   3.243   9.242   1.00 13.70  ? 1089 ILE A N   1 
ATOM   1029 C CA  . ILE A 1 111 ? 6.877   4.244   8.460   1.00 14.78  ? 1089 ILE A CA  1 
ATOM   1030 C C   . ILE A 1 111 ? 7.314   5.396   9.392   1.00 16.58  ? 1089 ILE A C   1 
ATOM   1031 O O   . ILE A 1 111 ? 8.476   5.866   9.312   1.00 16.16  ? 1089 ILE A O   1 
ATOM   1032 C CB  . ILE A 1 111 ? 6.064   4.641   7.208   1.00 16.88  ? 1089 ILE A CB  1 
ATOM   1033 C CG1 . ILE A 1 111 ? 6.165   3.460   6.218   1.00 18.55  ? 1089 ILE A CG1 1 
ATOM   1034 C CG2 . ILE A 1 111 ? 6.540   6.001   6.699   1.00 20.98  ? 1089 ILE A CG2 1 
ATOM   1035 C CD1 . ILE A 1 111 ? 5.106   3.488   5.158   1.00 26.05  ? 1089 ILE A CD1 1 
ATOM   1036 N N   . LYS A 1 112 ? 6.468   5.843   10.307  1.00 14.73  ? 1090 LYS A N   1 
ATOM   1037 C CA  . LYS A 1 112 ? 6.847   6.956   11.222  1.00 17.33  ? 1090 LYS A CA  1 
ATOM   1038 C C   . LYS A 1 112 ? 8.038   6.512   12.073  1.00 17.14  ? 1090 LYS A C   1 
ATOM   1039 O O   . LYS A 1 112 ? 8.986   7.348   12.283  1.00 20.50  ? 1090 LYS A O   1 
ATOM   1040 C CB  . LYS A 1 112 ? 5.655   7.352   12.116  1.00 18.55  ? 1090 LYS A CB  1 
ATOM   1041 C CG  . LYS A 1 112 ? 5.976   8.607   12.947  1.00 25.75  ? 1090 LYS A CG  1 
ATOM   1042 C CD  . LYS A 1 112 ? 4.807   9.133   13.703  1.00 36.50  ? 1090 LYS A CD  1 
ATOM   1043 C CE  . LYS A 1 112 ? 5.137   10.484  14.325  1.00 43.26  ? 1090 LYS A CE  1 
ATOM   1044 N NZ  . LYS A 1 112 ? 4.126   10.791  15.357  1.00 53.26  ? 1090 LYS A NZ  1 
ATOM   1045 N N   . GLU A 1 113 ? 8.082   5.286   12.536  1.00 16.12  ? 1091 GLU A N   1 
ATOM   1046 C CA  . GLU A 1 113 ? 9.151   4.790   13.447  1.00 17.23  ? 1091 GLU A CA  1 
ATOM   1047 C C   . GLU A 1 113 ? 10.431  4.435   12.677  1.00 18.95  ? 1091 GLU A C   1 
ATOM   1048 O O   . GLU A 1 113 ? 11.542  4.560   13.264  1.00 20.86  ? 1091 GLU A O   1 
ATOM   1049 C CB  . GLU A 1 113 ? 8.764   3.541   14.232  1.00 24.39  ? 1091 GLU A CB  1 
ATOM   1050 C CG  . GLU A 1 113 ? 7.860   3.745   15.410  1.00 38.61  ? 1091 GLU A CG  1 
ATOM   1051 C CD  . GLU A 1 113 ? 8.109   2.675   16.483  1.00 47.70  ? 1091 GLU A CD  1 
ATOM   1052 O OE1 . GLU A 1 113 ? 8.209   1.434   16.137  1.00 42.41  ? 1091 GLU A OE1 1 
ATOM   1053 O OE2 . GLU A 1 113 ? 8.237   3.078   17.662  1.00 47.91  ? 1091 GLU A OE2 1 
ATOM   1054 N N   . GLU A 1 114 ? 10.341  3.960   11.435  1.00 13.15  ? 1092 GLU A N   1 
ATOM   1055 C CA  . GLU A 1 114 ? 11.481  3.265   10.762  1.00 13.66  ? 1092 GLU A CA  1 
ATOM   1056 C C   . GLU A 1 114 ? 12.016  3.950   9.488   1.00 14.79  ? 1092 GLU A C   1 
ATOM   1057 O O   . GLU A 1 114 ? 13.084  3.549   9.026   1.00 17.18  ? 1092 GLU A O   1 
ATOM   1058 C CB  . GLU A 1 114 ? 11.111  1.818   10.386  1.00 13.71  ? 1092 GLU A CB  1 
ATOM   1059 C CG  . GLU A 1 114 ? 10.679  0.993   11.612  1.00 13.88  ? 1092 GLU A CG  1 
ATOM   1060 C CD  . GLU A 1 114 ? 10.292  -0.463  11.372  1.00 15.61  ? 1092 GLU A CD  1 
ATOM   1061 O OE1 . GLU A 1 114 ? 10.720  -1.063  10.352  1.00 16.46  ? 1092 GLU A OE1 1 
ATOM   1062 O OE2 . GLU A 1 114 ? 9.496   -1.026  12.212  1.00 16.47  ? 1092 GLU A OE2 1 
ATOM   1063 N N   . LEU A 1 115 ? 11.312  4.929   8.944   0.45 15.37  ? 1093 LEU A N   1 
ATOM   1064 C CA  . LEU A 1 115 ? 11.843  5.723   7.809   0.45 16.09  ? 1093 LEU A CA  1 
ATOM   1065 C C   . LEU A 1 115 ? 12.537  6.966   8.368   0.45 16.45  ? 1093 LEU A C   1 
ATOM   1066 O O   . LEU A 1 115 ? 11.993  7.610   9.274   0.45 16.12  ? 1093 LEU A O   1 
ATOM   1067 C CB  . LEU A 1 115 ? 10.689  6.099   6.881   0.45 17.22  ? 1093 LEU A CB  1 
ATOM   1068 C CG  . LEU A 1 115 ? 11.087  6.843   5.605   0.45 18.65  ? 1093 LEU A CG  1 
ATOM   1069 C CD1 . LEU A 1 115 ? 11.753  5.898   4.624   0.45 18.52  ? 1093 LEU A CD1 1 
ATOM   1070 C CD2 . LEU A 1 115 ? 9.877   7.511   4.981   0.45 19.27  ? 1093 LEU A CD2 1 
ATOM   1071 N N   . ASP A 1 116 ? 13.685  7.341   7.812   0.45 17.32  ? 1094 ASP A N   1 
ATOM   1072 C CA  . ASP A 1 116 ? 14.272  8.669   8.116   0.45 18.16  ? 1094 ASP A CA  1 
ATOM   1073 C C   . ASP A 1 116 ? 13.651  9.691   7.160   0.45 17.72  ? 1094 ASP A C   1 
ATOM   1074 O O   . ASP A 1 116 ? 13.579  9.420   5.944   0.45 16.68  ? 1094 ASP A O   1 
ATOM   1075 C CB  . ASP A 1 116 ? 15.797  8.639   8.048   0.45 18.50  ? 1094 ASP A CB  1 
ATOM   1076 C CG  . ASP A 1 116 ? 16.455  9.861   8.666   0.45 18.92  ? 1094 ASP A CG  1 
ATOM   1077 O OD1 . ASP A 1 116 ? 16.050  10.996  8.326   0.45 20.81  ? 1094 ASP A OD1 1 
ATOM   1078 O OD2 . ASP A 1 116 ? 17.369  9.670   9.483   0.45 20.53  ? 1094 ASP A OD2 1 
ATOM   1079 N N   A GLU A 1 117 ? 13.226  10.832  7.703   0.14 18.36  ? 1095 GLU A N   1 
ATOM   1080 N N   B GLU A 1 117 ? 13.193  10.831  7.700   0.19 17.35  ? 1095 GLU A N   1 
ATOM   1081 N N   C GLU A 1 117 ? 13.227  10.833  7.702   0.12 18.38  ? 1095 GLU A N   1 
ATOM   1082 C CA  A GLU A 1 117 ? 12.631  11.957  6.932   0.14 19.26  ? 1095 GLU A CA  1 
ATOM   1083 C CA  B GLU A 1 117 ? 12.613  11.957  6.914   0.19 18.00  ? 1095 GLU A CA  1 
ATOM   1084 C CA  C GLU A 1 117 ? 12.632  11.957  6.933   0.12 19.25  ? 1095 GLU A CA  1 
ATOM   1085 C C   A GLU A 1 117 ? 13.598  12.373  5.815   0.14 17.71  ? 1095 GLU A C   1 
ATOM   1086 C C   B GLU A 1 117 ? 13.598  12.373  5.809   0.19 16.74  ? 1095 GLU A C   1 
ATOM   1087 C C   C GLU A 1 117 ? 13.597  12.374  5.815   0.12 17.74  ? 1095 GLU A C   1 
ATOM   1088 O O   A GLU A 1 117 ? 13.110  12.801  4.743   0.14 17.30  ? 1095 GLU A O   1 
ATOM   1089 O O   B GLU A 1 117 ? 13.126  12.800  4.730   0.19 16.20  ? 1095 GLU A O   1 
ATOM   1090 O O   C GLU A 1 117 ? 13.109  12.804  4.745   0.12 17.34  ? 1095 GLU A O   1 
ATOM   1091 C CB  A GLU A 1 117 ? 12.321  13.129  7.869   0.14 20.99  ? 1095 GLU A CB  1 
ATOM   1092 C CB  B GLU A 1 117 ? 12.226  13.134  7.824   0.19 19.00  ? 1095 GLU A CB  1 
ATOM   1093 C CB  C GLU A 1 117 ? 12.320  13.128  7.869   0.12 20.95  ? 1095 GLU A CB  1 
ATOM   1094 C CG  A GLU A 1 117 ? 11.233  12.813  8.885   0.14 22.82  ? 1095 GLU A CG  1 
ATOM   1095 C CG  B GLU A 1 117 ? 13.376  13.736  8.624   0.19 19.50  ? 1095 GLU A CG  1 
ATOM   1096 C CG  C GLU A 1 117 ? 11.232  12.813  8.885   0.12 22.73  ? 1095 GLU A CG  1 
ATOM   1097 C CD  A GLU A 1 117 ? 11.064  13.808  10.022  0.14 23.56  ? 1095 GLU A CD  1 
ATOM   1098 C CD  B GLU A 1 117 ? 13.007  14.772  9.687   0.19 21.33  ? 1095 GLU A CD  1 
ATOM   1099 C CD  C GLU A 1 117 ? 11.064  13.808  10.022  0.12 23.49  ? 1095 GLU A CD  1 
ATOM   1100 O OE1 A GLU A 1 117 ? 11.676  14.905  9.966   0.14 23.43  ? 1095 GLU A OE1 1 
ATOM   1101 O OE1 B GLU A 1 117 ? 12.486  14.377  10.752  0.19 20.68  ? 1095 GLU A OE1 1 
ATOM   1102 O OE1 C GLU A 1 117 ? 11.676  14.904  9.966   0.12 23.40  ? 1095 GLU A OE1 1 
ATOM   1103 O OE2 A GLU A 1 117 ? 10.317  13.478  10.973  0.14 26.04  ? 1095 GLU A OE2 1 
ATOM   1104 O OE2 B GLU A 1 117 ? 13.288  15.975  9.470   0.19 21.04  ? 1095 GLU A OE2 1 
ATOM   1105 O OE2 C GLU A 1 117 ? 10.319  13.479  10.973  0.12 25.89  ? 1095 GLU A OE2 1 
ATOM   1106 N N   . ASP A 1 118 ? 14.912  12.267  6.045   1.00 17.59  ? 1096 ASP A N   1 
ATOM   1107 C CA  . ASP A 1 118 ? 15.905  12.749  5.017   1.00 16.23  ? 1096 ASP A CA  1 
ATOM   1108 C C   . ASP A 1 118 ? 16.018  11.750  3.849   1.00 16.27  ? 1096 ASP A C   1 
ATOM   1109 O O   . ASP A 1 118 ? 16.365  12.139  2.732   1.00 14.89  ? 1096 ASP A O   1 
ATOM   1110 C CB  . ASP A 1 118 ? 17.257  13.101  5.617   1.00 18.62  ? 1096 ASP A CB  1 
ATOM   1111 C CG  . ASP A 1 118 ? 17.211  14.335  6.523   1.00 21.98  ? 1096 ASP A CG  1 
ATOM   1112 O OD1 . ASP A 1 118 ? 16.323  15.160  6.388   1.00 22.46  ? 1096 ASP A OD1 1 
ATOM   1113 O OD2 . ASP A 1 118 ? 18.084  14.404  7.337   1.00 27.19  ? 1096 ASP A OD2 1 
ATOM   1114 N N   . PHE A 1 119 ? 15.755  10.460  4.093   1.00 14.37  ? 1097 PHE A N   1 
ATOM   1115 C CA  . PHE A 1 119 ? 15.720  9.430   3.023   1.00 14.21  ? 1097 PHE A CA  1 
ATOM   1116 C C   . PHE A 1 119 ? 14.506  9.708   2.111   1.00 14.19  ? 1097 PHE A C   1 
ATOM   1117 O O   . PHE A 1 119 ? 14.665  9.725   0.879   1.00 14.63  ? 1097 PHE A O   1 
ATOM   1118 C CB  . PHE A 1 119 ? 15.734  8.002   3.600   1.00 14.37  ? 1097 PHE A CB  1 
ATOM   1119 C CG  . PHE A 1 119 ? 15.772  6.937   2.518   1.00 13.42  ? 1097 PHE A CG  1 
ATOM   1120 C CD1 . PHE A 1 119 ? 16.952  6.494   1.942   1.00 13.95  ? 1097 PHE A CD1 1 
ATOM   1121 C CD2 . PHE A 1 119 ? 14.575  6.422   2.010   1.00 14.40  ? 1097 PHE A CD2 1 
ATOM   1122 C CE1 . PHE A 1 119 ? 16.923  5.578   0.914   1.00 14.66  ? 1097 PHE A CE1 1 
ATOM   1123 C CE2 . PHE A 1 119 ? 14.553  5.485   0.989   1.00 14.06  ? 1097 PHE A CE2 1 
ATOM   1124 C CZ  . PHE A 1 119 ? 15.739  5.068   0.448   1.00 14.67  ? 1097 PHE A CZ  1 
ATOM   1125 N N   . GLU A 1 120 ? 13.335  9.956   2.717   0.45 15.59  ? 1098 GLU A N   1 
ATOM   1126 C CA  . GLU A 1 120 ? 12.062  10.320  2.017   0.45 16.58  ? 1098 GLU A CA  1 
ATOM   1127 C C   . GLU A 1 120 ? 12.275  11.588  1.172   0.45 16.40  ? 1098 GLU A C   1 
ATOM   1128 O O   . GLU A 1 120 ? 11.770  11.648  0.046   0.45 15.56  ? 1098 GLU A O   1 
ATOM   1129 C CB  . GLU A 1 120 ? 10.904  10.549  3.002   0.45 18.62  ? 1098 GLU A CB  1 
ATOM   1130 C CG  . GLU A 1 120 ? 9.560   10.722  2.302   0.45 20.12  ? 1098 GLU A CG  1 
ATOM   1131 C CD  . GLU A 1 120 ? 8.278   10.837  3.127   0.45 22.41  ? 1098 GLU A CD  1 
ATOM   1132 O OE1 . GLU A 1 120 ? 7.216   11.166  2.528   0.45 24.51  ? 1098 GLU A OE1 1 
ATOM   1133 O OE2 . GLU A 1 120 ? 8.317   10.581  4.346   0.45 25.54  ? 1098 GLU A OE2 1 
ATOM   1134 N N   . GLN A 1 121 ? 12.975  12.581  1.715   1.00 15.75  ? 1099 GLN A N   1 
ATOM   1135 C CA  . GLN A 1 121 ? 13.194  13.880  0.981   1.00 16.38  ? 1099 GLN A CA  1 
ATOM   1136 C C   . GLN A 1 121 ? 14.148  13.660  -0.184  1.00 16.43  ? 1099 GLN A C   1 
ATOM   1137 O O   . GLN A 1 121 ? 13.920  14.224  -1.290  1.00 16.15  ? 1099 GLN A O   1 
ATOM   1138 C CB  . GLN A 1 121 ? 13.699  14.918  1.971   1.00 18.31  ? 1099 GLN A CB  1 
ATOM   1139 C CG  . GLN A 1 121 ? 13.819  16.314  1.342   1.00 20.66  ? 1099 GLN A CG  1 
ATOM   1140 C CD  . GLN A 1 121 ? 12.489  16.861  0.911   1.00 26.43  ? 1099 GLN A CD  1 
ATOM   1141 O OE1 . GLN A 1 121 ? 11.460  16.554  1.534   1.00 27.82  ? 1099 GLN A OE1 1 
ATOM   1142 N NE2 . GLN A 1 121 ? 12.489  17.618  -0.186  1.00 23.73  ? 1099 GLN A NE2 1 
ATOM   1143 N N   . LEU A 1 122 ? 15.178  12.799  -0.028  1.00 14.93  ? 1100 LEU A N   1 
ATOM   1144 C CA  . LEU A 1 122 ? 16.118  12.475  -1.099  1.00 14.07  ? 1100 LEU A CA  1 
ATOM   1145 C C   . LEU A 1 122 ? 15.344  11.836  -2.275  1.00 17.23  ? 1100 LEU A C   1 
ATOM   1146 O O   . LEU A 1 122 ? 15.525  12.194  -3.430  1.00 16.20  ? 1100 LEU A O   1 
ATOM   1147 C CB  . LEU A 1 122 ? 17.292  11.602  -0.628  1.00 13.80  ? 1100 LEU A CB  1 
ATOM   1148 C CG  . LEU A 1 122 ? 18.228  11.148  -1.734  1.00 15.22  ? 1100 LEU A CG  1 
ATOM   1149 C CD1 . LEU A 1 122 ? 18.890  12.318  -2.469  1.00 18.35  ? 1100 LEU A CD1 1 
ATOM   1150 C CD2 . LEU A 1 122 ? 19.279  10.214  -1.193  1.00 17.51  ? 1100 LEU A CD2 1 
ATOM   1151 N N   . CYS A 1 123 ? 14.458  10.865  -1.975  1.00 13.95  ? 1101 CYS A N   1 
ATOM   1152 C CA  . CYS A 1 123 ? 13.717  10.180  -3.067  1.00 15.65  ? 1101 CYS A CA  1 
ATOM   1153 C C   . CYS A 1 123 ? 12.856  11.213  -3.842  1.00 17.38  ? 1101 CYS A C   1 
ATOM   1154 O O   . CYS A 1 123 ? 12.820  11.137  -5.070  1.00 17.35  ? 1101 CYS A O   1 
ATOM   1155 C CB  . CYS A 1 123 ? 12.856  9.069   -2.478  1.00 14.72  ? 1101 CYS A CB  1 
ATOM   1156 S SG  . CYS A 1 123 ? 13.732  7.609   -1.876  1.00 15.84  ? 1101 CYS A SG  1 
ATOM   1157 N N   . GLU A 1 124 ? 12.170  12.120  -3.142  0.45 16.96  ? 1102 GLU A N   1 
ATOM   1158 C CA  . GLU A 1 124 ? 11.341  13.184  -3.778  0.45 18.02  ? 1102 GLU A CA  1 
ATOM   1159 C C   . GLU A 1 124 ? 12.240  13.992  -4.721  0.45 17.89  ? 1102 GLU A C   1 
ATOM   1160 O O   . GLU A 1 124 ? 11.888  14.166  -5.920  0.45 17.39  ? 1102 GLU A O   1 
ATOM   1161 C CB  . GLU A 1 124 ? 10.712  14.109  -2.735  0.45 19.05  ? 1102 GLU A CB  1 
ATOM   1162 C CG  . GLU A 1 124 ? 9.536   13.507  -1.991  0.45 20.99  ? 1102 GLU A CG  1 
ATOM   1163 C CD  . GLU A 1 124 ? 8.178   13.592  -2.675  0.45 21.53  ? 1102 GLU A CD  1 
ATOM   1164 O OE1 . GLU A 1 124 ? 8.092   14.182  -3.760  0.45 24.97  ? 1102 GLU A OE1 1 
ATOM   1165 O OE2 . GLU A 1 124 ? 7.204   13.054  -2.113  0.45 23.98  ? 1102 GLU A OE2 1 
ATOM   1166 N N   . GLU A 1 125 ? 13.379  14.465  -4.208  1.00 18.53  ? 1103 GLU A N   1 
ATOM   1167 C CA  . GLU A 1 125 ? 14.255  15.370  -5.020  1.00 18.62  ? 1103 GLU A CA  1 
ATOM   1168 C C   . GLU A 1 125 ? 14.792  14.659  -6.256  1.00 23.05  ? 1103 GLU A C   1 
ATOM   1169 O O   . GLU A 1 125 ? 14.781  15.318  -7.341  1.00 26.80  ? 1103 GLU A O   1 
ATOM   1170 C CB  . GLU A 1 125 ? 15.288  16.074  -4.130  1.00 17.03  ? 1103 GLU A CB  1 
ATOM   1171 C CG  . GLU A 1 125 ? 14.654  17.013  -3.163  1.00 17.44  ? 1103 GLU A CG  1 
ATOM   1172 C CD  . GLU A 1 125 ? 15.517  17.881  -2.213  1.00 17.68  ? 1103 GLU A CD  1 
ATOM   1173 O OE1 . GLU A 1 125 ? 16.768  17.811  -2.333  1.00 19.53  ? 1103 GLU A OE1 1 
ATOM   1174 O OE2 . GLU A 1 125 ? 14.933  18.565  -1.314  1.00 20.63  ? 1103 GLU A OE2 1 
ATOM   1175 N N   . ILE A 1 126 ? 15.148  13.379  -6.211  1.00 18.20  ? 1104 ILE A N   1 
ATOM   1176 C CA  . ILE A 1 126 ? 15.573  12.629  -7.409  1.00 20.28  ? 1104 ILE A CA  1 
ATOM   1177 C C   . ILE A 1 126 ? 14.349  12.548  -8.362  1.00 26.53  ? 1104 ILE A C   1 
ATOM   1178 O O   . ILE A 1 126 ? 14.508  12.833  -9.547  1.00 27.30  ? 1104 ILE A O   1 
ATOM   1179 C CB  . ILE A 1 126 ? 16.103  11.232  -7.081  1.00 20.98  ? 1104 ILE A CB  1 
ATOM   1180 C CG1 . ILE A 1 126 ? 17.283  11.249  -6.099  1.00 20.90  ? 1104 ILE A CG1 1 
ATOM   1181 C CG2 . ILE A 1 126 ? 16.434  10.515  -8.394  1.00 20.98  ? 1104 ILE A CG2 1 
ATOM   1182 C CD1 . ILE A 1 126 ? 17.601  9.914   -5.523  1.00 21.75  ? 1104 ILE A CD1 1 
ATOM   1183 N N   . GLN A 1 127 ? 13.172  12.114  -7.882  1.00 26.10  ? 1105 GLN A N   1 
ATOM   1184 C CA  . GLN A 1 127 ? 11.920  11.968  -8.730  1.00 29.11  ? 1105 GLN A CA  1 
ATOM   1185 C C   . GLN A 1 127 ? 11.641  13.304  -9.484  1.00 33.03  ? 1105 GLN A C   1 
ATOM   1186 O O   . GLN A 1 127 ? 11.403  13.293  -10.719 1.00 31.44  ? 1105 GLN A O   1 
ATOM   1187 C CB  . GLN A 1 127 ? 10.719  11.537  -7.862  1.00 28.80  ? 1105 GLN A CB  1 
ATOM   1188 C CG  . GLN A 1 127 ? 9.396   11.310  -8.607  1.00 39.78  ? 1105 GLN A CG  1 
ATOM   1189 C CD  . GLN A 1 127 ? 8.222   11.284  -7.646  1.00 48.10  ? 1105 GLN A CD  1 
ATOM   1190 O OE1 . GLN A 1 127 ? 8.077   12.170  -6.805  1.00 55.83  ? 1105 GLN A OE1 1 
ATOM   1191 N NE2 . GLN A 1 127 ? 7.346   10.284  -7.746  1.00 53.61  ? 1105 GLN A NE2 1 
ATOM   1192 N N   A GLU A 1 128 ? 11.662  14.420  -8.751  0.14 33.35  ? 1106 GLU A N   1 
ATOM   1193 N N   B GLU A 1 128 ? 11.670  14.426  -8.760  0.19 30.74  ? 1106 GLU A N   1 
ATOM   1194 N N   C GLU A 1 128 ? 11.663  14.420  -8.751  0.12 33.41  ? 1106 GLU A N   1 
ATOM   1195 C CA  A GLU A 1 128 ? 11.389  15.786  -9.278  0.14 36.28  ? 1106 GLU A CA  1 
ATOM   1196 C CA  B GLU A 1 128 ? 11.374  15.778  -9.308  0.19 32.70  ? 1106 GLU A CA  1 
ATOM   1197 C CA  C GLU A 1 128 ? 11.389  15.786  -9.278  0.12 36.32  ? 1106 GLU A CA  1 
ATOM   1198 C C   A GLU A 1 128 ? 12.394  16.141  -10.385 0.14 38.81  ? 1106 GLU A C   1 
ATOM   1199 C C   B GLU A 1 128 ? 12.394  16.137  -10.398 0.19 37.00  ? 1106 GLU A C   1 
ATOM   1200 C C   C GLU A 1 128 ? 12.394  16.141  -10.385 0.12 38.78  ? 1106 GLU A C   1 
ATOM   1201 O O   A GLU A 1 128 ? 11.987  16.817  -11.357 0.14 40.11  ? 1106 GLU A O   1 
ATOM   1202 O O   B GLU A 1 128 ? 12.003  16.825  -11.373 0.19 38.58  ? 1106 GLU A O   1 
ATOM   1203 O O   C GLU A 1 128 ? 11.987  16.816  -11.356 0.12 40.06  ? 1106 GLU A O   1 
ATOM   1204 C CB  A GLU A 1 128 ? 11.413  16.806  -8.136  0.14 37.78  ? 1106 GLU A CB  1 
ATOM   1205 C CB  B GLU A 1 128 ? 11.357  16.824  -8.191  0.19 31.98  ? 1106 GLU A CB  1 
ATOM   1206 C CB  C GLU A 1 128 ? 11.413  16.806  -8.136  0.12 37.81  ? 1106 GLU A CB  1 
ATOM   1207 C CG  A GLU A 1 128 ? 10.042  17.055  -7.531  0.14 39.91  ? 1106 GLU A CG  1 
ATOM   1208 C CG  B GLU A 1 128 ? 11.070  18.240  -8.681  0.19 32.33  ? 1106 GLU A CG  1 
ATOM   1209 C CG  C GLU A 1 128 ? 10.042  17.055  -7.531  0.12 39.90  ? 1106 GLU A CG  1 
ATOM   1210 C CD  A GLU A 1 128 ? 9.998   17.350  -6.040  0.14 42.85  ? 1106 GLU A CD  1 
ATOM   1211 C CD  B GLU A 1 128 ? 9.770   18.395  -9.452  0.19 33.33  ? 1106 GLU A CD  1 
ATOM   1212 C CD  C GLU A 1 128 ? 9.998   17.351  -6.041  0.12 42.76  ? 1106 GLU A CD  1 
ATOM   1213 O OE1 A GLU A 1 128 ? 11.015  17.833  -5.484  0.14 41.91  ? 1106 GLU A OE1 1 
ATOM   1214 O OE1 B GLU A 1 128 ? 9.726   19.233  -10.374 0.19 34.64  ? 1106 GLU A OE1 1 
ATOM   1215 O OE1 C GLU A 1 128 ? 11.017  17.831  -5.486  0.12 41.90  ? 1106 GLU A OE1 1 
ATOM   1216 O OE2 A GLU A 1 128 ? 8.939   17.089  -5.433  0.14 44.83  ? 1106 GLU A OE2 1 
ATOM   1217 O OE2 B GLU A 1 128 ? 8.808   17.676  -9.133  0.19 31.08  ? 1106 GLU A OE2 1 
ATOM   1218 O OE2 C GLU A 1 128 ? 8.940   17.092  -5.433  0.12 44.73  ? 1106 GLU A OE2 1 
ATOM   1219 N N   . SER A 1 129 ? 13.647  15.693  -10.256 1.00 38.69  ? 1107 SER A N   1 
ATOM   1220 C CA  . SER A 1 129 ? 14.725  15.988  -11.244 1.00 41.72  ? 1107 SER A CA  1 
ATOM   1221 C C   . SER A 1 129 ? 14.531  15.218  -12.559 1.00 44.63  ? 1107 SER A C   1 
ATOM   1222 O O   . SER A 1 129 ? 15.299  15.517  -13.481 1.00 47.54  ? 1107 SER A O   1 
ATOM   1223 C CB  . SER A 1 129 ? 16.075  15.688  -10.670 1.00 37.28  ? 1107 SER A CB  1 
ATOM   1224 O OG  . SER A 1 129 ? 16.317  14.280  -10.784 1.00 37.79  ? 1107 SER A OG  1 
ATOM   1225 N N   . ARG A 1 130 ? 13.624  14.236  -12.649 1.00 47.46  ? 1108 ARG A N   1 
ATOM   1226 C CA  . ARG A 1 130 ? 13.545  13.310  -13.818 1.00 53.67  ? 1108 ARG A CA  1 
ATOM   1227 C C   . ARG A 1 130 ? 12.558  13.862  -14.853 1.00 60.62  ? 1108 ARG A C   1 
ATOM   1228 O O   . ARG A 1 130 ? 11.649  14.663  -14.566 1.00 61.88  ? 1108 ARG A O   1 
ATOM   1229 C CB  . ARG A 1 130 ? 13.172  11.885  -13.392 1.00 52.85  ? 1108 ARG A CB  1 
ATOM   1230 C CG  . ARG A 1 130 ? 14.165  11.316  -12.389 1.00 57.80  ? 1108 ARG A CG  1 
ATOM   1231 C CD  . ARG A 1 130 ? 14.611  9.885   -12.616 1.00 58.53  ? 1108 ARG A CD  1 
ATOM   1232 N NE  . ARG A 1 130 ? 15.987  9.685   -12.147 1.00 53.25  ? 1108 ARG A NE  1 
ATOM   1233 C CZ  . ARG A 1 130 ? 16.534  8.506   -11.839 1.00 50.20  ? 1108 ARG A CZ  1 
ATOM   1234 N NH1 . ARG A 1 130 ? 15.832  7.388   -11.979 1.00 63.88  ? 1108 ARG A NH1 1 
ATOM   1235 N NH2 . ARG A 1 130 ? 17.795  8.434   -11.439 1.00 44.66  ? 1108 ARG A NH2 1 
ATOM   1236 O OXT . ARG A 1 130 ? 12.706  13.471  -16.020 1.00 65.95  ? 1108 ARG A OXT 1 
HETATM 1237 N N1  . RGY B 2 .   ? 15.703  5.859   11.805  0.45 28.84  ? 1201 RGY A N1  1 
HETATM 1238 N N3  . RGY B 2 .   ? 14.322  1.597   12.301  0.45 24.24  ? 1201 RGY A N3  1 
HETATM 1239 C C4  . RGY B 2 .   ? 17.416  5.331   13.085  0.45 29.21  ? 1201 RGY A C4  1 
HETATM 1240 C C5  . RGY B 2 .   ? 18.492  6.518   13.121  0.45 29.57  ? 1201 RGY A C5  1 
HETATM 1241 C C6  . RGY B 2 .   ? 16.289  7.433   13.606  0.45 29.64  ? 1201 RGY A C6  1 
HETATM 1242 C C7  . RGY B 2 .   ? 16.070  5.963   13.149  0.45 28.33  ? 1201 RGY A C7  1 
HETATM 1243 C C8  . RGY B 2 .   ? 15.139  5.266   14.025  0.45 27.67  ? 1201 RGY A C8  1 
HETATM 1244 C C10 . RGY B 2 .   ? 15.375  3.515   11.835  0.45 25.82  ? 1201 RGY A C10 1 
HETATM 1245 C C1  . RGY B 2 .   ? 14.646  6.328   11.368  0.45 29.33  ? 1201 RGY A C1  1 
HETATM 1246 C C11 . RGY B 2 .   ? 14.135  2.402   13.456  0.45 25.25  ? 1201 RGY A C11 1 
HETATM 1247 C C12 . RGY B 2 .   ? 13.384  2.012   14.715  0.45 24.66  ? 1201 RGY A C12 1 
HETATM 1248 C C2  . RGY B 2 .   ? 16.136  4.657   11.299  0.45 28.03  ? 1201 RGY A C2  1 
HETATM 1249 C C3  . RGY B 2 .   ? 17.495  4.616   11.878  0.45 28.96  ? 1201 RGY A C3  1 
HETATM 1250 C C9  . RGY B 2 .   ? 14.763  3.571   13.231  0.45 25.22  ? 1201 RGY A C9  1 
HETATM 1251 N N2  . RGY B 2 .   ? 17.708  7.790   13.312  0.45 29.26  ? 1201 RGY A N2  1 
HETATM 1252 O O1  . RGY B 2 .   ? 15.517  4.995   15.218  0.45 28.07  ? 1201 RGY A O1  1 
HETATM 1253 O O2  . RGY B 2 .   ? 15.112  2.332   11.311  0.45 25.66  ? 1201 RGY A O2  1 
HETATM 1254 N N1  . TQS C 3 .   ? -16.362 -9.192  1.647   0.66 62.32  ? 1202 TQS A N1  1 
HETATM 1255 N N3  . TQS C 3 .   ? -13.693 -5.883  0.474   0.66 53.53  ? 1202 TQS A N3  1 
HETATM 1256 C C4  . TQS C 3 .   ? -16.814 -10.281 -0.056  0.66 64.08  ? 1202 TQS A C4  1 
HETATM 1257 C C5  . TQS C 3 .   ? -16.288 -11.476 -0.967  0.66 65.22  ? 1202 TQS A C5  1 
HETATM 1258 C C6  . TQS C 3 .   ? -15.734 -11.749 1.375   0.66 64.65  ? 1202 TQS A C6  1 
HETATM 1259 C C7  . TQS C 3 .   ? -15.902 -10.291 1.047   0.66 63.66  ? 1202 TQS A C7  1 
HETATM 1260 C C8  . TQS C 3 .   ? -14.498 -9.948  0.638   0.66 61.64  ? 1202 TQS A C8  1 
HETATM 1261 C C10 . TQS C 3 .   ? -15.315 -7.352  0.602   0.66 57.20  ? 1202 TQS A C10 1 
HETATM 1262 C C1  . TQS C 3 .   ? -16.107 -8.973  2.810   0.66 61.74  ? 1202 TQS A C1  1 
HETATM 1263 C C11 . TQS C 3 .   ? -13.021 -7.138  0.470   0.66 53.63  ? 1202 TQS A C11 1 
HETATM 1264 C C12 . TQS C 3 .   ? -11.508 -7.338  0.389   0.66 48.78  ? 1202 TQS A C12 1 
HETATM 1265 C C2  . TQS C 3 .   ? -16.371 -8.281  0.682   0.66 60.83  ? 1202 TQS A C2  1 
HETATM 1266 C C3  . TQS C 3 .   ? -16.817 -8.962  -0.526  0.66 62.97  ? 1202 TQS A C3  1 
HETATM 1267 C C9  . TQS C 3 .   ? -13.996 -8.076  0.546   0.66 56.99  ? 1202 TQS A C9  1 
HETATM 1268 N N2  . TQS C 3 .   ? -15.666 -12.424 0.036   0.66 65.48  ? 1202 TQS A N2  1 
HETATM 1269 O O1  . TQS C 3 .   ? -13.655 -10.442 1.440   0.66 63.88  ? 1202 TQS A O1  1 
HETATM 1270 O O2  . TQS C 3 .   ? -15.144 -6.060  0.553   0.66 55.16  ? 1202 TQS A O2  1 
HETATM 1271 S S   . SO4 D 4 .   ? -26.711 1.217   15.614  1.00 28.85  ? 1203 SO4 A S   1 
HETATM 1272 O O1  . SO4 D 4 .   ? -27.981 0.732   16.003  1.00 30.59  ? 1203 SO4 A O1  1 
HETATM 1273 O O2  . SO4 D 4 .   ? -26.493 0.699   14.283  1.00 30.37  ? 1203 SO4 A O2  1 
HETATM 1274 O O3  . SO4 D 4 .   ? -26.497 2.568   15.796  1.00 23.21  ? 1203 SO4 A O3  1 
HETATM 1275 O O4  . SO4 D 4 .   ? -25.725 0.536   16.477  1.00 36.92  ? 1203 SO4 A O4  1 
HETATM 1276 S S   . SO4 E 4 .   ? -0.187  2.835   -12.828 0.50 31.38  ? 1204 SO4 A S   1 
HETATM 1277 O O1  . SO4 E 4 .   ? -0.504  3.945   -13.726 0.50 32.59  ? 1204 SO4 A O1  1 
HETATM 1278 O O2  . SO4 E 4 .   ? -1.320  2.606   -11.949 0.50 30.68  ? 1204 SO4 A O2  1 
HETATM 1279 O O3  . SO4 E 4 .   ? 0.999   3.159   -12.031 0.50 32.44  ? 1204 SO4 A O3  1 
HETATM 1280 O O4  . SO4 E 4 .   ? 0.086   1.637   -13.600 0.50 30.72  ? 1204 SO4 A O4  1 
HETATM 1281 C C1  . EDO F 5 .   ? 14.978  3.818   6.145   0.45 25.29  ? 1205 EDO A C1  1 
HETATM 1282 O O1  . EDO F 5 .   ? 15.370  5.098   6.618   0.45 26.46  ? 1205 EDO A O1  1 
HETATM 1283 C C2  . EDO F 5 .   ? 15.444  3.531   4.752   0.45 25.35  ? 1205 EDO A C2  1 
HETATM 1284 O O2  . EDO F 5 .   ? 16.377  2.468   4.682   0.45 25.51  ? 1205 EDO A O2  1 
HETATM 1285 C C1  . EDO G 5 .   ? 0.247   -5.305  -10.474 1.00 28.15  ? 1206 EDO A C1  1 
HETATM 1286 O O1  . EDO G 5 .   ? -0.732  -4.316  -10.432 1.00 29.51  ? 1206 EDO A O1  1 
HETATM 1287 C C2  . EDO G 5 .   ? 0.789   -5.538  -11.851 1.00 26.84  ? 1206 EDO A C2  1 
HETATM 1288 O O2  . EDO G 5 .   ? -0.178  -6.379  -12.488 1.00 31.15  ? 1206 EDO A O2  1 
HETATM 1289 O O   . HOH H 6 .   ? -27.687 -0.130  18.007  1.00 38.48  ? 1301 HOH A O   1 
HETATM 1290 O O   . HOH H 6 .   ? -22.856 -3.863  -4.376  1.00 44.06  ? 1302 HOH A O   1 
HETATM 1291 O O   . HOH H 6 .   ? 8.772   14.291  -6.133  1.00 50.18  ? 1303 HOH A O   1 
HETATM 1292 O O   . HOH H 6 .   ? 15.690  2.312   -10.204 1.00 49.17  ? 1304 HOH A O   1 
HETATM 1293 O O   . HOH H 6 .   ? 20.002  -8.367  -3.239  1.00 29.17  ? 1305 HOH A O   1 
HETATM 1294 O O   . HOH H 6 .   ? -13.948 5.562   1.570   1.00 39.13  ? 1306 HOH A O   1 
HETATM 1295 O O   . HOH H 6 .   ? -2.374  8.813   0.438   1.00 31.98  ? 1307 HOH A O   1 
HETATM 1296 O O   . HOH H 6 .   ? -25.282 1.550   4.860   1.00 42.76  ? 1308 HOH A O   1 
HETATM 1297 O O   . HOH H 6 .   ? 18.725  14.015  -9.579  1.00 36.84  ? 1309 HOH A O   1 
HETATM 1298 O O   . HOH H 6 .   ? 18.934  9.918   13.421  0.45 46.95  ? 1310 HOH A O   1 
HETATM 1299 O O   . HOH H 6 .   ? 18.542  -1.589  -9.456  1.00 53.92  ? 1311 HOH A O   1 
HETATM 1300 O O   . HOH H 6 .   ? -19.109 -7.258  4.712   1.00 50.08  ? 1312 HOH A O   1 
HETATM 1301 O O   . HOH H 6 .   ? 17.952  12.771  9.236   0.45 48.13  ? 1313 HOH A O   1 
HETATM 1302 O O   . HOH H 6 .   ? 24.063  11.097  -7.933  1.00 49.34  ? 1314 HOH A O   1 
HETATM 1303 O O   . HOH H 6 .   ? 8.315   -0.351  14.354  1.00 35.90  ? 1315 HOH A O   1 
HETATM 1304 O O   . HOH H 6 .   ? 7.095   9.044   -9.955  1.00 66.92  ? 1316 HOH A O   1 
HETATM 1305 O O   . HOH H 6 .   ? 9.276   -10.275 -5.257  1.00 33.01  ? 1317 HOH A O   1 
HETATM 1306 O O   . HOH H 6 .   ? 15.147  17.835  -7.642  1.00 30.52  ? 1318 HOH A O   1 
HETATM 1307 O O   . HOH H 6 .   ? 17.533  11.744  -12.206 1.00 54.68  ? 1319 HOH A O   1 
HETATM 1308 O O   . HOH H 6 .   ? -4.479  0.256   -10.578 1.00 20.51  ? 1320 HOH A O   1 
HETATM 1309 O O   . HOH H 6 .   ? -22.592 -3.856  2.630   1.00 35.30  ? 1321 HOH A O   1 
HETATM 1310 O O   . HOH H 6 .   ? -26.656 -4.491  7.666   1.00 43.61  ? 1322 HOH A O   1 
HETATM 1311 O O   . HOH H 6 .   ? -12.599 -3.590  -0.572  1.00 21.75  ? 1323 HOH A O   1 
HETATM 1312 O O   . HOH H 6 .   ? -20.580 3.302   0.195   1.00 32.88  ? 1324 HOH A O   1 
HETATM 1313 O O   . HOH H 6 .   ? 6.819   -9.559  -8.392  1.00 26.92  ? 1325 HOH A O   1 
HETATM 1314 O O   . HOH H 6 .   ? 13.182  19.198  -6.042  1.00 33.09  ? 1326 HOH A O   1 
HETATM 1315 O O   . HOH H 6 .   ? 10.192  9.027   10.545  0.45 25.03  ? 1327 HOH A O   1 
HETATM 1316 O O   . HOH H 6 .   ? 0.661   5.301   -6.151  1.00 35.33  ? 1328 HOH A O   1 
HETATM 1317 O O   . HOH H 6 .   ? -8.247  5.660   -7.667  1.00 27.49  ? 1329 HOH A O   1 
HETATM 1318 O O   . HOH H 6 .   ? -6.505  1.347   13.890  1.00 38.26  ? 1330 HOH A O   1 
HETATM 1319 O O   . HOH H 6 .   ? -9.759  -3.332  -3.391  1.00 19.01  ? 1331 HOH A O   1 
HETATM 1320 O O   . HOH H 6 .   ? 14.568  16.535  4.921   1.00 32.13  ? 1332 HOH A O   1 
HETATM 1321 O O   . HOH H 6 .   ? -1.817  0.002   -14.522 1.00 18.57  ? 1333 HOH A O   1 
HETATM 1322 O O   . HOH H 6 .   ? -18.309 -6.787  13.932  1.00 23.13  ? 1334 HOH A O   1 
HETATM 1323 O O   . HOH H 6 .   ? -1.418  -5.119  -14.494 1.00 23.69  ? 1335 HOH A O   1 
HETATM 1324 O O   . HOH H 6 .   ? 14.809  1.147   8.927   0.45 18.06  ? 1336 HOH A O   1 
HETATM 1325 O O   . HOH H 6 .   ? -8.381  4.476   13.149  1.00 52.69  ? 1337 HOH A O   1 
HETATM 1326 O O   . HOH H 6 .   ? -6.943  -5.871  -6.291  1.00 21.52  ? 1338 HOH A O   1 
HETATM 1327 O O   . HOH H 6 .   ? 7.213   -0.376  -14.860 1.00 43.79  ? 1339 HOH A O   1 
HETATM 1328 O O   . HOH H 6 .   ? -19.174 3.206   -7.681  1.00 38.69  ? 1340 HOH A O   1 
HETATM 1329 O O   . HOH H 6 .   ? -0.817  5.409   12.558  1.00 20.45  ? 1341 HOH A O   1 
HETATM 1330 O O   . HOH H 6 .   ? -7.757  -14.106 9.525   1.00 36.07  ? 1342 HOH A O   1 
HETATM 1331 O O   . HOH H 6 .   ? 19.403  4.747   4.710   1.00 20.29  ? 1343 HOH A O   1 
HETATM 1332 O O   . HOH H 6 .   ? -0.006  -9.170  -8.931  1.00 29.55  ? 1344 HOH A O   1 
HETATM 1333 O O   . HOH H 6 .   ? -20.244 3.603   6.857   1.00 35.23  ? 1345 HOH A O   1 
HETATM 1334 O O   . HOH H 6 .   ? 9.308   10.977  6.846   0.45 25.36  ? 1346 HOH A O   1 
HETATM 1335 O O   . HOH H 6 .   ? -2.751  -12.316 6.535   1.00 20.65  ? 1347 HOH A O   1 
HETATM 1336 O O   . HOH H 6 .   ? -0.926  -3.123  14.485  1.00 26.65  ? 1348 HOH A O   1 
HETATM 1337 O O   . HOH H 6 .   ? -5.433  6.771   -2.300  1.00 19.44  ? 1349 HOH A O   1 
HETATM 1338 O O   . HOH H 6 .   ? -2.710  2.831   -8.025  1.00 20.83  ? 1350 HOH A O   1 
HETATM 1339 O O   . HOH H 6 .   ? -8.176  -13.696 -5.843  1.00 44.04  ? 1351 HOH A O   1 
HETATM 1340 O O   . HOH H 6 .   ? 11.404  -2.097  6.516   1.00 27.54  ? 1352 HOH A O   1 
HETATM 1341 O O   . HOH H 6 .   ? 0.982   3.745   -9.356  1.00 29.03  ? 1353 HOH A O   1 
HETATM 1342 O O   . HOH H 6 .   ? -11.831 4.134   -2.729  1.00 20.40  ? 1354 HOH A O   1 
HETATM 1343 O O   . HOH H 6 .   ? 10.069  3.566   -12.718 1.00 48.21  ? 1355 HOH A O   1 
HETATM 1344 O O   . HOH H 6 .   ? 13.672  21.002  -1.521  1.00 31.12  ? 1356 HOH A O   1 
HETATM 1345 O O   . HOH H 6 .   ? -3.360  -15.003 1.169   1.00 43.59  ? 1357 HOH A O   1 
HETATM 1346 O O   . HOH H 6 .   ? 7.341   10.788  -0.198  0.45 16.26  ? 1358 HOH A O   1 
HETATM 1347 O O   . HOH H 6 .   ? -16.074 -9.223  7.816   1.00 32.04  ? 1359 HOH A O   1 
HETATM 1348 O O   . HOH H 6 .   ? 20.793  6.698   -0.676  1.00 29.44  ? 1360 HOH A O   1 
HETATM 1349 O O   . HOH H 6 .   ? -4.995  6.134   -9.811  1.00 36.27  ? 1361 HOH A O   1 
HETATM 1350 O O   . HOH H 6 .   ? -13.157 -2.032  -11.425 1.00 33.10  ? 1362 HOH A O   1 
HETATM 1351 O O   . HOH H 6 .   ? -8.653  -7.854  -1.180  0.66 22.71  ? 1363 HOH A O   1 
HETATM 1352 O O   . HOH H 6 .   ? -20.595 -5.689  2.225   1.00 46.02  ? 1364 HOH A O   1 
HETATM 1353 O O   A HOH H 6 .   ? -8.010  -5.324  -0.743  0.16 14.99  ? 1365 HOH A O   1 
HETATM 1354 O O   B HOH H 6 .   ? -8.574  -5.234  -1.334  0.34 20.21  ? 1365 HOH A O   1 
HETATM 1355 O O   C HOH H 6 .   ? -8.010  -5.324  -0.743  0.16 14.99  ? 1365 HOH A O   1 
HETATM 1356 O O   . HOH H 6 .   ? -0.119  -1.921  -11.688 1.00 23.71  ? 1366 HOH A O   1 
HETATM 1357 O O   . HOH H 6 .   ? -9.947  -14.013 4.509   1.00 40.23  ? 1367 HOH A O   1 
HETATM 1358 O O   . HOH H 6 .   ? 24.972  3.237   -2.564  1.00 43.06  ? 1368 HOH A O   1 
HETATM 1359 O O   . HOH H 6 .   ? 5.585   11.679  -4.037  1.00 35.64  ? 1369 HOH A O   1 
HETATM 1360 O O   . HOH H 6 .   ? 21.888  -1.717  -3.947  0.50 34.07  ? 1370 HOH A O   1 
HETATM 1361 O O   . HOH H 6 .   ? -0.009  -13.861 3.759   1.00 34.11  ? 1371 HOH A O   1 
HETATM 1362 O O   . HOH H 6 .   ? 12.785  -6.481  1.732   1.00 13.39  ? 1372 HOH A O   1 
HETATM 1363 O O   . HOH H 6 .   ? 18.688  17.432  -4.321  1.00 19.80  ? 1373 HOH A O   1 
HETATM 1364 O O   . HOH H 6 .   ? 5.200   5.024   -11.536 1.00 36.92  ? 1374 HOH A O   1 
HETATM 1365 O O   . HOH H 6 .   ? -7.929  6.491   -1.165  1.00 22.37  ? 1375 HOH A O   1 
HETATM 1366 O O   . HOH H 6 .   ? -20.668 2.265   -9.714  1.00 33.19  ? 1376 HOH A O   1 
HETATM 1367 O O   . HOH H 6 .   ? -2.690  -10.497 14.280  1.00 49.89  ? 1377 HOH A O   1 
HETATM 1368 O O   . HOH H 6 .   ? -27.194 -5.474  12.204  1.00 25.40  ? 1378 HOH A O   1 
HETATM 1369 O O   . HOH H 6 .   ? 4.998   5.190   14.974  1.00 29.34  ? 1379 HOH A O   1 
HETATM 1370 O O   . HOH H 6 .   ? 5.656   -11.905 -2.201  1.00 46.19  ? 1380 HOH A O   1 
HETATM 1371 O O   . HOH H 6 .   ? -11.614 2.553   -6.250  1.00 17.57  ? 1381 HOH A O   1 
HETATM 1372 O O   . HOH H 6 .   ? 9.730   14.413  2.117   1.00 34.42  ? 1382 HOH A O   1 
HETATM 1373 O O   . HOH H 6 .   ? -18.112 3.664   5.160   1.00 28.59  ? 1383 HOH A O   1 
HETATM 1374 O O   . HOH H 6 .   ? -8.965  -0.094  13.662  1.00 24.45  ? 1384 HOH A O   1 
HETATM 1375 O O   . HOH H 6 .   ? 15.375  0.259   6.126   1.00 15.04  ? 1385 HOH A O   1 
HETATM 1376 O O   . HOH H 6 .   ? -0.306  6.664   -12.986 1.00 33.31  ? 1386 HOH A O   1 
HETATM 1377 O O   A HOH H 6 .   ? -10.136 -3.356  0.317   0.16 16.16  ? 1387 HOH A O   1 
HETATM 1378 O O   B HOH H 6 .   ? -9.935  -3.288  -0.142  0.34 18.11  ? 1387 HOH A O   1 
HETATM 1379 O O   C HOH H 6 .   ? -10.136 -3.356  0.317   0.16 16.16  ? 1387 HOH A O   1 
HETATM 1380 O O   . HOH H 6 .   ? 3.406   -8.885  11.213  1.00 29.88  ? 1388 HOH A O   1 
HETATM 1381 O O   . HOH H 6 .   ? 17.124  1.177   -8.895  1.00 24.85  ? 1389 HOH A O   1 
HETATM 1382 O O   . HOH H 6 .   ? -15.620 -0.586  -13.299 1.00 51.35  ? 1390 HOH A O   1 
HETATM 1383 O O   . HOH H 6 .   ? -3.223  5.245   -5.468  1.00 31.55  ? 1391 HOH A O   1 
HETATM 1384 O O   . HOH H 6 .   ? -24.312 4.390   15.961  1.00 49.62  ? 1392 HOH A O   1 
HETATM 1385 O O   . HOH H 6 .   ? -12.027 8.002   -1.267  1.00 48.45  ? 1393 HOH A O   1 
HETATM 1386 O O   . HOH H 6 .   ? -15.966 -8.133  -9.410  1.00 35.64  ? 1394 HOH A O   1 
HETATM 1387 O O   . HOH H 6 .   ? 2.765   -10.542 -5.817  1.00 26.37  ? 1395 HOH A O   1 
HETATM 1388 O O   . HOH H 6 .   ? 0.273   9.407   0.135   1.00 27.50  ? 1396 HOH A O   1 
HETATM 1389 O O   . HOH H 6 .   ? 3.784   8.008   8.885   1.00 24.54  ? 1397 HOH A O   1 
HETATM 1390 O O   . HOH H 6 .   ? -22.689 -4.526  14.289  1.00 21.66  ? 1398 HOH A O   1 
HETATM 1391 O O   . HOH H 6 .   ? 20.437  6.712   -13.301 1.00 46.86  ? 1399 HOH A O   1 
HETATM 1392 O O   . HOH H 6 .   ? -0.362  -15.411 8.533   1.00 47.47  ? 1400 HOH A O   1 
HETATM 1393 O O   . HOH H 6 .   ? 5.992   -4.534  13.202  1.00 39.35  ? 1401 HOH A O   1 
HETATM 1394 O O   . HOH H 6 .   ? 3.919   2.668   -15.090 1.00 42.67  ? 1402 HOH A O   1 
HETATM 1395 O O   . HOH H 6 .   ? -9.468  -12.090 -2.024  1.00 48.03  ? 1403 HOH A O   1 
HETATM 1396 O O   . HOH H 6 .   ? 3.987   -9.331  -10.916 1.00 26.17  ? 1404 HOH A O   1 
HETATM 1397 O O   . HOH H 6 .   ? -23.301 2.195   8.970   1.00 34.98  ? 1405 HOH A O   1 
HETATM 1398 O O   . HOH H 6 .   ? -1.969  -9.737  -7.592  1.00 40.36  ? 1406 HOH A O   1 
HETATM 1399 O O   . HOH H 6 .   ? -7.718  5.733   3.234   1.00 27.60  ? 1407 HOH A O   1 
HETATM 1400 O O   . HOH H 6 .   ? 9.726   9.706   -0.668  0.45 16.63  ? 1408 HOH A O   1 
HETATM 1401 O O   . HOH H 6 .   ? 19.875  1.081   5.576   1.00 14.04  ? 1409 HOH A O   1 
HETATM 1402 O O   . HOH H 6 .   ? -8.803  -10.600 7.341   1.00 21.94  ? 1410 HOH A O   1 
HETATM 1403 O O   . HOH H 6 .   ? -9.470  -5.397  -11.288 1.00 45.17  ? 1411 HOH A O   1 
HETATM 1404 O O   . HOH H 6 .   ? -22.990 -9.483  9.682   1.00 40.52  ? 1412 HOH A O   1 
HETATM 1405 O O   . HOH H 6 .   ? -22.015 1.630   11.301  1.00 27.19  ? 1413 HOH A O   1 
HETATM 1406 O O   . HOH H 6 .   ? -3.989  -1.961  15.769  1.00 43.40  ? 1414 HOH A O   1 
HETATM 1407 O O   . HOH H 6 .   ? -15.748 -0.498  12.612  1.00 35.28  ? 1415 HOH A O   1 
HETATM 1408 O O   . HOH H 6 .   ? -21.407 -4.995  0.263   1.00 47.57  ? 1416 HOH A O   1 
HETATM 1409 O O   . HOH H 6 .   ? 14.002  10.819  10.562  0.45 23.55  ? 1417 HOH A O   1 
HETATM 1410 O O   . HOH H 6 .   ? 8.744   0.497   -6.732  1.00 14.90  ? 1418 HOH A O   1 
HETATM 1411 O O   . HOH H 6 .   ? -0.288  -9.197  -11.576 1.00 32.96  ? 1419 HOH A O   1 
HETATM 1412 O O   . HOH H 6 .   ? -12.958 -8.989  7.318   1.00 29.62  ? 1420 HOH A O   1 
HETATM 1413 O O   . HOH H 6 .   ? 11.991  -6.840  -10.450 1.00 30.76  ? 1421 HOH A O   1 
HETATM 1414 O O   . HOH H 6 .   ? -28.679 2.040   12.757  1.00 30.86  ? 1422 HOH A O   1 
HETATM 1415 O O   . HOH H 6 .   ? -0.164  -10.711 -0.029  1.00 31.44  ? 1423 HOH A O   1 
HETATM 1416 O O   . HOH H 6 .   ? 26.823  7.036   -12.229 1.00 48.68  ? 1424 HOH A O   1 
HETATM 1417 O O   . HOH H 6 .   ? 22.314  13.158  -10.762 1.00 51.35  ? 1425 HOH A O   1 
HETATM 1418 O O   . HOH H 6 .   ? 2.854   5.196   -8.296  1.00 31.44  ? 1426 HOH A O   1 
HETATM 1419 O O   . HOH H 6 .   ? 9.367   18.595  2.231   1.00 61.41  ? 1427 HOH A O   1 
HETATM 1420 O O   . HOH H 6 .   ? 0.559   9.937   2.656   1.00 30.20  ? 1428 HOH A O   1 
HETATM 1421 O O   . HOH H 6 .   ? -7.050  -4.382  15.445  1.00 20.35  ? 1429 HOH A O   1 
HETATM 1422 O O   . HOH H 6 .   ? 6.101   -7.732  -10.578 1.00 22.90  ? 1430 HOH A O   1 
HETATM 1423 O O   . HOH H 6 .   ? 11.701  1.903   -7.899  1.00 19.31  ? 1431 HOH A O   1 
HETATM 1424 O O   . HOH H 6 .   ? -10.437 5.763   11.582  1.00 51.83  ? 1432 HOH A O   1 
HETATM 1425 O O   . HOH H 6 .   ? -7.541  -11.861 0.056   1.00 38.75  ? 1433 HOH A O   1 
HETATM 1426 O O   . HOH H 6 .   ? 15.818  -3.866  -10.671 1.00 47.91  ? 1434 HOH A O   1 
HETATM 1427 O O   . HOH H 6 .   ? 11.147  -3.855  -13.211 1.00 38.29  ? 1435 HOH A O   1 
HETATM 1428 O O   . HOH H 6 .   ? -0.945  -12.411 13.226  1.00 30.81  ? 1436 HOH A O   1 
HETATM 1429 O O   . HOH H 6 .   ? -2.781  6.829   10.541  1.00 40.53  ? 1437 HOH A O   1 
HETATM 1430 O O   . HOH H 6 .   ? -4.548  8.296   5.673   1.00 33.85  ? 1438 HOH A O   1 
HETATM 1431 O O   . HOH H 6 .   ? 13.710  6.774   16.954  0.45 29.42  ? 1439 HOH A O   1 
HETATM 1432 O O   . HOH H 6 .   ? 6.099   -6.527  12.220  1.00 33.22  ? 1440 HOH A O   1 
HETATM 1433 O O   . HOH H 6 .   ? 21.434  9.530   -4.325  1.00 30.13  ? 1441 HOH A O   1 
HETATM 1434 O O   . HOH H 6 .   ? -4.141  10.125  3.571   1.00 50.41  ? 1442 HOH A O   1 
HETATM 1435 O O   . HOH H 6 .   ? 25.858  -0.450  -7.242  1.00 68.63  ? 1443 HOH A O   1 
HETATM 1436 O O   . HOH H 6 .   ? 1.394   -5.998  11.087  1.00 28.91  ? 1444 HOH A O   1 
HETATM 1437 O O   . HOH H 6 .   ? -14.342 3.344   -6.479  1.00 22.63  ? 1445 HOH A O   1 
HETATM 1438 O O   . HOH H 6 .   ? -12.512 -13.691 10.703  1.00 39.94  ? 1446 HOH A O   1 
HETATM 1439 O O   . HOH H 6 .   ? 17.382  1.142   9.466   1.00 21.67  ? 1447 HOH A O   1 
HETATM 1440 O O   . HOH H 6 .   ? 13.403  2.073   -13.437 1.00 58.79  ? 1448 HOH A O   1 
HETATM 1441 O O   . HOH H 6 .   ? -16.414 2.575   10.989  1.00 66.81  ? 1449 HOH A O   1 
HETATM 1442 O O   . HOH H 6 .   ? -13.157 -12.586 -2.748  1.00 44.52  ? 1450 HOH A O   1 
HETATM 1443 O O   . HOH H 6 .   ? -17.166 3.065   -14.864 1.00 30.73  ? 1451 HOH A O   1 
HETATM 1444 O O   . HOH H 6 .   ? 10.257  14.240  4.710   0.45 46.06  ? 1452 HOH A O   1 
HETATM 1445 O O   . HOH H 6 .   ? -9.217  -6.264  -4.804  1.00 24.64  ? 1453 HOH A O   1 
HETATM 1446 O O   . HOH H 6 .   ? -27.020 0.072   7.734   1.00 16.33  ? 1454 HOH A O   1 
HETATM 1447 O O   . HOH H 6 .   ? 1.983   -9.448  -0.279  1.00 32.92  ? 1455 HOH A O   1 
HETATM 1448 O O   . HOH H 6 .   ? 12.829  7.776   -13.291 1.00 51.42  ? 1456 HOH A O   1 
HETATM 1449 O O   . HOH H 6 .   ? 23.204  6.752   -2.404  1.00 48.13  ? 1457 HOH A O   1 
HETATM 1450 O O   . HOH H 6 .   ? 9.108   9.180   8.781   1.00 40.76  ? 1458 HOH A O   1 
HETATM 1451 O O   . HOH H 6 .   ? 5.148   2.809   16.362  1.00 52.21  ? 1459 HOH A O   1 
HETATM 1452 O O   . HOH H 6 .   ? -4.416  6.075   -7.389  1.00 57.82  ? 1460 HOH A O   1 
HETATM 1453 O O   . HOH H 6 .   ? -15.182 3.299   9.453   1.00 37.18  ? 1461 HOH A O   1 
HETATM 1454 O O   . HOH H 6 .   ? 13.130  2.939   -10.137 1.00 28.97  ? 1462 HOH A O   1 
HETATM 1455 O O   . HOH H 6 .   ? -3.822  -0.159  14.323  1.00 41.93  ? 1463 HOH A O   1 
HETATM 1456 O O   . HOH H 6 .   ? -11.723 -13.338 1.848   1.00 57.77  ? 1464 HOH A O   1 
HETATM 1457 O O   . HOH H 6 .   ? -9.656  5.899   4.596   1.00 43.85  ? 1465 HOH A O   1 
HETATM 1458 O O   . HOH H 6 .   ? 9.327   -1.893  16.491  1.00 50.91  ? 1466 HOH A O   1 
HETATM 1459 O O   . HOH H 6 .   ? 2.051   2.339   -16.989 1.00 35.32  ? 1467 HOH A O   1 
HETATM 1460 O O   . HOH H 6 .   ? -9.873  -13.205 7.826   1.00 38.46  ? 1468 HOH A O   1 
HETATM 1461 O O   . HOH H 6 .   ? 8.584   -7.570  -11.858 1.00 22.62  ? 1469 HOH A O   1 
HETATM 1462 O O   . HOH H 6 .   ? 4.985   0.581   14.616  1.00 48.26  ? 1470 HOH A O   1 
HETATM 1463 O O   . HOH H 6 .   ? -13.875 1.241   11.960  1.00 43.94  ? 1471 HOH A O   1 
HETATM 1464 O O   . HOH H 6 .   ? -1.294  1.337   14.737  1.00 36.48  ? 1472 HOH A O   1 
HETATM 1465 O O   . HOH H 6 .   ? 14.968  19.129  -10.133 1.00 41.48  ? 1473 HOH A O   1 
HETATM 1466 O O   . HOH H 6 .   ? 5.069   -11.026 -7.065  1.00 33.19  ? 1474 HOH A O   1 
HETATM 1467 O O   . HOH H 6 .   ? 1.422   7.049   12.867  1.00 25.69  ? 1475 HOH A O   1 
HETATM 1468 O O   . HOH H 6 .   ? -7.511  -14.633 0.357   1.00 55.54  ? 1476 HOH A O   1 
HETATM 1469 O O   . HOH H 6 .   ? -18.963 5.141   2.946   1.00 50.53  ? 1477 HOH A O   1 
HETATM 1470 O O   . HOH H 6 .   ? -25.946 -8.804  8.969   1.00 57.76  ? 1478 HOH A O   1 
HETATM 1471 O O   . HOH H 6 .   ? -4.547  9.124   -0.970  1.00 30.09  ? 1479 HOH A O   1 
HETATM 1472 O O   . HOH H 6 .   ? -2.829  -2.652  17.532  1.00 57.84  ? 1480 HOH A O   1 
HETATM 1473 O O   . HOH H 6 .   ? -10.464 1.833   14.238  1.00 61.29  ? 1481 HOH A O   1 
HETATM 1474 O O   . HOH H 6 .   ? 7.124   6.955   15.904  1.00 38.96  ? 1482 HOH A O   1 
HETATM 1475 O O   . HOH H 6 .   ? -7.035  -1.755  15.879  1.00 27.84  ? 1483 HOH A O   1 
HETATM 1476 O O   . HOH H 6 .   ? 6.160   9.368   8.567   1.00 37.80  ? 1484 HOH A O   1 
HETATM 1477 O O   . HOH H 6 .   ? 2.153   -11.052 12.604  1.00 50.79  ? 1485 HOH A O   1 
HETATM 1478 O O   . HOH H 6 .   ? 3.092   -11.573 -2.896  1.00 38.27  ? 1486 HOH A O   1 
HETATM 1479 O O   . HOH H 6 .   ? -9.288  7.353   -3.485  1.00 39.05  ? 1487 HOH A O   1 
HETATM 1480 O O   . HOH H 6 .   ? -1.514  4.612   15.023  1.00 38.03  ? 1488 HOH A O   1 
HETATM 1481 O O   . HOH H 6 .   ? -5.464  6.843   -4.991  1.00 42.71  ? 1489 HOH A O   1 
HETATM 1482 O O   . HOH H 6 .   ? -15.102 5.667   -7.249  1.00 42.73  ? 1490 HOH A O   1 
HETATM 1483 O O   . HOH H 6 .   ? 14.037  -2.241  5.472   1.00 16.70  ? 1491 HOH A O   1 
HETATM 1484 O O   . HOH H 6 .   ? -13.695 -10.932 5.541   1.00 57.30  ? 1492 HOH A O   1 
HETATM 1485 O O   . HOH H 6 .   ? -25.217 3.123   2.722   1.00 42.31  ? 1493 HOH A O   1 
HETATM 1486 O O   . HOH H 6 .   ? 12.662  21.640  0.794   1.00 41.37  ? 1494 HOH A O   1 
HETATM 1487 O O   . HOH H 6 .   ? 1.896   9.128   10.850  1.00 33.24  ? 1495 HOH A O   1 
HETATM 1488 O O   . HOH H 6 .   ? -12.330 6.856   2.920   1.00 44.92  ? 1496 HOH A O   1 
HETATM 1489 O O   . HOH H 6 .   ? 17.501  -1.920  -11.642 1.00 48.51  ? 1497 HOH A O   1 
HETATM 1490 O O   . HOH H 6 .   ? -8.131  7.976   1.267   1.00 45.48  ? 1498 HOH A O   1 
HETATM 1491 O O   . HOH H 6 .   ? 1.677   -4.276  14.352  1.00 51.45  ? 1499 HOH A O   1 
HETATM 1492 O O   . HOH H 6 .   ? -11.087 6.175   -4.372  1.00 29.16  ? 1500 HOH A O   1 
HETATM 1493 O O   . HOH H 6 .   ? 12.550  21.432  -3.955  1.00 47.00  ? 1501 HOH A O   1 
HETATM 1494 O O   . HOH H 6 .   ? -16.369 4.868   6.934   1.00 40.07  ? 1502 HOH A O   1 
HETATM 1495 O O   . HOH H 6 .   ? -10.732 5.035   -7.013  1.00 24.55  ? 1503 HOH A O   1 
HETATM 1496 O O   . HOH H 6 .   ? 7.159   -12.041 -4.997  1.00 49.46  ? 1504 HOH A O   1 
HETATM 1497 O O   . HOH H 6 .   ? 0.722   0.410   15.288  1.00 48.63  ? 1505 HOH A O   1 
HETATM 1498 O O   . HOH H 6 .   ? -27.308 -7.766  12.466  0.51 31.11  ? 1506 HOH A O   1 
HETATM 1499 O O   . HOH H 6 .   ? -3.177  8.244   8.951   1.00 58.81  ? 1507 HOH A O   1 
HETATM 1500 O O   . HOH H 6 .   ? 0.107   -13.221 1.018   1.00 39.44  ? 1508 HOH A O   1 
HETATM 1501 O O   . HOH H 6 .   ? 9.558   -6.913  -14.180 1.00 31.97  ? 1509 HOH A O   1 
HETATM 1502 O O   . HOH H 6 .   ? -2.847  -14.941 7.337   1.00 36.09  ? 1510 HOH A O   1 
HETATM 1503 O O   . HOH H 6 .   ? 3.178   -0.731  14.583  1.00 53.23  ? 1511 HOH A O   1 
HETATM 1504 O O   . HOH H 6 .   ? 2.640   6.519   15.202  1.00 30.54  ? 1512 HOH A O   1 
HETATM 1505 O O   . HOH H 6 .   ? -20.106 -4.837  15.151  1.00 24.40  ? 1513 HOH A O   1 
HETATM 1506 O O   . HOH H 6 .   ? -8.647  8.164   -8.862  1.00 41.79  ? 1514 HOH A O   1 
HETATM 1507 O O   . HOH H 6 .   ? -11.014 8.707   1.391   1.00 49.34  ? 1515 HOH A O   1 
HETATM 1508 O O   . HOH H 6 .   ? -7.712  7.152   -5.770  1.00 46.74  ? 1516 HOH A O   1 
HETATM 1509 O O   . HOH H 6 .   ? 3.153   -4.904  12.549  1.00 39.68  ? 1517 HOH A O   1 
HETATM 1510 O O   . HOH H 6 .   ? 10.659  9.115   -13.289 1.00 53.60  ? 1518 HOH A O   1 
HETATM 1511 O O   . HOH H 6 .   ? -13.684 5.234   9.370   1.00 57.44  ? 1519 HOH A O   1 
HETATM 1512 O O   . HOH H 6 .   ? -12.663 6.349   -8.548  1.00 38.59  ? 1520 HOH A O   1 
HETATM 1513 O O   . HOH H 6 .   ? 0.685   4.931   16.576  1.00 41.36  ? 1521 HOH A O   1 
HETATM 1514 O O   . HOH H 6 .   ? 1.904   2.619   17.024  1.00 51.60  ? 1522 HOH A O   1 
# 
